data_9ONZ
#
_entry.id   9ONZ
#
_cell.length_a   1.00
_cell.length_b   1.00
_cell.length_c   1.00
_cell.angle_alpha   90.00
_cell.angle_beta   90.00
_cell.angle_gamma   90.00
#
_symmetry.space_group_name_H-M   'P 1'
#
loop_
_entity.id
_entity.type
_entity.pdbx_description
1 polymer 'Hemagglutinin HA1'
2 polymer 'Hemagglutinin HA2'
3 branched oligosaccharide
4 non-polymer 2-acetamido-2-deoxy-beta-D-glucopyranose
5 non-polymer (4R)-N-cyclohexyl-2-(4-fluorophenyl)imidazo[1,2-a]pyrimidin-3-amine
#
loop_
_entity_poly.entity_id
_entity_poly.type
_entity_poly.pdbx_seq_one_letter_code
_entity_poly.pdbx_strand_id
1 'polypeptide(L)'
;MNTQILVFALIAIIPTNADKICLGHHAVSNGTKVNTLCERGVEVVNATETVERTNIPRICSKGKRTVDLGQCGLLGTITG
PPQCDQFLEFSADLIIERREGSDVCYPGKFVNEEALRQILRESGGIDKEAMGFTYSGIRTNGATSSCRRSGSSFYAEMKW
LLSNTDNAAFPQMTKSYKNTRKNPALIVWGIHHSGSTAEQTKLYGSGNKLVTVGSSNYQQSFVPSPGARTQVNGQSGRID
FHWLMLNPNDTVTFSFNGAFIAPDRASFLRGKSMGIQSGVQVDADCEGDCYYSGGTIISNLPFQNIDSRAVGKCPRYVKQ
RSLLLATGMKNVPEI
;
A,B,C
2 'polypeptide(L)'
;GLFGAIAGFIENGWEGLIDGWYGFRHQNAQGEGTAADYKSTQSAIDCITGKLNRLIEKTNQQFELIDNEFTEVEKQIGNV
INWTRDSITEVWSYNAELLVAMENQHTIDLADSEMDKLYERVKRQLRENAEEDGTGCFEIFHKCDDDCMASIRNNTYDHS
KYREEAMQNRIQ
;
D,E,F
#
# COMPACT_ATOMS: atom_id res chain seq x y z
N ALA A 18 -44.73 50.29 -13.29
CA ALA A 18 -44.25 51.56 -12.76
C ALA A 18 -43.03 51.35 -11.88
N ASP A 19 -43.05 50.26 -11.09
CA ASP A 19 -41.97 49.92 -10.18
C ASP A 19 -41.39 48.57 -10.58
N LYS A 20 -40.17 48.32 -10.09
CA LYS A 20 -39.44 47.12 -10.47
C LYS A 20 -38.44 46.74 -9.40
N ILE A 21 -38.33 45.45 -9.12
CA ILE A 21 -37.36 44.91 -8.18
C ILE A 21 -36.60 43.79 -8.88
N CYS A 22 -35.33 43.60 -8.50
CA CYS A 22 -34.45 42.69 -9.21
C CYS A 22 -33.48 42.04 -8.24
N LEU A 23 -32.83 40.98 -8.71
CA LEU A 23 -31.94 40.17 -7.88
C LEU A 23 -30.64 39.90 -8.62
N GLY A 24 -29.57 39.66 -7.86
CA GLY A 24 -28.28 39.41 -8.46
C GLY A 24 -27.28 38.94 -7.42
N HIS A 25 -26.04 38.76 -7.88
CA HIS A 25 -24.93 38.30 -7.05
C HIS A 25 -23.70 39.16 -7.33
N HIS A 26 -22.63 38.92 -6.57
CA HIS A 26 -21.43 39.73 -6.69
C HIS A 26 -20.43 39.09 -7.66
N ALA A 27 -19.41 39.87 -8.01
CA ALA A 27 -18.37 39.42 -8.92
C ALA A 27 -17.11 40.23 -8.67
N VAL A 28 -15.99 39.74 -9.19
CA VAL A 28 -14.69 40.38 -9.02
C VAL A 28 -14.03 40.50 -10.39
N SER A 29 -13.05 41.41 -10.48
CA SER A 29 -12.42 41.69 -11.76
C SER A 29 -11.59 40.52 -12.26
N ASN A 30 -10.81 39.89 -11.39
CA ASN A 30 -9.95 38.79 -11.76
C ASN A 30 -10.08 37.66 -10.75
N GLY A 31 -10.27 36.44 -11.24
CA GLY A 31 -10.43 35.27 -10.41
C GLY A 31 -9.26 34.32 -10.48
N THR A 32 -9.50 33.10 -9.99
CA THR A 32 -8.50 32.05 -9.95
C THR A 32 -9.03 30.81 -10.65
N LYS A 33 -8.14 30.07 -11.31
CA LYS A 33 -8.52 28.91 -12.10
C LYS A 33 -8.33 27.63 -11.30
N VAL A 34 -9.36 26.79 -11.28
CA VAL A 34 -9.36 25.52 -10.58
C VAL A 34 -9.81 24.43 -11.55
N ASN A 35 -9.78 23.19 -11.08
CA ASN A 35 -10.16 22.02 -11.87
C ASN A 35 -11.36 21.34 -11.24
N THR A 36 -12.29 20.90 -12.08
CA THR A 36 -13.51 20.20 -11.66
C THR A 36 -13.52 18.80 -12.24
N LEU A 37 -14.64 18.10 -12.06
CA LEU A 37 -14.73 16.71 -12.50
C LEU A 37 -14.67 16.58 -14.02
N CYS A 38 -15.35 17.46 -14.75
CA CYS A 38 -15.39 17.37 -16.21
C CYS A 38 -15.07 18.72 -16.84
N GLU A 39 -14.06 19.41 -16.33
CA GLU A 39 -13.55 20.63 -16.92
C GLU A 39 -12.24 21.01 -16.25
N ARG A 40 -11.36 21.64 -17.01
CA ARG A 40 -10.07 22.13 -16.50
C ARG A 40 -9.98 23.62 -16.76
N GLY A 41 -9.69 24.39 -15.71
CA GLY A 41 -9.51 25.82 -15.85
C GLY A 41 -10.78 26.64 -15.69
N VAL A 42 -11.54 26.39 -14.63
CA VAL A 42 -12.75 27.14 -14.34
C VAL A 42 -12.39 28.31 -13.42
N GLU A 43 -12.92 29.49 -13.72
CA GLU A 43 -12.55 30.71 -13.01
C GLU A 43 -13.53 30.99 -11.89
N VAL A 44 -13.02 31.16 -10.66
CA VAL A 44 -13.82 31.43 -9.47
C VAL A 44 -13.27 32.68 -8.78
N VAL A 45 -13.92 33.04 -7.66
CA VAL A 45 -13.59 34.29 -6.98
C VAL A 45 -12.44 34.10 -5.99
N ASN A 46 -12.43 32.97 -5.29
CA ASN A 46 -11.37 32.55 -4.38
C ASN A 46 -10.96 31.11 -4.59
N ALA A 47 -9.71 30.84 -4.21
CA ALA A 47 -9.17 29.50 -4.06
C ALA A 47 -8.01 29.58 -3.08
N THR A 48 -7.69 28.45 -2.47
CA THR A 48 -6.58 28.34 -1.54
C THR A 48 -5.71 27.15 -1.95
N GLU A 49 -4.58 27.01 -1.27
CA GLU A 49 -3.58 26.00 -1.60
C GLU A 49 -3.56 24.91 -0.53
N THR A 50 -3.39 23.66 -0.97
CA THR A 50 -3.43 22.51 -0.08
C THR A 50 -2.13 21.72 -0.07
N VAL A 51 -1.07 22.23 -0.68
CA VAL A 51 0.22 21.54 -0.74
C VAL A 51 1.29 22.46 -0.17
N GLU A 52 2.13 21.92 0.71
CA GLU A 52 3.15 22.70 1.39
C GLU A 52 4.48 22.61 0.65
N ARG A 53 5.16 23.76 0.54
CA ARG A 53 6.42 23.81 -0.19
C ARG A 53 7.52 24.61 0.52
N THR A 54 7.31 25.08 1.74
CA THR A 54 8.28 25.88 2.45
C THR A 54 8.70 25.18 3.75
N ASN A 55 9.95 25.43 4.16
CA ASN A 55 10.51 24.80 5.34
C ASN A 55 11.40 25.80 6.07
N ILE A 56 11.77 25.45 7.30
CA ILE A 56 12.68 26.23 8.12
C ILE A 56 14.03 25.52 8.13
N PRO A 57 15.11 26.15 7.68
CA PRO A 57 16.40 25.48 7.53
C PRO A 57 17.19 25.31 8.83
N ARG A 58 16.50 24.85 9.87
CA ARG A 58 17.12 24.61 11.17
C ARG A 58 16.41 23.46 11.85
N ILE A 59 17.11 22.81 12.77
CA ILE A 59 16.54 21.73 13.58
C ILE A 59 15.88 22.39 14.78
N CYS A 60 14.59 22.68 14.65
CA CYS A 60 13.85 23.35 15.71
C CYS A 60 13.50 22.33 16.79
N SER A 61 13.96 22.56 18.02
CA SER A 61 13.75 21.62 19.11
C SER A 61 13.73 22.39 20.42
N LYS A 62 12.54 22.58 20.97
CA LYS A 62 12.35 23.19 22.28
C LYS A 62 11.46 22.30 23.13
N GLY A 63 11.83 22.15 24.39
CA GLY A 63 11.11 21.27 25.29
C GLY A 63 11.59 19.84 25.32
N LYS A 64 12.69 19.52 24.65
CA LYS A 64 13.25 18.18 24.65
C LYS A 64 14.76 18.26 24.81
N ARG A 65 15.34 17.20 25.38
CA ARG A 65 16.77 17.11 25.55
C ARG A 65 17.41 16.57 24.28
N THR A 66 18.34 17.31 23.71
CA THR A 66 19.00 16.93 22.47
C THR A 66 20.49 16.69 22.72
N VAL A 67 21.03 15.67 22.08
CA VAL A 67 22.45 15.38 22.09
C VAL A 67 22.95 15.43 20.66
N ASP A 68 23.97 16.24 20.41
CA ASP A 68 24.51 16.46 19.07
C ASP A 68 25.90 15.82 19.01
N LEU A 69 25.95 14.58 18.54
CA LEU A 69 27.22 13.91 18.35
C LEU A 69 28.00 14.59 17.24
N GLY A 70 29.29 14.81 17.48
CA GLY A 70 30.13 15.46 16.50
C GLY A 70 30.91 14.48 15.66
N GLN A 71 32.20 14.34 15.94
CA GLN A 71 33.01 13.33 15.28
C GLN A 71 32.71 11.93 15.77
N CYS A 72 31.92 11.79 16.83
CA CYS A 72 31.62 10.49 17.40
C CYS A 72 30.52 9.80 16.61
N GLY A 73 30.71 8.51 16.31
CA GLY A 73 29.67 7.72 15.71
C GLY A 73 28.73 7.13 16.75
N LEU A 74 27.55 6.71 16.29
CA LEU A 74 26.56 6.16 17.21
C LEU A 74 27.05 4.88 17.86
N LEU A 75 27.71 4.02 17.10
CA LEU A 75 28.18 2.74 17.62
C LEU A 75 29.46 2.86 18.44
N GLY A 76 30.10 4.02 18.44
CA GLY A 76 31.33 4.17 19.21
C GLY A 76 31.09 4.25 20.70
N THR A 77 29.94 4.77 21.11
CA THR A 77 29.64 4.96 22.53
C THR A 77 29.66 3.66 23.30
N ILE A 78 29.51 2.52 22.62
CA ILE A 78 29.59 1.23 23.30
C ILE A 78 31.04 0.85 23.57
N THR A 79 31.94 1.13 22.64
CA THR A 79 33.34 0.70 22.76
C THR A 79 34.24 1.79 23.32
N GLY A 80 34.02 3.04 22.96
CA GLY A 80 34.74 4.15 23.55
C GLY A 80 36.07 4.49 22.92
N PRO A 81 36.07 4.85 21.63
CA PRO A 81 37.29 5.39 21.03
C PRO A 81 37.60 6.76 21.61
N PRO A 82 38.81 7.29 21.39
CA PRO A 82 39.18 8.56 22.05
C PRO A 82 38.33 9.75 21.66
N GLN A 83 37.60 9.68 20.55
CA GLN A 83 36.75 10.79 20.13
C GLN A 83 35.34 10.72 20.72
N CYS A 84 35.04 9.71 21.53
CA CYS A 84 33.73 9.54 22.15
C CYS A 84 33.86 9.51 23.67
N ASP A 85 34.79 10.30 24.21
CA ASP A 85 35.06 10.26 25.64
C ASP A 85 34.00 10.95 26.48
N GLN A 86 33.14 11.78 25.87
CA GLN A 86 32.14 12.53 26.61
C GLN A 86 30.72 12.01 26.40
N PHE A 87 30.54 10.96 25.60
CA PHE A 87 29.22 10.40 25.33
C PHE A 87 29.11 8.95 25.79
N LEU A 88 29.88 8.58 26.81
CA LEU A 88 29.87 7.20 27.28
C LEU A 88 28.55 6.84 27.97
N GLU A 89 27.97 7.80 28.70
CA GLU A 89 26.68 7.60 29.36
C GLU A 89 25.87 8.88 29.15
N PHE A 90 25.06 8.91 28.09
CA PHE A 90 24.28 10.08 27.73
C PHE A 90 22.80 9.78 27.89
N SER A 91 22.01 10.87 28.03
CA SER A 91 20.57 10.79 28.09
C SER A 91 19.99 11.88 27.19
N ALA A 92 19.02 11.52 26.36
CA ALA A 92 18.48 12.46 25.41
C ALA A 92 17.10 12.02 24.96
N ASP A 93 16.36 12.96 24.36
CA ASP A 93 15.11 12.68 23.68
C ASP A 93 15.21 12.78 22.17
N LEU A 94 16.21 13.49 21.65
CA LEU A 94 16.46 13.58 20.22
C LEU A 94 17.95 13.41 19.98
N ILE A 95 18.30 12.54 19.04
CA ILE A 95 19.70 12.22 18.74
C ILE A 95 19.98 12.60 17.30
N ILE A 96 21.06 13.36 17.10
CA ILE A 96 21.46 13.85 15.78
C ILE A 96 22.85 13.30 15.46
N GLU A 97 22.98 12.72 14.27
CA GLU A 97 24.25 12.19 13.78
C GLU A 97 24.71 12.98 12.57
N ARG A 98 26.01 13.24 12.50
CA ARG A 98 26.61 14.02 11.43
C ARG A 98 27.33 13.11 10.45
N ARG A 99 27.73 13.70 9.31
CA ARG A 99 28.34 12.92 8.24
C ARG A 99 29.78 12.53 8.56
N GLU A 100 30.47 13.32 9.37
CA GLU A 100 31.88 13.09 9.65
C GLU A 100 32.12 12.16 10.82
N GLY A 101 31.07 11.59 11.40
CA GLY A 101 31.24 10.73 12.56
C GLY A 101 31.90 9.41 12.18
N SER A 102 32.87 9.00 13.01
CA SER A 102 33.55 7.72 12.86
C SER A 102 33.59 7.03 14.22
N ASP A 103 33.53 5.70 14.20
CA ASP A 103 33.43 4.91 15.43
C ASP A 103 34.55 3.89 15.55
N VAL A 104 35.70 4.13 14.92
CA VAL A 104 36.83 3.22 15.01
C VAL A 104 38.12 4.04 15.11
N CYS A 105 39.02 3.60 15.98
CA CYS A 105 40.38 4.14 16.04
C CYS A 105 41.42 3.17 15.48
N TYR A 106 41.15 1.88 15.54
CA TYR A 106 41.89 0.78 14.93
C TYR A 106 41.06 0.18 13.81
N PRO A 107 41.66 -0.18 12.68
CA PRO A 107 40.87 -0.63 11.52
C PRO A 107 40.00 -1.83 11.87
N GLY A 108 38.78 -1.81 11.36
CA GLY A 108 37.83 -2.87 11.63
C GLY A 108 36.41 -2.40 11.36
N LYS A 109 35.47 -3.31 11.61
CA LYS A 109 34.06 -3.01 11.38
C LYS A 109 33.21 -3.91 12.25
N PHE A 110 31.94 -3.52 12.39
CA PHE A 110 30.97 -4.29 13.14
C PHE A 110 30.31 -5.35 12.25
N VAL A 111 29.57 -6.25 12.90
CA VAL A 111 28.80 -7.27 12.21
C VAL A 111 27.33 -7.08 12.58
N ASN A 112 26.47 -7.03 11.56
CA ASN A 112 25.04 -6.75 11.74
C ASN A 112 24.86 -5.37 12.36
N GLU A 113 25.44 -4.35 11.72
CA GLU A 113 25.48 -3.02 12.30
C GLU A 113 24.15 -2.28 12.19
N GLU A 114 23.39 -2.52 11.12
CA GLU A 114 22.14 -1.78 10.93
C GLU A 114 21.13 -2.08 12.01
N ALA A 115 21.02 -3.35 12.40
CA ALA A 115 20.09 -3.72 13.48
C ALA A 115 20.49 -3.06 14.79
N LEU A 116 21.78 -3.05 15.10
CA LEU A 116 22.25 -2.41 16.32
C LEU A 116 21.97 -0.90 16.29
N ARG A 117 22.18 -0.27 15.13
CA ARG A 117 21.90 1.16 15.01
C ARG A 117 20.42 1.43 15.22
N GLN A 118 19.55 0.61 14.64
CA GLN A 118 18.11 0.81 14.81
C GLN A 118 17.71 0.59 16.26
N ILE A 119 18.34 -0.36 16.95
CA ILE A 119 18.07 -0.56 18.36
C ILE A 119 18.49 0.65 19.18
N LEU A 120 19.68 1.18 18.90
CA LEU A 120 20.24 2.27 19.70
C LEU A 120 19.56 3.61 19.43
N ARG A 121 19.00 3.80 18.23
CA ARG A 121 18.41 5.10 17.89
C ARG A 121 17.22 5.42 18.78
N GLU A 122 16.48 4.41 19.25
CA GLU A 122 15.31 4.61 20.09
C GLU A 122 15.57 4.24 21.54
N SER A 123 16.82 3.98 21.91
CA SER A 123 17.10 3.57 23.28
C SER A 123 16.84 4.69 24.27
N GLY A 124 17.20 5.92 23.92
CA GLY A 124 17.08 7.04 24.84
C GLY A 124 18.24 7.21 25.80
N GLY A 125 19.32 6.46 25.62
CA GLY A 125 20.47 6.56 26.50
C GLY A 125 21.00 5.20 26.92
N ILE A 126 22.15 5.17 27.59
CA ILE A 126 22.76 3.94 28.05
C ILE A 126 23.31 4.13 29.46
N ASP A 127 23.43 3.02 30.17
CA ASP A 127 24.03 2.98 31.51
C ASP A 127 24.99 1.81 31.58
N LYS A 128 26.16 2.04 32.18
CA LYS A 128 27.23 1.06 32.20
C LYS A 128 27.35 0.42 33.58
N GLU A 129 27.68 -0.87 33.60
CA GLU A 129 27.87 -1.61 34.84
C GLU A 129 29.09 -2.51 34.69
N ALA A 130 29.90 -2.59 35.76
CA ALA A 130 31.13 -3.37 35.71
C ALA A 130 30.83 -4.87 35.67
N MET A 131 31.80 -5.63 35.16
CA MET A 131 31.69 -7.07 35.02
C MET A 131 32.42 -7.83 36.12
N GLY A 132 33.67 -7.46 36.40
CA GLY A 132 34.42 -8.07 37.47
C GLY A 132 35.41 -9.14 37.09
N PHE A 133 35.77 -9.25 35.82
CA PHE A 133 36.75 -10.26 35.39
C PHE A 133 38.12 -9.93 35.96
N THR A 134 38.88 -10.96 36.31
CA THR A 134 40.24 -10.81 36.78
C THR A 134 41.12 -11.86 36.11
N TYR A 135 42.37 -11.49 35.86
CA TYR A 135 43.31 -12.34 35.12
C TYR A 135 44.62 -12.46 35.88
N SER A 136 45.27 -13.60 35.71
CA SER A 136 46.54 -13.89 36.37
C SER A 136 47.53 -14.45 35.36
N GLY A 137 48.78 -13.99 35.45
CA GLY A 137 49.82 -14.47 34.57
C GLY A 137 50.00 -13.64 33.31
N ILE A 138 48.97 -13.60 32.48
CA ILE A 138 49.04 -12.89 31.19
C ILE A 138 49.05 -11.39 31.43
N ARG A 139 49.38 -10.63 30.39
CA ARG A 139 49.35 -9.18 30.44
C ARG A 139 48.06 -8.65 29.84
N THR A 140 47.59 -7.52 30.39
CA THR A 140 46.31 -6.94 29.98
C THR A 140 46.46 -5.46 29.64
N ASN A 141 47.63 -5.05 29.18
CA ASN A 141 47.89 -3.64 28.88
C ASN A 141 48.40 -3.46 27.46
N GLY A 142 47.77 -4.14 26.50
CA GLY A 142 48.13 -3.95 25.11
C GLY A 142 47.72 -2.57 24.62
N ALA A 143 48.65 -1.87 23.98
CA ALA A 143 48.41 -0.51 23.50
C ALA A 143 48.90 -0.38 22.07
N THR A 144 48.24 0.50 21.31
CA THR A 144 48.58 0.76 19.92
C THR A 144 48.76 2.25 19.71
N SER A 145 49.46 2.61 18.64
CA SER A 145 49.75 4.00 18.32
C SER A 145 48.68 4.65 17.47
N SER A 146 47.65 3.92 17.07
CA SER A 146 46.59 4.48 16.24
C SER A 146 45.47 5.12 17.04
N CYS A 147 45.45 4.94 18.36
CA CYS A 147 44.47 5.58 19.24
C CYS A 147 45.24 6.28 20.34
N ARG A 148 45.45 7.58 20.19
CA ARG A 148 46.32 8.35 21.07
C ARG A 148 45.49 9.29 21.93
N ARG A 149 45.63 9.17 23.25
CA ARG A 149 45.10 10.14 24.20
C ARG A 149 46.20 11.06 24.70
N SER A 150 47.24 10.49 25.29
CA SER A 150 48.46 11.21 25.66
C SER A 150 49.69 10.37 25.36
N GLY A 151 49.60 9.53 24.33
CA GLY A 151 50.61 8.53 24.02
C GLY A 151 50.03 7.41 23.21
N SER A 152 50.20 6.18 23.67
CA SER A 152 49.59 5.01 23.04
C SER A 152 48.57 4.41 24.01
N SER A 153 47.36 4.19 23.52
CA SER A 153 46.29 3.66 24.36
C SER A 153 45.33 2.86 23.49
N PHE A 154 44.30 2.31 24.13
CA PHE A 154 43.32 1.45 23.46
C PHE A 154 41.90 1.94 23.71
N TYR A 155 40.91 1.13 23.35
CA TYR A 155 39.53 1.46 23.65
C TYR A 155 39.32 1.54 25.16
N ALA A 156 38.49 2.49 25.58
CA ALA A 156 38.31 2.75 27.00
C ALA A 156 37.48 1.70 27.72
N GLU A 157 36.81 0.80 27.00
CA GLU A 157 35.93 -0.17 27.61
C GLU A 157 36.28 -1.61 27.27
N MET A 158 37.42 -1.85 26.64
CA MET A 158 37.86 -3.20 26.30
C MET A 158 39.32 -3.37 26.71
N LYS A 159 39.73 -4.63 26.84
CA LYS A 159 41.09 -4.97 27.24
C LYS A 159 41.72 -5.90 26.22
N TRP A 160 42.99 -5.64 25.90
CA TRP A 160 43.76 -6.43 24.96
C TRP A 160 44.67 -7.36 25.75
N LEU A 161 44.37 -8.66 25.73
CA LEU A 161 45.10 -9.65 26.51
C LEU A 161 46.26 -10.18 25.69
N LEU A 162 47.47 -9.74 26.04
CA LEU A 162 48.69 -10.20 25.38
C LEU A 162 49.27 -11.39 26.16
N SER A 163 50.50 -11.78 25.82
CA SER A 163 51.20 -12.86 26.50
C SER A 163 52.26 -12.27 27.43
N ASN A 164 52.84 -13.15 28.24
CA ASN A 164 53.84 -12.71 29.22
C ASN A 164 55.07 -12.12 28.54
N THR A 165 55.55 -12.76 27.48
CA THR A 165 56.70 -12.27 26.76
C THR A 165 56.64 -12.78 25.32
N ASP A 166 57.57 -12.31 24.50
CA ASP A 166 57.59 -12.68 23.09
C ASP A 166 57.77 -14.18 22.93
N ASN A 167 56.94 -14.78 22.08
CA ASN A 167 57.00 -16.21 21.77
C ASN A 167 56.92 -17.04 23.06
N ALA A 168 55.83 -16.85 23.79
CA ALA A 168 55.55 -17.58 25.02
C ALA A 168 54.20 -18.28 24.90
N ALA A 169 53.88 -19.06 25.92
CA ALA A 169 52.63 -19.81 25.92
C ALA A 169 51.46 -18.92 26.32
N PHE A 170 50.25 -19.45 26.11
CA PHE A 170 49.02 -18.76 26.49
C PHE A 170 48.06 -19.82 27.04
N PRO A 171 47.93 -19.92 28.35
CA PRO A 171 47.06 -20.96 28.93
C PRO A 171 45.61 -20.76 28.52
N GLN A 172 44.93 -21.89 28.27
CA GLN A 172 43.50 -21.85 27.96
C GLN A 172 42.71 -21.49 29.21
N MET A 173 41.76 -20.57 29.06
CA MET A 173 41.02 -20.07 30.21
C MET A 173 39.54 -19.90 29.86
N THR A 174 38.74 -19.75 30.91
CA THR A 174 37.29 -19.60 30.80
C THR A 174 36.82 -18.54 31.79
N LYS A 175 35.81 -17.78 31.39
CA LYS A 175 35.23 -16.74 32.23
C LYS A 175 33.71 -16.75 32.05
N SER A 176 33.00 -16.27 33.07
CA SER A 176 31.55 -16.30 33.07
C SER A 176 30.98 -15.05 33.71
N TYR A 177 29.77 -14.68 33.30
CA TYR A 177 29.08 -13.53 33.87
C TYR A 177 27.58 -13.80 33.87
N LYS A 178 26.92 -13.48 34.98
CA LYS A 178 25.49 -13.72 35.15
C LYS A 178 24.76 -12.40 35.32
N ASN A 179 23.70 -12.21 34.54
CA ASN A 179 22.86 -11.03 34.68
C ASN A 179 22.08 -11.08 35.99
N THR A 180 21.83 -9.92 36.55
CA THR A 180 21.10 -9.81 37.81
C THR A 180 19.90 -8.86 37.73
N ARG A 181 19.99 -7.79 36.95
CA ARG A 181 18.93 -6.81 36.90
C ARG A 181 17.70 -7.37 36.18
N LYS A 182 16.66 -6.54 36.10
CA LYS A 182 15.36 -6.98 35.57
C LYS A 182 15.28 -6.88 34.05
N ASN A 183 16.15 -6.09 33.43
CA ASN A 183 16.08 -5.85 31.99
C ASN A 183 17.20 -6.56 31.24
N PRO A 184 17.03 -6.81 29.95
CA PRO A 184 18.08 -7.47 29.18
C PRO A 184 19.33 -6.60 29.08
N ALA A 185 20.48 -7.27 28.96
CA ALA A 185 21.77 -6.60 28.86
C ALA A 185 22.33 -6.75 27.45
N LEU A 186 23.40 -6.01 27.17
CA LEU A 186 24.05 -6.03 25.87
C LEU A 186 25.53 -6.32 26.06
N ILE A 187 26.03 -7.35 25.37
CA ILE A 187 27.41 -7.80 25.50
C ILE A 187 28.11 -7.66 24.16
N VAL A 188 29.33 -7.16 24.18
CA VAL A 188 30.12 -6.93 22.97
C VAL A 188 31.53 -7.46 23.19
N TRP A 189 32.05 -8.21 22.21
CA TRP A 189 33.43 -8.69 22.26
C TRP A 189 34.04 -8.56 20.86
N GLY A 190 35.31 -8.94 20.74
CA GLY A 190 36.02 -8.75 19.48
C GLY A 190 37.06 -9.82 19.23
N ILE A 191 37.35 -9.99 17.93
CA ILE A 191 38.35 -10.94 17.46
C ILE A 191 39.38 -10.20 16.64
N HIS A 192 40.65 -10.59 16.79
CA HIS A 192 41.77 -9.89 16.17
C HIS A 192 42.38 -10.76 15.08
N HIS A 193 42.44 -10.23 13.86
CA HIS A 193 43.10 -10.89 12.74
C HIS A 193 44.43 -10.18 12.48
N SER A 194 45.53 -10.89 12.72
CA SER A 194 46.84 -10.30 12.62
C SER A 194 47.29 -10.17 11.17
N GLY A 195 48.32 -9.35 10.95
CA GLY A 195 48.83 -9.12 9.61
C GLY A 195 49.54 -10.33 9.04
N SER A 196 50.70 -10.67 9.59
CA SER A 196 51.44 -11.84 9.13
C SER A 196 51.16 -13.04 10.02
N THR A 197 51.88 -14.14 9.79
CA THR A 197 51.83 -15.30 10.67
C THR A 197 52.86 -15.23 11.79
N ALA A 198 54.04 -14.66 11.52
CA ALA A 198 55.04 -14.52 12.56
C ALA A 198 54.56 -13.61 13.69
N GLU A 199 53.71 -12.62 13.36
CA GLU A 199 53.16 -11.74 14.39
C GLU A 199 52.28 -12.52 15.35
N GLN A 200 51.49 -13.46 14.84
CA GLN A 200 50.65 -14.28 15.70
C GLN A 200 51.48 -15.07 16.70
N THR A 201 52.60 -15.65 16.24
CA THR A 201 53.48 -16.37 17.15
C THR A 201 54.14 -15.43 18.14
N LYS A 202 54.55 -14.24 17.67
CA LYS A 202 55.24 -13.30 18.53
C LYS A 202 54.34 -12.81 19.66
N LEU A 203 53.07 -12.56 19.37
CA LEU A 203 52.16 -11.99 20.36
C LEU A 203 51.35 -13.01 21.15
N TYR A 204 51.06 -14.19 20.59
CA TYR A 204 50.27 -15.17 21.28
C TYR A 204 50.88 -16.56 21.30
N GLY A 205 52.10 -16.73 20.83
CA GLY A 205 52.72 -18.04 20.78
C GLY A 205 52.34 -18.81 19.54
N SER A 206 52.98 -19.97 19.38
CA SER A 206 52.77 -20.82 18.23
C SER A 206 51.60 -21.77 18.45
N GLY A 207 51.20 -22.45 17.38
CA GLY A 207 50.11 -23.40 17.45
C GLY A 207 48.78 -22.80 17.03
N ASN A 208 47.76 -23.64 17.08
CA ASN A 208 46.41 -23.24 16.70
C ASN A 208 45.79 -22.36 17.77
N LYS A 209 44.85 -21.51 17.35
CA LYS A 209 44.11 -20.64 18.25
C LYS A 209 42.62 -20.76 17.96
N LEU A 210 41.81 -20.65 19.01
CA LEU A 210 40.38 -20.85 18.88
C LEU A 210 39.67 -20.25 20.08
N VAL A 211 38.54 -19.59 19.84
CA VAL A 211 37.71 -19.04 20.90
C VAL A 211 36.29 -19.55 20.72
N THR A 212 35.55 -19.62 21.82
CA THR A 212 34.17 -20.09 21.79
C THR A 212 33.34 -19.29 22.78
N VAL A 213 32.11 -18.98 22.38
CA VAL A 213 31.18 -18.19 23.17
C VAL A 213 29.90 -19.00 23.36
N GLY A 214 29.43 -19.09 24.60
CA GLY A 214 28.28 -19.91 24.91
C GLY A 214 27.32 -19.21 25.84
N SER A 215 26.05 -19.53 25.67
CA SER A 215 24.96 -19.07 26.52
C SER A 215 23.81 -20.05 26.36
N SER A 216 22.61 -19.67 26.81
CA SER A 216 21.47 -20.56 26.66
C SER A 216 21.02 -20.66 25.20
N ASN A 217 20.97 -19.53 24.49
CA ASN A 217 20.49 -19.48 23.11
C ASN A 217 21.61 -19.10 22.15
N TYR A 218 22.83 -19.57 22.40
CA TYR A 218 23.98 -19.13 21.62
C TYR A 218 25.17 -20.06 21.82
N GLN A 219 25.72 -20.59 20.73
CA GLN A 219 26.92 -21.42 20.83
C GLN A 219 27.73 -21.23 19.55
N GLN A 220 28.69 -20.31 19.59
CA GLN A 220 29.49 -20.01 18.42
C GLN A 220 30.98 -20.21 18.68
N SER A 221 31.72 -20.39 17.60
CA SER A 221 33.17 -20.54 17.64
C SER A 221 33.81 -19.63 16.62
N PHE A 222 35.01 -19.14 16.94
CA PHE A 222 35.74 -18.22 16.08
C PHE A 222 37.21 -18.59 16.06
N VAL A 223 37.85 -18.34 14.93
CA VAL A 223 39.26 -18.65 14.73
C VAL A 223 39.90 -17.54 13.89
N PRO A 224 41.04 -16.99 14.29
CA PRO A 224 41.66 -15.92 13.52
C PRO A 224 42.21 -16.41 12.19
N SER A 225 42.31 -15.48 11.25
CA SER A 225 42.82 -15.77 9.91
C SER A 225 43.86 -14.73 9.51
N PRO A 226 45.12 -14.96 9.83
CA PRO A 226 46.17 -14.00 9.46
C PRO A 226 46.36 -13.93 7.95
N GLY A 227 46.75 -12.75 7.49
CA GLY A 227 46.98 -12.54 6.07
C GLY A 227 47.26 -11.07 5.80
N ALA A 228 48.04 -10.83 4.75
CA ALA A 228 48.47 -9.49 4.39
C ALA A 228 47.34 -8.75 3.69
N ARG A 229 47.14 -7.49 4.04
CA ARG A 229 46.10 -6.64 3.48
C ARG A 229 46.67 -5.26 3.19
N THR A 230 45.84 -4.40 2.61
CA THR A 230 46.24 -3.02 2.36
C THR A 230 46.32 -2.26 3.66
N GLN A 231 47.23 -1.28 3.70
CA GLN A 231 47.48 -0.52 4.92
C GLN A 231 46.43 0.56 5.11
N VAL A 232 45.74 0.53 6.25
CA VAL A 232 44.80 1.57 6.64
C VAL A 232 45.26 2.13 7.97
N ASN A 233 45.45 3.45 8.02
CA ASN A 233 45.95 4.14 9.21
C ASN A 233 47.32 3.61 9.64
N GLY A 234 48.10 3.12 8.69
CA GLY A 234 49.41 2.58 8.99
C GLY A 234 49.43 1.19 9.58
N GLN A 235 48.29 0.48 9.55
CA GLN A 235 48.19 -0.86 10.12
C GLN A 235 47.68 -1.82 9.08
N SER A 236 47.99 -3.11 9.30
CA SER A 236 47.55 -4.17 8.39
C SER A 236 46.60 -5.18 9.03
N GLY A 237 46.52 -5.23 10.36
CA GLY A 237 45.58 -6.12 11.00
C GLY A 237 44.17 -5.57 11.04
N ARG A 238 43.25 -6.41 11.52
CA ARG A 238 41.85 -6.02 11.60
C ARG A 238 41.26 -6.51 12.91
N ILE A 239 40.16 -5.86 13.33
CA ILE A 239 39.42 -6.25 14.52
C ILE A 239 37.94 -6.32 14.15
N ASP A 240 37.31 -7.43 14.48
CA ASP A 240 35.89 -7.65 14.18
C ASP A 240 35.11 -7.68 15.49
N PHE A 241 34.05 -6.89 15.57
CA PHE A 241 33.26 -6.75 16.78
C PHE A 241 31.94 -7.50 16.63
N HIS A 242 31.61 -8.32 17.64
CA HIS A 242 30.36 -9.06 17.68
C HIS A 242 29.61 -8.69 18.95
N TRP A 243 28.29 -8.85 18.90
CA TRP A 243 27.42 -8.45 20.00
C TRP A 243 26.30 -9.46 20.18
N LEU A 244 25.74 -9.47 21.38
CA LEU A 244 24.59 -10.32 21.70
C LEU A 244 23.77 -9.66 22.80
N MET A 245 22.53 -10.10 22.92
CA MET A 245 21.59 -9.59 23.91
C MET A 245 21.28 -10.67 24.93
N LEU A 246 21.32 -10.32 26.20
CA LEU A 246 21.23 -11.27 27.30
C LEU A 246 19.90 -11.11 28.03
N ASN A 247 19.22 -12.23 28.24
CA ASN A 247 17.97 -12.24 28.97
C ASN A 247 18.22 -11.93 30.45
N PRO A 248 17.19 -11.48 31.19
CA PRO A 248 17.46 -10.91 32.51
C PRO A 248 17.70 -11.90 33.63
N ASN A 249 17.95 -13.18 33.32
CA ASN A 249 18.17 -14.16 34.37
C ASN A 249 19.24 -15.18 33.98
N ASP A 250 20.00 -14.92 32.91
CA ASP A 250 20.83 -15.93 32.27
C ASP A 250 22.33 -15.71 32.53
N THR A 251 23.16 -16.55 31.92
CA THR A 251 24.60 -16.51 32.12
C THR A 251 25.30 -16.66 30.77
N VAL A 252 26.49 -16.06 30.66
CA VAL A 252 27.29 -16.08 29.44
C VAL A 252 28.70 -16.54 29.78
N THR A 253 29.24 -17.43 28.95
CA THR A 253 30.57 -18.01 29.16
C THR A 253 31.44 -17.78 27.93
N PHE A 254 32.69 -17.39 28.17
CA PHE A 254 33.71 -17.26 27.14
C PHE A 254 34.84 -18.22 27.44
N SER A 255 35.19 -19.06 26.48
CA SER A 255 36.36 -19.92 26.59
C SER A 255 37.34 -19.54 25.49
N PHE A 256 38.60 -19.35 25.86
CA PHE A 256 39.54 -18.87 24.86
C PHE A 256 40.96 -19.33 25.17
N ASN A 257 41.76 -19.37 24.10
CA ASN A 257 43.18 -19.64 24.15
C ASN A 257 44.03 -18.51 23.59
N GLY A 258 43.48 -17.68 22.71
CA GLY A 258 44.21 -16.55 22.19
C GLY A 258 43.31 -15.74 21.26
N ALA A 259 43.83 -14.59 20.85
CA ALA A 259 43.15 -13.68 19.92
C ALA A 259 41.76 -13.28 20.46
N PHE A 260 41.78 -12.66 21.63
CA PHE A 260 40.54 -12.25 22.28
C PHE A 260 40.67 -10.82 22.77
N ILE A 261 39.63 -10.02 22.53
CA ILE A 261 39.51 -8.67 23.06
C ILE A 261 38.40 -8.70 24.10
N ALA A 262 38.76 -8.55 25.37
CA ALA A 262 37.74 -8.83 26.37
C ALA A 262 36.93 -7.59 26.72
N PRO A 263 35.64 -7.73 26.97
CA PRO A 263 34.84 -6.60 27.43
C PRO A 263 35.12 -6.28 28.89
N ASP A 264 34.68 -5.10 29.31
CA ASP A 264 34.93 -4.64 30.67
C ASP A 264 33.65 -4.16 31.35
N ARG A 265 32.68 -3.72 30.56
CA ARG A 265 31.43 -3.19 31.10
C ARG A 265 30.27 -3.62 30.22
N ALA A 266 29.08 -3.66 30.81
CA ALA A 266 27.85 -4.03 30.13
C ALA A 266 26.89 -2.85 30.13
N SER A 267 26.07 -2.77 29.09
CA SER A 267 25.22 -1.62 28.85
C SER A 267 23.74 -1.98 29.01
N PHE A 268 22.98 -1.04 29.57
CA PHE A 268 21.55 -1.17 29.74
C PHE A 268 20.86 0.07 29.17
N LEU A 269 19.75 -0.13 28.48
CA LEU A 269 19.01 0.98 27.90
C LEU A 269 18.15 1.66 28.96
N ARG A 270 17.60 2.81 28.59
CA ARG A 270 16.75 3.57 29.51
C ARG A 270 15.85 4.51 28.71
N GLY A 271 14.53 4.36 28.88
CA GLY A 271 13.60 5.27 28.25
C GLY A 271 13.42 5.03 26.76
N LYS A 272 13.01 6.09 26.07
CA LYS A 272 12.79 6.04 24.64
C LYS A 272 13.04 7.42 24.05
N SER A 273 13.33 7.46 22.75
CA SER A 273 13.67 8.69 22.06
C SER A 273 13.56 8.46 20.55
N MET A 274 14.01 9.44 19.77
CA MET A 274 14.00 9.37 18.33
C MET A 274 15.33 9.89 17.79
N GLY A 275 15.73 9.39 16.63
CA GLY A 275 17.00 9.77 16.03
C GLY A 275 16.85 10.14 14.57
N ILE A 276 17.64 11.12 14.14
CA ILE A 276 17.61 11.63 12.78
C ILE A 276 19.03 11.83 12.29
N GLN A 277 19.17 12.00 10.97
CA GLN A 277 20.43 12.39 10.34
C GLN A 277 20.21 13.69 9.60
N SER A 278 21.05 14.69 9.88
CA SER A 278 20.87 16.02 9.34
C SER A 278 22.22 16.68 9.12
N GLY A 279 22.19 17.90 8.57
CA GLY A 279 23.40 18.63 8.29
C GLY A 279 23.28 20.13 8.53
N VAL A 280 22.30 20.53 9.33
CA VAL A 280 22.07 21.94 9.65
C VAL A 280 22.19 22.13 11.16
N GLN A 281 22.19 23.39 11.58
CA GLN A 281 22.39 23.74 12.98
C GLN A 281 21.12 23.51 13.79
N VAL A 282 21.18 23.85 15.07
CA VAL A 282 20.11 23.58 16.02
C VAL A 282 19.59 24.89 16.59
N ASP A 283 18.28 25.06 16.59
CA ASP A 283 17.62 26.24 17.16
C ASP A 283 16.80 25.81 18.37
N ALA A 284 17.04 26.49 19.49
CA ALA A 284 16.40 26.13 20.76
C ALA A 284 15.11 26.90 21.02
N ASP A 285 14.73 27.83 20.15
CA ASP A 285 13.49 28.59 20.29
C ASP A 285 12.62 28.26 19.07
N CYS A 286 11.84 27.20 19.18
CA CYS A 286 11.06 26.66 18.08
C CYS A 286 10.06 25.66 18.64
N GLU A 287 9.36 24.98 17.74
CA GLU A 287 8.51 23.84 18.08
C GLU A 287 8.19 23.09 16.80
N GLY A 288 8.48 21.80 16.77
CA GLY A 288 8.25 21.02 15.56
C GLY A 288 8.16 19.54 15.87
N ASP A 289 7.61 18.80 14.90
CA ASP A 289 7.47 17.37 15.03
C ASP A 289 7.83 16.61 13.75
N CYS A 290 8.17 17.30 12.66
CA CYS A 290 8.49 16.67 11.39
C CYS A 290 9.87 17.13 10.95
N TYR A 291 10.82 16.21 10.93
CA TYR A 291 12.21 16.53 10.59
C TYR A 291 12.63 15.78 9.34
N TYR A 292 13.54 16.40 8.59
CA TYR A 292 14.24 15.73 7.51
C TYR A 292 15.65 16.29 7.46
N SER A 293 16.42 15.90 6.43
CA SER A 293 17.83 16.22 6.36
C SER A 293 18.10 17.66 5.97
N GLY A 294 17.10 18.53 5.97
CA GLY A 294 17.30 19.91 5.58
C GLY A 294 16.69 20.92 6.52
N GLY A 295 15.94 20.47 7.50
CA GLY A 295 15.32 21.36 8.45
C GLY A 295 14.04 20.76 9.02
N THR A 296 13.06 21.62 9.26
CA THR A 296 11.80 21.24 9.89
C THR A 296 10.65 21.67 9.00
N ILE A 297 9.55 20.92 9.08
CA ILE A 297 8.33 21.21 8.34
C ILE A 297 7.23 21.52 9.33
N ILE A 298 6.73 22.75 9.31
CA ILE A 298 5.67 23.21 10.21
C ILE A 298 4.51 23.68 9.34
N SER A 299 3.43 22.90 9.31
CA SER A 299 2.28 23.27 8.52
C SER A 299 1.06 22.49 9.01
N ASN A 300 -0.12 23.01 8.64
CA ASN A 300 -1.38 22.33 8.89
C ASN A 300 -1.98 21.73 7.62
N LEU A 301 -1.35 21.96 6.47
CA LEU A 301 -1.86 21.42 5.22
C LEU A 301 -1.71 19.89 5.22
N PRO A 302 -2.62 19.18 4.53
CA PRO A 302 -2.59 17.71 4.57
C PRO A 302 -1.55 17.08 3.66
N PHE A 303 -0.91 17.84 2.76
CA PHE A 303 0.04 17.27 1.82
C PHE A 303 1.32 18.09 1.81
N GLN A 304 2.42 17.43 1.43
CA GLN A 304 3.73 18.06 1.34
C GLN A 304 4.43 17.58 0.08
N ASN A 305 5.35 18.41 -0.42
CA ASN A 305 6.12 18.10 -1.63
C ASN A 305 7.58 18.49 -1.44
N ILE A 306 8.16 18.16 -0.29
CA ILE A 306 9.53 18.54 0.05
C ILE A 306 10.46 17.32 0.03
N ASP A 307 10.17 16.33 0.87
CA ASP A 307 10.99 15.13 0.95
C ASP A 307 10.09 13.93 1.22
N SER A 308 10.56 12.76 0.78
CA SER A 308 9.79 11.52 0.93
C SER A 308 10.28 10.65 2.08
N ARG A 309 11.39 11.01 2.72
CA ARG A 309 11.95 10.23 3.81
C ARG A 309 11.93 11.01 5.12
N ALA A 310 10.87 11.81 5.32
CA ALA A 310 10.71 12.55 6.56
C ALA A 310 10.25 11.62 7.68
N VAL A 311 10.59 11.99 8.90
CA VAL A 311 10.28 11.17 10.08
C VAL A 311 9.57 12.03 11.11
N GLY A 312 8.74 11.38 11.92
CA GLY A 312 7.94 12.08 12.92
C GLY A 312 6.46 12.04 12.58
N LYS A 313 5.76 13.13 12.87
CA LYS A 313 4.35 13.29 12.52
C LYS A 313 4.30 14.29 11.36
N CYS A 314 4.18 13.77 10.14
CA CYS A 314 4.34 14.54 8.92
C CYS A 314 3.12 14.38 8.03
N PRO A 315 2.86 15.34 7.15
CA PRO A 315 1.80 15.17 6.16
C PRO A 315 2.19 14.14 5.11
N ARG A 316 1.22 13.81 4.25
CA ARG A 316 1.44 12.84 3.20
C ARG A 316 2.23 13.45 2.05
N TYR A 317 3.01 12.62 1.38
CA TYR A 317 3.88 13.04 0.30
C TYR A 317 3.22 12.76 -1.05
N VAL A 318 3.20 13.76 -1.93
CA VAL A 318 2.62 13.65 -3.26
C VAL A 318 3.61 14.20 -4.27
N LYS A 319 3.41 13.81 -5.54
CA LYS A 319 4.27 14.27 -6.61
C LYS A 319 3.83 15.61 -7.21
N GLN A 320 2.56 15.96 -7.07
CA GLN A 320 2.08 17.21 -7.65
C GLN A 320 2.67 18.42 -6.94
N ARG A 321 2.80 19.52 -7.68
CA ARG A 321 3.40 20.73 -7.15
C ARG A 321 2.36 21.68 -6.56
N SER A 322 1.12 21.64 -7.03
CA SER A 322 0.10 22.56 -6.56
C SER A 322 -1.28 21.96 -6.75
N LEU A 323 -2.18 22.24 -5.82
CA LEU A 323 -3.56 21.77 -5.89
C LEU A 323 -4.44 22.82 -5.21
N LEU A 324 -5.30 23.48 -5.97
CA LEU A 324 -6.10 24.58 -5.47
C LEU A 324 -7.50 24.12 -5.13
N LEU A 325 -8.02 24.62 -4.00
CA LEU A 325 -9.36 24.30 -3.51
C LEU A 325 -10.22 25.55 -3.57
N ALA A 326 -11.40 25.43 -4.18
CA ALA A 326 -12.28 26.58 -4.37
C ALA A 326 -12.85 27.07 -3.05
N THR A 327 -13.13 28.38 -2.99
CA THR A 327 -13.63 29.01 -1.79
C THR A 327 -14.73 30.02 -2.13
N GLY A 328 -15.17 30.02 -3.39
CA GLY A 328 -16.21 30.96 -3.80
C GLY A 328 -16.98 30.40 -4.98
N MET A 329 -17.92 31.20 -5.46
CA MET A 329 -18.75 30.80 -6.59
C MET A 329 -18.04 31.08 -7.90
N LYS A 330 -18.70 30.75 -9.01
CA LYS A 330 -18.15 31.01 -10.33
C LYS A 330 -18.13 32.51 -10.60
N ASN A 331 -17.06 32.98 -11.22
CA ASN A 331 -16.86 34.40 -11.47
C ASN A 331 -17.40 34.76 -12.85
N VAL A 332 -18.36 35.69 -12.89
CA VAL A 332 -18.92 36.17 -14.14
C VAL A 332 -18.75 37.68 -14.19
N PRO A 333 -17.67 38.19 -14.76
CA PRO A 333 -17.43 39.65 -14.75
C PRO A 333 -18.38 40.38 -15.67
N GLU A 334 -18.55 41.66 -15.38
CA GLU A 334 -19.39 42.52 -16.20
C GLU A 334 -18.75 42.72 -17.57
N ILE A 335 -19.58 42.72 -18.61
CA ILE A 335 -19.10 42.87 -19.98
C ILE A 335 -18.66 44.31 -20.23
N ALA B 18 -63.27 27.36 -0.04
CA ALA B 18 -63.62 27.00 1.32
C ALA B 18 -63.03 25.65 1.71
N ASP B 19 -62.15 25.14 0.86
CA ASP B 19 -61.51 23.85 1.07
C ASP B 19 -60.00 23.99 0.95
N LYS B 20 -59.28 23.04 1.54
CA LYS B 20 -57.83 23.11 1.58
C LYS B 20 -57.26 21.70 1.71
N ILE B 21 -56.25 21.39 0.90
CA ILE B 21 -55.58 20.10 0.90
C ILE B 21 -54.09 20.33 0.75
N CYS B 22 -53.28 19.62 1.53
CA CYS B 22 -51.83 19.74 1.41
C CYS B 22 -51.08 18.65 2.14
N LEU B 23 -49.76 18.78 2.13
CA LEU B 23 -48.82 17.67 2.20
C LEU B 23 -47.83 17.86 3.35
N GLY B 24 -47.03 16.82 3.58
CA GLY B 24 -46.02 16.86 4.61
C GLY B 24 -45.21 15.59 4.62
N HIS B 25 -44.35 15.47 5.63
CA HIS B 25 -43.50 14.29 5.78
C HIS B 25 -43.49 13.89 7.26
N HIS B 26 -43.06 12.66 7.51
CA HIS B 26 -43.07 12.14 8.87
C HIS B 26 -41.84 12.60 9.65
N ALA B 27 -41.91 12.44 10.97
CA ALA B 27 -40.83 12.82 11.86
C ALA B 27 -40.91 11.97 13.12
N VAL B 28 -39.80 11.96 13.87
CA VAL B 28 -39.70 11.16 15.09
C VAL B 28 -39.17 12.06 16.21
N SER B 29 -39.37 11.60 17.44
CA SER B 29 -39.03 12.43 18.60
C SER B 29 -37.53 12.48 18.82
N ASN B 30 -36.84 11.35 18.68
CA ASN B 30 -35.40 11.27 18.93
C ASN B 30 -34.70 10.67 17.71
N GLY B 31 -33.72 11.39 17.18
CA GLY B 31 -32.96 10.94 16.04
C GLY B 31 -31.54 10.53 16.39
N THR B 32 -30.74 10.34 15.35
CA THR B 32 -29.36 9.93 15.47
C THR B 32 -28.46 10.90 14.70
N LYS B 33 -27.26 11.12 15.21
CA LYS B 33 -26.34 12.10 14.65
C LYS B 33 -25.32 11.42 13.74
N VAL B 34 -25.14 11.97 12.54
CA VAL B 34 -24.20 11.47 11.55
C VAL B 34 -23.36 12.64 11.04
N ASN B 35 -22.38 12.31 10.21
CA ASN B 35 -21.45 13.29 9.65
C ASN B 35 -21.60 13.35 8.14
N THR B 36 -21.64 14.55 7.59
CA THR B 36 -21.73 14.79 6.16
C THR B 36 -20.45 15.45 5.67
N LEU B 37 -20.45 15.84 4.38
CA LEU B 37 -19.25 16.39 3.77
C LEU B 37 -18.86 17.73 4.39
N CYS B 38 -19.82 18.61 4.61
CA CYS B 38 -19.53 19.94 5.14
C CYS B 38 -20.35 20.25 6.38
N GLU B 39 -20.55 19.24 7.22
CA GLU B 39 -21.13 19.44 8.55
C GLU B 39 -20.80 18.23 9.42
N ARG B 40 -20.98 18.39 10.73
CA ARG B 40 -20.77 17.33 11.69
C ARG B 40 -21.87 17.36 12.73
N GLY B 41 -22.61 16.24 12.86
CA GLY B 41 -23.65 16.14 13.86
C GLY B 41 -25.04 16.47 13.33
N VAL B 42 -25.41 15.93 12.19
CA VAL B 42 -26.73 16.15 11.60
C VAL B 42 -27.67 15.04 12.07
N GLU B 43 -28.89 15.42 12.42
CA GLU B 43 -29.84 14.51 13.04
C GLU B 43 -30.78 13.91 12.00
N VAL B 44 -30.94 12.58 12.04
CA VAL B 44 -31.75 11.83 11.11
C VAL B 44 -32.62 10.84 11.90
N VAL B 45 -33.39 10.03 11.18
CA VAL B 45 -34.37 9.12 11.80
C VAL B 45 -33.73 7.79 12.16
N ASN B 46 -33.14 7.11 11.18
CA ASN B 46 -32.22 5.99 11.40
C ASN B 46 -30.79 6.27 10.96
N ALA B 47 -29.93 5.40 11.49
CA ALA B 47 -28.55 5.17 11.08
C ALA B 47 -28.19 3.77 11.54
N THR B 48 -27.19 3.19 10.89
CA THR B 48 -26.70 1.86 11.22
C THR B 48 -25.20 1.93 11.42
N GLU B 49 -24.63 0.83 11.92
CA GLU B 49 -23.21 0.74 12.22
C GLU B 49 -22.51 -0.09 11.16
N THR B 50 -21.29 0.34 10.79
CA THR B 50 -20.51 -0.33 9.76
C THR B 50 -19.16 -0.83 10.26
N VAL B 51 -18.97 -0.89 11.59
CA VAL B 51 -17.73 -1.37 12.18
C VAL B 51 -18.06 -2.45 13.19
N GLU B 52 -17.34 -3.57 13.12
CA GLU B 52 -17.59 -4.72 13.99
C GLU B 52 -16.70 -4.66 15.23
N ARG B 53 -17.29 -4.97 16.38
CA ARG B 53 -16.56 -4.90 17.65
C ARG B 53 -16.81 -6.08 18.57
N THR B 54 -17.52 -7.12 18.12
CA THR B 54 -17.83 -8.27 18.95
C THR B 54 -17.27 -9.54 18.33
N ASN B 55 -16.90 -10.49 19.18
CA ASN B 55 -16.32 -11.75 18.74
C ASN B 55 -16.86 -12.88 19.60
N ILE B 56 -16.53 -14.10 19.20
CA ILE B 56 -16.88 -15.32 19.92
C ILE B 56 -15.60 -15.88 20.53
N PRO B 57 -15.52 -16.03 21.85
CA PRO B 57 -14.26 -16.43 22.51
C PRO B 57 -13.95 -17.92 22.41
N ARG B 58 -14.09 -18.47 21.20
CA ARG B 58 -13.81 -19.87 20.96
C ARG B 58 -13.33 -20.04 19.52
N ILE B 59 -12.63 -21.14 19.27
CA ILE B 59 -12.18 -21.48 17.92
C ILE B 59 -13.29 -22.30 17.28
N CYS B 60 -14.10 -21.65 16.46
CA CYS B 60 -15.24 -22.31 15.83
C CYS B 60 -14.77 -23.03 14.57
N SER B 61 -14.98 -24.35 14.53
CA SER B 61 -14.50 -25.16 13.42
C SER B 61 -15.41 -26.36 13.26
N LYS B 62 -16.31 -26.29 12.27
CA LYS B 62 -17.17 -27.41 11.90
C LYS B 62 -17.03 -27.68 10.41
N GLY B 63 -16.94 -28.95 10.05
CA GLY B 63 -16.75 -29.33 8.67
C GLY B 63 -15.30 -29.46 8.25
N LYS B 64 -14.35 -29.32 9.18
CA LYS B 64 -12.93 -29.46 8.87
C LYS B 64 -12.26 -30.28 9.95
N ARG B 65 -11.18 -30.96 9.58
CA ARG B 65 -10.40 -31.77 10.50
C ARG B 65 -9.36 -30.89 11.19
N THR B 66 -9.39 -30.86 12.51
CA THR B 66 -8.49 -30.04 13.30
C THR B 66 -7.59 -30.91 14.15
N VAL B 67 -6.32 -30.51 14.24
CA VAL B 67 -5.35 -31.16 15.11
C VAL B 67 -4.88 -30.13 16.12
N ASP B 68 -5.01 -30.45 17.41
CA ASP B 68 -4.66 -29.54 18.49
C ASP B 68 -3.40 -30.07 19.17
N LEU B 69 -2.25 -29.56 18.74
CA LEU B 69 -0.99 -29.92 19.38
C LEU B 69 -0.95 -29.36 20.79
N GLY B 70 -0.51 -30.19 21.73
CA GLY B 70 -0.43 -29.77 23.12
C GLY B 70 0.95 -29.30 23.49
N GLN B 71 1.69 -30.13 24.24
CA GLN B 71 3.08 -29.83 24.54
C GLN B 71 3.99 -30.01 23.33
N CYS B 72 3.48 -30.58 22.24
CA CYS B 72 4.30 -30.83 21.06
C CYS B 72 4.46 -29.57 20.23
N GLY B 73 5.71 -29.26 19.86
CA GLY B 73 5.95 -28.19 18.94
C GLY B 73 5.78 -28.63 17.49
N LEU B 74 5.61 -27.64 16.61
CA LEU B 74 5.37 -27.95 15.20
C LEU B 74 6.58 -28.64 14.57
N LEU B 75 7.78 -28.19 14.91
CA LEU B 75 8.99 -28.76 14.32
C LEU B 75 9.40 -30.08 14.95
N GLY B 76 8.77 -30.47 16.06
CA GLY B 76 9.12 -31.74 16.69
C GLY B 76 8.66 -32.95 15.92
N THR B 77 7.57 -32.81 15.15
CA THR B 77 7.01 -33.94 14.43
C THR B 77 7.97 -34.52 13.40
N ILE B 78 9.00 -33.77 13.02
CA ILE B 78 10.00 -34.29 12.09
C ILE B 78 11.03 -35.14 12.82
N THR B 79 11.36 -34.79 14.06
CA THR B 79 12.40 -35.50 14.79
C THR B 79 11.85 -36.50 15.79
N GLY B 80 10.76 -36.18 16.48
CA GLY B 80 10.08 -37.12 17.33
C GLY B 80 10.60 -37.22 18.75
N PRO B 81 10.56 -36.13 19.51
CA PRO B 81 10.83 -36.21 20.94
C PRO B 81 9.71 -36.97 21.65
N PRO B 82 9.93 -37.39 22.90
CA PRO B 82 8.92 -38.24 23.55
C PRO B 82 7.56 -37.57 23.72
N GLN B 83 7.48 -36.25 23.66
CA GLN B 83 6.20 -35.55 23.81
C GLN B 83 5.44 -35.43 22.49
N CYS B 84 5.99 -35.94 21.39
CA CYS B 84 5.36 -35.87 20.08
C CYS B 84 5.18 -37.27 19.50
N ASP B 85 4.83 -38.24 20.34
CA ASP B 85 4.76 -39.63 19.90
C ASP B 85 3.48 -39.95 19.15
N GLN B 86 2.46 -39.10 19.23
CA GLN B 86 1.19 -39.37 18.58
C GLN B 86 0.91 -38.47 17.38
N PHE B 87 1.87 -37.62 16.99
CA PHE B 87 1.70 -36.72 15.85
C PHE B 87 2.76 -36.95 14.80
N LEU B 88 3.31 -38.17 14.72
CA LEU B 88 4.37 -38.45 13.77
C LEU B 88 3.85 -38.42 12.33
N GLU B 89 2.63 -38.92 12.10
CA GLU B 89 1.98 -38.87 10.78
C GLU B 89 0.54 -38.43 10.99
N PHE B 90 0.31 -37.13 10.90
CA PHE B 90 -1.01 -36.55 11.15
C PHE B 90 -1.57 -35.97 9.86
N SER B 91 -2.90 -35.86 9.83
CA SER B 91 -3.62 -35.23 8.72
C SER B 91 -4.64 -34.27 9.29
N ALA B 92 -4.69 -33.06 8.73
CA ALA B 92 -5.59 -32.04 9.26
C ALA B 92 -5.85 -30.98 8.20
N ASP B 93 -6.92 -30.23 8.41
CA ASP B 93 -7.22 -29.04 7.62
C ASP B 93 -6.94 -27.75 8.38
N LEU B 94 -6.89 -27.81 9.72
CA LEU B 94 -6.59 -26.66 10.56
C LEU B 94 -5.62 -27.11 11.64
N ILE B 95 -4.55 -26.34 11.85
CA ILE B 95 -3.52 -26.67 12.82
C ILE B 95 -3.43 -25.57 13.85
N ILE B 96 -3.44 -25.94 15.13
CA ILE B 96 -3.41 -25.00 16.24
C ILE B 96 -2.18 -25.30 17.09
N GLU B 97 -1.41 -24.25 17.38
CA GLU B 97 -0.22 -24.36 18.22
C GLU B 97 -0.42 -23.59 19.50
N ARG B 98 0.05 -24.15 20.61
CA ARG B 98 -0.11 -23.55 21.93
C ARG B 98 1.22 -22.94 22.39
N ARG B 99 1.13 -22.16 23.48
CA ARG B 99 2.31 -21.43 23.96
C ARG B 99 3.31 -22.34 24.65
N GLU B 100 2.85 -23.44 25.24
CA GLU B 100 3.70 -24.31 26.03
C GLU B 100 4.40 -25.39 25.21
N GLY B 101 4.24 -25.37 23.89
CA GLY B 101 4.83 -26.41 23.07
C GLY B 101 6.34 -26.27 22.97
N SER B 102 7.03 -27.41 23.01
CA SER B 102 8.47 -27.47 22.86
C SER B 102 8.82 -28.61 21.92
N ASP B 103 9.92 -28.45 21.18
CA ASP B 103 10.32 -29.43 20.17
C ASP B 103 11.72 -29.97 20.40
N VAL B 104 12.21 -29.94 21.63
CA VAL B 104 13.55 -30.45 21.95
C VAL B 104 13.49 -31.21 23.27
N CYS B 105 14.18 -32.35 23.32
CA CYS B 105 14.40 -33.07 24.56
C CYS B 105 15.84 -32.98 25.05
N TYR B 106 16.78 -32.76 24.15
CA TYR B 106 18.19 -32.49 24.35
C TYR B 106 18.49 -31.07 23.89
N PRO B 107 19.32 -30.31 24.61
CA PRO B 107 19.51 -28.89 24.28
C PRO B 107 19.99 -28.70 22.85
N GLY B 108 19.43 -27.70 22.19
CA GLY B 108 19.78 -27.43 20.81
C GLY B 108 18.72 -26.55 20.17
N LYS B 109 18.93 -26.29 18.88
CA LYS B 109 18.01 -25.44 18.14
C LYS B 109 18.16 -25.74 16.65
N PHE B 110 17.14 -25.32 15.89
CA PHE B 110 17.14 -25.45 14.45
C PHE B 110 17.84 -24.25 13.79
N VAL B 111 18.23 -24.44 12.54
CA VAL B 111 18.84 -23.39 11.73
C VAL B 111 17.87 -23.02 10.63
N ASN B 112 17.57 -21.73 10.50
CA ASN B 112 16.60 -21.22 9.53
C ASN B 112 15.23 -21.86 9.77
N GLU B 113 14.67 -21.59 10.95
CA GLU B 113 13.48 -22.28 11.42
C GLU B 113 12.18 -21.64 10.96
N GLU B 114 12.15 -20.32 10.76
CA GLU B 114 10.90 -19.66 10.38
C GLU B 114 10.42 -20.12 9.01
N ALA B 115 11.34 -20.29 8.05
CA ALA B 115 10.96 -20.78 6.74
C ALA B 115 10.38 -22.19 6.83
N LEU B 116 11.00 -23.05 7.64
CA LEU B 116 10.48 -24.40 7.81
C LEU B 116 9.10 -24.39 8.44
N ARG B 117 8.89 -23.52 9.43
CA ARG B 117 7.56 -23.42 10.05
C ARG B 117 6.52 -22.95 9.04
N GLN B 118 6.87 -21.97 8.22
CA GLN B 118 5.93 -21.48 7.21
C GLN B 118 5.62 -22.56 6.19
N ILE B 119 6.62 -23.37 5.83
CA ILE B 119 6.41 -24.48 4.91
C ILE B 119 5.46 -25.50 5.51
N LEU B 120 5.69 -25.86 6.79
CA LEU B 120 4.92 -26.92 7.42
C LEU B 120 3.51 -26.48 7.79
N ARG B 121 3.28 -25.18 7.96
CA ARG B 121 1.96 -24.73 8.38
C ARG B 121 0.90 -25.02 7.32
N GLU B 122 1.26 -24.95 6.05
CA GLU B 122 0.33 -25.17 4.96
C GLU B 122 0.40 -26.58 4.36
N SER B 123 1.24 -27.44 4.93
CA SER B 123 1.47 -28.76 4.35
C SER B 123 0.21 -29.61 4.36
N GLY B 124 -0.54 -29.60 5.45
CA GLY B 124 -1.69 -30.46 5.59
C GLY B 124 -1.40 -31.86 6.09
N GLY B 125 -0.18 -32.11 6.54
CA GLY B 125 0.21 -33.42 7.05
C GLY B 125 1.53 -33.86 6.46
N ILE B 126 2.02 -34.99 7.00
CA ILE B 126 3.28 -35.58 6.56
C ILE B 126 3.14 -37.09 6.47
N ASP B 127 3.99 -37.69 5.65
CA ASP B 127 4.06 -39.14 5.50
C ASP B 127 5.53 -39.56 5.53
N LYS B 128 5.82 -40.61 6.26
CA LYS B 128 7.20 -41.05 6.50
C LYS B 128 7.53 -42.25 5.64
N GLU B 129 8.78 -42.32 5.17
CA GLU B 129 9.27 -43.42 4.37
C GLU B 129 10.68 -43.79 4.82
N ALA B 130 10.96 -45.08 4.90
CA ALA B 130 12.25 -45.56 5.37
C ALA B 130 13.35 -45.24 4.37
N MET B 131 14.59 -45.19 4.87
CA MET B 131 15.76 -44.87 4.07
C MET B 131 16.60 -46.09 3.72
N GLY B 132 16.81 -47.00 4.66
CA GLY B 132 17.51 -48.24 4.39
C GLY B 132 19.00 -48.25 4.71
N PHE B 133 19.50 -47.27 5.45
CA PHE B 133 20.91 -47.25 5.80
C PHE B 133 21.24 -48.40 6.76
N THR B 134 22.44 -48.96 6.60
CA THR B 134 22.94 -50.00 7.49
C THR B 134 24.40 -49.69 7.84
N TYR B 135 24.80 -50.12 9.04
CA TYR B 135 26.12 -49.78 9.56
C TYR B 135 26.79 -51.04 10.10
N SER B 136 28.12 -51.07 10.01
CA SER B 136 28.91 -52.20 10.45
C SER B 136 30.17 -51.71 11.16
N GLY B 137 30.51 -52.35 12.27
CA GLY B 137 31.71 -52.05 13.00
C GLY B 137 31.62 -50.90 13.99
N ILE B 138 30.44 -50.30 14.17
CA ILE B 138 30.23 -49.20 15.11
C ILE B 138 28.96 -49.49 15.91
N ARG B 139 28.78 -48.71 16.97
CA ARG B 139 27.60 -48.80 17.81
C ARG B 139 26.63 -47.68 17.45
N THR B 140 25.35 -48.03 17.27
CA THR B 140 24.32 -47.08 16.88
C THR B 140 23.16 -47.08 17.87
N ASN B 141 23.47 -47.09 19.16
CA ASN B 141 22.43 -47.10 20.19
C ASN B 141 22.78 -46.13 21.30
N GLY B 142 23.24 -44.94 20.94
CA GLY B 142 23.52 -43.92 21.95
C GLY B 142 22.23 -43.45 22.61
N ALA B 143 22.25 -43.32 23.93
CA ALA B 143 21.08 -42.92 24.69
C ALA B 143 21.48 -41.88 25.73
N THR B 144 20.53 -41.00 26.07
CA THR B 144 20.73 -39.95 27.04
C THR B 144 19.60 -39.97 28.05
N SER B 145 19.88 -39.41 29.23
CA SER B 145 18.91 -39.37 30.30
C SER B 145 17.95 -38.17 30.21
N SER B 146 18.18 -37.26 29.26
CA SER B 146 17.32 -36.09 29.15
C SER B 146 16.04 -36.37 28.36
N CYS B 147 15.97 -37.49 27.65
CA CYS B 147 14.78 -37.89 26.90
C CYS B 147 14.40 -39.30 27.38
N ARG B 148 13.43 -39.38 28.27
CA ARG B 148 13.08 -40.63 28.94
C ARG B 148 11.70 -41.09 28.50
N ARG B 149 11.62 -42.32 27.98
CA ARG B 149 10.36 -43.00 27.73
C ARG B 149 10.08 -44.03 28.81
N SER B 150 11.00 -44.98 29.01
CA SER B 150 10.97 -45.92 30.12
C SER B 150 12.36 -46.13 30.67
N GLY B 151 13.21 -45.10 30.59
CA GLY B 151 14.62 -45.22 30.91
C GLY B 151 15.39 -44.11 30.22
N SER B 152 16.44 -44.48 29.48
CA SER B 152 17.19 -43.54 28.66
C SER B 152 16.97 -43.85 27.20
N SER B 153 16.59 -42.84 26.43
CA SER B 153 16.28 -43.02 25.01
C SER B 153 16.68 -41.77 24.25
N PHE B 154 16.45 -41.80 22.94
CA PHE B 154 16.81 -40.71 22.04
C PHE B 154 15.62 -40.32 21.18
N TYR B 155 15.85 -39.49 20.18
CA TYR B 155 14.79 -39.15 19.22
C TYR B 155 14.36 -40.41 18.47
N ALA B 156 13.07 -40.46 18.14
CA ALA B 156 12.49 -41.67 17.57
C ALA B 156 12.85 -41.87 16.10
N GLU B 157 13.34 -40.84 15.41
CA GLU B 157 13.61 -40.91 13.99
C GLU B 157 15.07 -40.61 13.63
N MET B 158 15.97 -40.58 14.60
CA MET B 158 17.38 -40.35 14.35
C MET B 158 18.20 -41.37 15.15
N LYS B 159 19.44 -41.58 14.70
CA LYS B 159 20.35 -42.51 15.35
C LYS B 159 21.65 -41.81 15.71
N TRP B 160 22.16 -42.14 16.90
CA TRP B 160 23.40 -41.58 17.43
C TRP B 160 24.50 -42.63 17.29
N LEU B 161 25.45 -42.39 16.39
CA LEU B 161 26.49 -43.36 16.08
C LEU B 161 27.72 -43.08 16.95
N LEU B 162 27.98 -43.99 17.89
CA LEU B 162 29.13 -43.91 18.77
C LEU B 162 30.26 -44.79 18.23
N SER B 163 31.29 -44.97 19.03
CA SER B 163 32.41 -45.86 18.70
C SER B 163 32.21 -47.21 19.36
N ASN B 164 33.02 -48.18 18.93
CA ASN B 164 32.87 -49.55 19.44
C ASN B 164 33.15 -49.62 20.93
N THR B 165 34.19 -48.93 21.40
CA THR B 165 34.54 -48.93 22.82
C THR B 165 35.14 -47.57 23.16
N ASP B 166 35.42 -47.38 24.45
CA ASP B 166 35.94 -46.10 24.93
C ASP B 166 37.31 -45.81 24.32
N ASN B 167 37.47 -44.57 23.87
CA ASN B 167 38.74 -44.08 23.32
C ASN B 167 39.22 -44.92 22.14
N ALA B 168 38.28 -45.45 21.36
CA ALA B 168 38.62 -46.23 20.18
C ALA B 168 38.70 -45.30 18.96
N ALA B 169 38.78 -45.89 17.77
CA ALA B 169 38.84 -45.13 16.54
C ALA B 169 37.46 -45.04 15.91
N PHE B 170 37.40 -44.40 14.74
CA PHE B 170 36.15 -44.28 14.00
C PHE B 170 36.45 -44.26 12.51
N PRO B 171 36.16 -45.34 11.79
CA PRO B 171 36.46 -45.37 10.35
C PRO B 171 35.67 -44.33 9.58
N GLN B 172 36.30 -43.81 8.52
CA GLN B 172 35.61 -42.88 7.63
C GLN B 172 34.57 -43.63 6.81
N MET B 173 33.34 -43.11 6.77
CA MET B 173 32.25 -43.79 6.11
C MET B 173 31.48 -42.84 5.19
N THR B 174 30.77 -43.43 4.24
CA THR B 174 29.99 -42.70 3.25
C THR B 174 28.68 -43.43 3.01
N LYS B 175 27.59 -42.65 2.89
CA LYS B 175 26.27 -43.21 2.65
C LYS B 175 25.54 -42.35 1.62
N SER B 176 24.57 -42.96 0.94
CA SER B 176 23.87 -42.28 -0.13
C SER B 176 22.41 -42.71 -0.16
N TYR B 177 21.55 -41.82 -0.66
CA TYR B 177 20.13 -42.12 -0.80
C TYR B 177 19.58 -41.39 -2.02
N LYS B 178 18.77 -42.09 -2.80
CA LYS B 178 18.20 -41.56 -4.03
C LYS B 178 16.69 -41.48 -3.92
N ASN B 179 16.12 -40.32 -4.24
CA ASN B 179 14.67 -40.16 -4.27
C ASN B 179 14.08 -40.96 -5.43
N THR B 180 12.87 -41.47 -5.21
CA THR B 180 12.18 -42.27 -6.21
C THR B 180 10.77 -41.74 -6.52
N ARG B 181 10.08 -41.21 -5.51
CA ARG B 181 8.70 -40.80 -5.68
C ARG B 181 8.60 -39.56 -6.58
N LYS B 182 7.38 -39.10 -6.80
CA LYS B 182 7.10 -38.04 -7.75
C LYS B 182 7.31 -36.64 -7.18
N ASN B 183 7.23 -36.48 -5.86
CA ASN B 183 7.27 -35.19 -5.21
C ASN B 183 8.58 -34.97 -4.46
N PRO B 184 8.95 -33.71 -4.21
CA PRO B 184 10.18 -33.45 -3.45
C PRO B 184 10.12 -33.99 -2.04
N ALA B 185 11.28 -34.39 -1.52
CA ALA B 185 11.40 -34.95 -0.19
C ALA B 185 12.11 -33.96 0.73
N LEU B 186 12.04 -34.24 2.03
CA LEU B 186 12.64 -33.40 3.06
C LEU B 186 13.64 -34.22 3.87
N ILE B 187 14.87 -33.73 3.98
CA ILE B 187 15.94 -34.44 4.67
C ILE B 187 16.44 -33.57 5.81
N VAL B 188 16.66 -34.20 6.98
CA VAL B 188 17.10 -33.51 8.18
C VAL B 188 18.22 -34.32 8.82
N TRP B 189 19.29 -33.61 9.23
CA TRP B 189 20.40 -34.25 9.94
C TRP B 189 20.87 -33.31 11.05
N GLY B 190 21.85 -33.76 11.83
CA GLY B 190 22.29 -33.01 12.99
C GLY B 190 23.77 -33.15 13.26
N ILE B 191 24.30 -32.14 13.95
CA ILE B 191 25.71 -32.08 14.35
C ILE B 191 25.78 -31.90 15.86
N HIS B 192 26.76 -32.54 16.49
CA HIS B 192 26.87 -32.57 17.94
C HIS B 192 28.12 -31.82 18.38
N HIS B 193 27.95 -30.88 19.31
CA HIS B 193 29.06 -30.15 19.92
C HIS B 193 29.17 -30.57 21.38
N SER B 194 30.32 -31.13 21.74
CA SER B 194 30.52 -31.68 23.08
C SER B 194 30.85 -30.56 24.07
N GLY B 195 30.86 -30.91 25.35
CA GLY B 195 31.11 -29.94 26.40
C GLY B 195 32.55 -29.87 26.86
N SER B 196 33.44 -30.55 26.15
CA SER B 196 34.86 -30.57 26.49
C SER B 196 35.62 -31.17 25.30
N THR B 197 36.94 -31.05 25.34
CA THR B 197 37.81 -31.66 24.35
C THR B 197 38.16 -33.10 24.70
N ALA B 198 37.79 -33.56 25.90
CA ALA B 198 38.02 -34.94 26.30
C ALA B 198 36.84 -35.83 25.92
N GLU B 199 35.62 -35.30 25.98
CA GLU B 199 34.44 -36.07 25.57
C GLU B 199 34.52 -36.42 24.10
N GLN B 200 34.96 -35.47 23.27
CA GLN B 200 35.13 -35.71 21.85
C GLN B 200 36.13 -36.84 21.62
N THR B 201 37.06 -37.03 22.56
CA THR B 201 38.04 -38.10 22.48
C THR B 201 37.49 -39.40 23.07
N LYS B 202 36.81 -39.31 24.22
CA LYS B 202 36.26 -40.49 24.88
C LYS B 202 35.23 -41.19 24.00
N LEU B 203 34.40 -40.40 23.32
CA LEU B 203 33.31 -40.93 22.52
C LEU B 203 33.75 -41.27 21.09
N TYR B 204 34.36 -40.30 20.40
CA TYR B 204 34.63 -40.39 18.97
C TYR B 204 36.10 -40.64 18.66
N GLY B 205 36.95 -40.74 19.68
CA GLY B 205 38.38 -40.92 19.47
C GLY B 205 39.10 -39.60 19.31
N SER B 206 40.41 -39.70 19.16
CA SER B 206 41.29 -38.55 19.07
C SER B 206 41.54 -38.17 17.61
N GLY B 207 41.82 -36.90 17.39
CA GLY B 207 42.12 -36.38 16.06
C GLY B 207 41.05 -35.42 15.59
N ASN B 208 41.25 -34.93 14.37
CA ASN B 208 40.32 -34.00 13.77
C ASN B 208 39.05 -34.72 13.33
N LYS B 209 37.94 -33.98 13.30
CA LYS B 209 36.66 -34.49 12.87
C LYS B 209 36.05 -33.55 11.83
N LEU B 210 35.36 -34.12 10.86
CA LEU B 210 34.81 -33.34 9.76
C LEU B 210 33.73 -34.14 9.06
N VAL B 211 32.62 -33.47 8.73
CA VAL B 211 31.54 -34.10 7.97
C VAL B 211 31.26 -33.24 6.75
N THR B 212 30.75 -33.89 5.69
CA THR B 212 30.42 -33.20 4.46
C THR B 212 29.13 -33.77 3.88
N VAL B 213 28.29 -32.89 3.38
CA VAL B 213 26.99 -33.24 2.79
C VAL B 213 26.98 -32.74 1.36
N GLY B 214 26.63 -33.62 0.44
CA GLY B 214 26.67 -33.31 -0.98
C GLY B 214 25.41 -33.69 -1.71
N SER B 215 25.02 -32.84 -2.66
CA SER B 215 23.91 -33.09 -3.56
C SER B 215 24.22 -32.40 -4.88
N SER B 216 23.22 -32.30 -5.76
CA SER B 216 23.44 -31.60 -7.01
C SER B 216 23.51 -30.10 -6.80
N ASN B 217 22.61 -29.54 -5.99
CA ASN B 217 22.57 -28.10 -5.71
C ASN B 217 22.98 -27.78 -4.28
N TYR B 218 23.86 -28.60 -3.69
CA TYR B 218 24.20 -28.44 -2.29
C TYR B 218 25.51 -29.16 -2.01
N GLN B 219 26.49 -28.42 -1.47
CA GLN B 219 27.75 -29.03 -1.05
C GLN B 219 28.28 -28.21 0.13
N GLN B 220 28.11 -28.75 1.34
CA GLN B 220 28.52 -28.06 2.55
C GLN B 220 29.40 -28.97 3.40
N SER B 221 30.16 -28.33 4.29
CA SER B 221 31.03 -29.02 5.22
C SER B 221 30.79 -28.47 6.63
N PHE B 222 30.90 -29.35 7.62
CA PHE B 222 30.68 -28.98 9.01
C PHE B 222 31.76 -29.62 9.88
N VAL B 223 32.07 -28.94 10.98
CA VAL B 223 33.10 -29.38 11.91
C VAL B 223 32.67 -28.99 13.33
N PRO B 224 32.74 -29.91 14.29
CA PRO B 224 32.29 -29.59 15.66
C PRO B 224 33.22 -28.61 16.34
N SER B 225 32.72 -28.02 17.42
CA SER B 225 33.47 -27.04 18.20
C SER B 225 33.22 -27.28 19.67
N PRO B 226 34.03 -28.14 20.31
CA PRO B 226 33.84 -28.41 21.73
C PRO B 226 34.16 -27.19 22.59
N GLY B 227 33.49 -27.11 23.73
CA GLY B 227 33.70 -26.01 24.65
C GLY B 227 32.73 -26.11 25.81
N ALA B 228 32.99 -25.29 26.82
CA ALA B 228 32.18 -25.27 28.04
C ALA B 228 31.10 -24.20 27.93
N ARG B 229 29.87 -24.57 28.27
CA ARG B 229 28.73 -23.67 28.21
C ARG B 229 27.92 -23.79 29.49
N THR B 230 26.88 -22.97 29.60
CA THR B 230 25.98 -23.05 30.74
C THR B 230 25.14 -24.32 30.67
N GLN B 231 24.71 -24.80 31.82
CA GLN B 231 24.00 -26.08 31.93
C GLN B 231 22.51 -25.87 31.68
N VAL B 232 21.98 -26.57 30.68
CA VAL B 232 20.55 -26.59 30.39
C VAL B 232 20.09 -28.04 30.47
N ASN B 233 19.08 -28.30 31.31
CA ASN B 233 18.56 -29.65 31.54
C ASN B 233 19.65 -30.60 32.03
N GLY B 234 20.64 -30.06 32.73
CA GLY B 234 21.73 -30.87 33.25
C GLY B 234 22.77 -31.27 32.23
N GLN B 235 22.81 -30.64 31.06
CA GLN B 235 23.74 -30.98 30.01
C GLN B 235 24.49 -29.73 29.56
N SER B 236 25.69 -29.95 29.01
CA SER B 236 26.51 -28.86 28.51
C SER B 236 26.73 -28.91 27.00
N GLY B 237 26.46 -30.03 26.35
CA GLY B 237 26.60 -30.12 24.92
C GLY B 237 25.42 -29.53 24.18
N ARG B 238 25.54 -29.48 22.85
CA ARG B 238 24.48 -28.93 22.01
C ARG B 238 24.34 -29.76 20.75
N ILE B 239 23.17 -29.69 20.14
CA ILE B 239 22.88 -30.36 18.88
C ILE B 239 22.25 -29.35 17.93
N ASP B 240 22.79 -29.27 16.71
CA ASP B 240 22.29 -28.35 15.70
C ASP B 240 21.68 -29.14 14.55
N PHE B 241 20.46 -28.76 14.16
CA PHE B 241 19.70 -29.48 13.14
C PHE B 241 19.68 -28.69 11.85
N HIS B 242 19.99 -29.36 10.73
CA HIS B 242 19.96 -28.78 9.41
C HIS B 242 19.03 -29.59 8.51
N TRP B 243 18.52 -28.94 7.47
CA TRP B 243 17.52 -29.55 6.61
C TRP B 243 17.73 -29.11 5.16
N LEU B 244 17.17 -29.89 4.24
CA LEU B 244 17.21 -29.56 2.82
C LEU B 244 16.06 -30.26 2.11
N MET B 245 15.76 -29.79 0.91
CA MET B 245 14.69 -30.35 0.08
C MET B 245 15.30 -30.99 -1.17
N LEU B 246 14.72 -32.12 -1.57
CA LEU B 246 15.25 -32.95 -2.64
C LEU B 246 14.26 -33.02 -3.79
N ASN B 247 14.74 -32.73 -5.00
CA ASN B 247 13.93 -32.84 -6.20
C ASN B 247 13.69 -34.33 -6.52
N PRO B 248 12.61 -34.65 -7.25
CA PRO B 248 12.22 -36.06 -7.35
C PRO B 248 13.01 -36.88 -8.36
N ASN B 249 14.30 -36.59 -8.51
CA ASN B 249 15.21 -37.49 -9.20
C ASN B 249 16.63 -37.53 -8.63
N ASP B 250 16.92 -36.85 -7.54
CA ASP B 250 18.28 -36.55 -7.17
C ASP B 250 18.83 -37.57 -6.19
N THR B 251 20.06 -37.34 -5.71
CA THR B 251 20.72 -38.20 -4.75
C THR B 251 21.46 -37.35 -3.73
N VAL B 252 21.49 -37.83 -2.49
CA VAL B 252 22.14 -37.14 -1.38
C VAL B 252 23.21 -38.04 -0.80
N THR B 253 24.40 -37.49 -0.59
CA THR B 253 25.53 -38.24 -0.06
C THR B 253 26.04 -37.60 1.22
N PHE B 254 26.27 -38.43 2.24
CA PHE B 254 26.87 -38.01 3.49
C PHE B 254 28.21 -38.69 3.66
N SER B 255 29.26 -37.92 3.87
CA SER B 255 30.59 -38.47 4.17
C SER B 255 30.98 -37.97 5.56
N PHE B 256 31.40 -38.89 6.43
CA PHE B 256 31.67 -38.47 7.79
C PHE B 256 32.72 -39.35 8.44
N ASN B 257 33.38 -38.78 9.45
CA ASN B 257 34.30 -39.46 10.33
C ASN B 257 33.87 -39.42 11.79
N GLY B 258 33.02 -38.47 12.17
CA GLY B 258 32.50 -38.41 13.51
C GLY B 258 31.54 -37.24 13.62
N ALA B 259 30.88 -37.16 14.78
CA ALA B 259 29.93 -36.09 15.09
C ALA B 259 28.80 -36.03 14.06
N PHE B 260 28.06 -37.14 13.98
CA PHE B 260 26.95 -37.24 13.06
C PHE B 260 25.74 -37.83 13.77
N ILE B 261 24.58 -37.22 13.55
CA ILE B 261 23.30 -37.74 14.02
C ILE B 261 22.53 -38.17 12.79
N ALA B 262 22.52 -39.46 12.49
CA ALA B 262 22.05 -39.93 11.20
C ALA B 262 20.52 -39.92 11.16
N PRO B 263 19.93 -39.52 10.04
CA PRO B 263 18.48 -39.64 9.87
C PRO B 263 18.08 -41.09 9.62
N ASP B 264 16.78 -41.34 9.76
CA ASP B 264 16.28 -42.70 9.59
C ASP B 264 15.09 -42.76 8.64
N ARG B 265 14.36 -41.66 8.51
CA ARG B 265 13.17 -41.62 7.65
C ARG B 265 13.08 -40.26 6.97
N ALA B 266 12.37 -40.26 5.84
CA ALA B 266 12.16 -39.05 5.04
C ALA B 266 10.68 -38.72 5.00
N SER B 267 10.38 -37.43 4.88
CA SER B 267 9.03 -36.92 4.99
C SER B 267 8.53 -36.38 3.65
N PHE B 268 7.24 -36.61 3.38
CA PHE B 268 6.58 -36.11 2.19
C PHE B 268 5.29 -35.40 2.60
N LEU B 269 5.01 -34.26 1.96
CA LEU B 269 3.81 -33.51 2.28
C LEU B 269 2.59 -34.11 1.59
N ARG B 270 1.41 -33.62 1.96
CA ARG B 270 0.17 -34.10 1.36
C ARG B 270 -0.92 -33.05 1.56
N GLY B 271 -1.49 -32.56 0.46
CA GLY B 271 -2.61 -31.65 0.54
C GLY B 271 -2.22 -30.23 0.95
N LYS B 272 -3.19 -29.53 1.51
CA LYS B 272 -2.98 -28.16 1.97
C LYS B 272 -3.90 -27.87 3.15
N SER B 273 -3.52 -26.88 3.95
CA SER B 273 -4.26 -26.53 5.16
C SER B 273 -3.86 -25.12 5.57
N MET B 274 -4.27 -24.72 6.78
CA MET B 274 -3.96 -23.41 7.34
C MET B 274 -3.71 -23.57 8.83
N GLY B 275 -2.72 -22.84 9.34
CA GLY B 275 -2.34 -22.92 10.74
C GLY B 275 -2.45 -21.58 11.43
N ILE B 276 -2.81 -21.62 12.72
CA ILE B 276 -2.99 -20.44 13.54
C ILE B 276 -2.34 -20.67 14.90
N GLN B 277 -2.16 -19.58 15.65
CA GLN B 277 -1.74 -19.62 17.04
C GLN B 277 -2.83 -18.99 17.89
N SER B 278 -3.26 -19.69 18.94
CA SER B 278 -4.37 -19.25 19.75
C SER B 278 -4.18 -19.72 21.19
N GLY B 279 -5.11 -19.32 22.05
CA GLY B 279 -5.05 -19.68 23.46
C GLY B 279 -6.39 -19.98 24.07
N VAL B 280 -7.39 -20.30 23.25
CA VAL B 280 -8.74 -20.60 23.71
C VAL B 280 -9.12 -21.99 23.24
N GLN B 281 -10.26 -22.48 23.75
CA GLN B 281 -10.70 -23.83 23.48
C GLN B 281 -11.31 -23.94 22.09
N VAL B 282 -11.81 -25.13 21.76
CA VAL B 282 -12.30 -25.46 20.43
C VAL B 282 -13.77 -25.84 20.53
N ASP B 283 -14.57 -25.26 19.63
CA ASP B 283 -16.01 -25.56 19.54
C ASP B 283 -16.30 -26.23 18.21
N ALA B 284 -16.98 -27.37 18.26
CA ALA B 284 -17.26 -28.17 17.08
C ALA B 284 -18.61 -27.86 16.45
N ASP B 285 -19.41 -27.00 17.07
CA ASP B 285 -20.72 -26.60 16.53
C ASP B 285 -20.65 -25.10 16.26
N CYS B 286 -20.20 -24.76 15.06
CA CYS B 286 -19.92 -23.37 14.69
C CYS B 286 -19.71 -23.32 13.18
N GLU B 287 -19.32 -22.13 12.69
CA GLU B 287 -18.87 -21.94 11.32
C GLU B 287 -18.17 -20.60 11.21
N GLY B 288 -16.94 -20.59 10.73
CA GLY B 288 -16.20 -19.34 10.64
C GLY B 288 -15.04 -19.45 9.68
N ASP B 289 -14.53 -18.28 9.27
CA ASP B 289 -13.40 -18.22 8.36
C ASP B 289 -12.36 -17.19 8.75
N CYS B 290 -12.57 -16.43 9.82
CA CYS B 290 -11.63 -15.40 10.26
C CYS B 290 -11.24 -15.70 11.70
N TYR B 291 -9.96 -16.00 11.91
CA TYR B 291 -9.46 -16.37 13.22
C TYR B 291 -8.39 -15.40 13.69
N TYR B 292 -8.28 -15.24 15.00
CA TYR B 292 -7.16 -14.55 15.62
C TYR B 292 -6.90 -15.20 16.97
N SER B 293 -6.00 -14.63 17.76
CA SER B 293 -5.53 -15.25 18.98
C SER B 293 -6.54 -15.15 20.13
N GLY B 294 -7.78 -14.75 19.86
CA GLY B 294 -8.76 -14.62 20.93
C GLY B 294 -10.09 -15.25 20.63
N GLY B 295 -10.28 -15.73 19.42
CA GLY B 295 -11.53 -16.35 19.04
C GLY B 295 -11.78 -16.22 17.55
N THR B 296 -13.06 -16.13 17.20
CA THR B 296 -13.51 -16.05 15.82
C THR B 296 -14.28 -14.77 15.59
N ILE B 297 -14.19 -14.24 14.38
CA ILE B 297 -14.91 -13.04 13.98
C ILE B 297 -15.94 -13.45 12.93
N ILE B 298 -17.22 -13.33 13.28
CA ILE B 298 -18.32 -13.68 12.38
C ILE B 298 -19.17 -12.43 12.19
N SER B 299 -19.11 -11.85 11.00
CA SER B 299 -19.87 -10.63 10.72
C SER B 299 -19.98 -10.44 9.22
N ASN B 300 -20.92 -9.58 8.83
CA ASN B 300 -21.09 -9.19 7.44
C ASN B 300 -20.66 -7.75 7.18
N LEU B 301 -20.29 -7.00 8.21
CA LEU B 301 -19.87 -5.63 8.03
C LEU B 301 -18.52 -5.58 7.31
N PRO B 302 -18.25 -4.49 6.56
CA PRO B 302 -17.00 -4.43 5.78
C PRO B 302 -15.77 -4.01 6.57
N PHE B 303 -15.90 -3.61 7.82
CA PHE B 303 -14.77 -3.13 8.61
C PHE B 303 -14.77 -3.78 9.98
N GLN B 304 -13.58 -3.88 10.58
CA GLN B 304 -13.41 -4.44 11.91
C GLN B 304 -12.41 -3.62 12.70
N ASN B 305 -12.53 -3.66 14.01
CA ASN B 305 -11.65 -2.92 14.91
C ASN B 305 -11.26 -3.79 16.11
N ILE B 306 -10.91 -5.05 15.84
CA ILE B 306 -10.59 -6.01 16.89
C ILE B 306 -9.09 -6.32 16.92
N ASP B 307 -8.56 -6.88 15.84
CA ASP B 307 -7.15 -7.23 15.75
C ASP B 307 -6.64 -6.94 14.35
N SER B 308 -5.37 -6.59 14.26
CA SER B 308 -4.74 -6.25 12.98
C SER B 308 -3.98 -7.42 12.37
N ARG B 309 -3.87 -8.55 13.04
CA ARG B 309 -3.14 -9.72 12.55
C ARG B 309 -4.05 -10.93 12.42
N ALA B 310 -5.29 -10.70 11.99
CA ALA B 310 -6.21 -11.79 11.74
C ALA B 310 -5.87 -12.49 10.42
N VAL B 311 -6.22 -13.76 10.33
CA VAL B 311 -5.91 -14.58 9.16
C VAL B 311 -7.17 -15.26 8.66
N GLY B 312 -7.20 -15.51 7.36
CA GLY B 312 -8.37 -16.11 6.73
C GLY B 312 -9.07 -15.15 5.79
N LYS B 313 -10.40 -15.24 5.74
CA LYS B 313 -11.22 -14.30 4.97
C LYS B 313 -11.84 -13.32 5.95
N CYS B 314 -11.22 -12.15 6.10
CA CYS B 314 -11.54 -11.20 7.14
C CYS B 314 -11.90 -9.85 6.56
N PRO B 315 -12.67 -9.03 7.29
CA PRO B 315 -12.90 -7.65 6.85
C PRO B 315 -11.65 -6.80 6.98
N ARG B 316 -11.75 -5.52 6.65
CA ARG B 316 -10.61 -4.61 6.71
C ARG B 316 -10.48 -3.99 8.09
N TYR B 317 -9.24 -3.71 8.48
CA TYR B 317 -8.93 -3.16 9.79
C TYR B 317 -8.80 -1.65 9.72
N VAL B 318 -9.48 -0.95 10.63
CA VAL B 318 -9.44 0.51 10.71
C VAL B 318 -9.20 0.91 12.16
N LYS B 319 -8.75 2.15 12.33
CA LYS B 319 -8.48 2.67 13.67
C LYS B 319 -9.70 3.29 14.33
N GLN B 320 -10.70 3.69 13.55
CA GLN B 320 -11.88 4.32 14.12
C GLN B 320 -12.71 3.31 14.91
N ARG B 321 -13.44 3.81 15.90
CA ARG B 321 -14.26 2.97 16.76
C ARG B 321 -15.70 2.85 16.29
N SER B 322 -16.21 3.83 15.55
CA SER B 322 -17.59 3.80 15.11
C SER B 322 -17.74 4.67 13.87
N LEU B 323 -18.62 4.25 12.96
CA LEU B 323 -18.91 4.99 11.73
C LEU B 323 -20.35 4.69 11.35
N LEU B 324 -21.23 5.65 11.57
CA LEU B 324 -22.66 5.47 11.33
C LEU B 324 -23.03 5.87 9.91
N LEU B 325 -23.89 5.06 9.29
CA LEU B 325 -24.39 5.27 7.95
C LEU B 325 -25.87 5.61 8.00
N ALA B 326 -26.26 6.71 7.37
CA ALA B 326 -27.64 7.17 7.44
C ALA B 326 -28.58 6.26 6.67
N THR B 327 -29.82 6.17 7.16
CA THR B 327 -30.85 5.35 6.53
C THR B 327 -32.14 6.12 6.23
N GLY B 328 -32.46 7.16 6.98
CA GLY B 328 -33.67 7.93 6.73
C GLY B 328 -33.39 9.37 6.35
N MET B 329 -34.44 10.18 6.29
CA MET B 329 -34.31 11.59 5.94
C MET B 329 -33.92 12.41 7.16
N LYS B 330 -33.82 13.72 6.97
CA LYS B 330 -33.52 14.62 8.07
C LYS B 330 -34.71 14.69 9.04
N ASN B 331 -34.39 14.87 10.32
CA ASN B 331 -35.40 14.90 11.37
C ASN B 331 -35.69 16.34 11.76
N VAL B 332 -36.94 16.75 11.58
CA VAL B 332 -37.40 18.09 11.97
C VAL B 332 -38.57 17.92 12.93
N PRO B 333 -38.34 17.86 14.24
CA PRO B 333 -39.44 17.61 15.17
C PRO B 333 -40.35 18.83 15.30
N GLU B 334 -41.57 18.55 15.76
CA GLU B 334 -42.55 19.61 15.97
C GLU B 334 -42.12 20.51 17.12
N ILE B 335 -42.60 21.76 17.07
CA ILE B 335 -42.28 22.84 18.02
C ILE B 335 -40.86 22.76 18.56
N ALA C 18 -55.66 27.15 -31.94
CA ALA C 18 -55.66 25.70 -32.07
C ALA C 18 -54.29 25.20 -32.49
N ASP C 19 -53.26 25.61 -31.75
CA ASP C 19 -51.88 25.23 -32.03
C ASP C 19 -51.25 24.67 -30.78
N LYS C 20 -50.20 23.86 -30.97
CA LYS C 20 -49.57 23.17 -29.86
C LYS C 20 -48.10 22.93 -30.19
N ILE C 21 -47.24 23.07 -29.17
CA ILE C 21 -45.81 22.79 -29.29
C ILE C 21 -45.42 21.86 -28.15
N CYS C 22 -44.40 21.03 -28.40
CA CYS C 22 -44.02 19.99 -27.44
C CYS C 22 -42.50 19.83 -27.44
N LEU C 23 -42.01 19.15 -26.40
CA LEU C 23 -40.58 18.94 -26.20
C LEU C 23 -40.31 17.48 -25.91
N GLY C 24 -39.11 17.03 -26.25
CA GLY C 24 -38.78 15.62 -26.04
C GLY C 24 -37.29 15.38 -26.20
N HIS C 25 -36.92 14.11 -26.09
CA HIS C 25 -35.53 13.68 -26.21
C HIS C 25 -35.47 12.40 -27.04
N HIS C 26 -34.26 12.04 -27.46
CA HIS C 26 -34.09 10.89 -28.33
C HIS C 26 -34.00 9.60 -27.52
N ALA C 27 -34.10 8.47 -28.23
CA ALA C 27 -34.02 7.15 -27.64
C ALA C 27 -33.58 6.16 -28.70
N VAL C 28 -33.14 4.98 -28.24
CA VAL C 28 -32.64 3.93 -29.11
C VAL C 28 -33.31 2.62 -28.73
N SER C 29 -33.27 1.67 -29.67
CA SER C 29 -33.99 0.41 -29.47
C SER C 29 -33.31 -0.50 -28.45
N ASN C 30 -31.98 -0.58 -28.50
CA ASN C 30 -31.23 -1.46 -27.60
C ASN C 30 -30.14 -0.66 -26.91
N GLY C 31 -30.11 -0.72 -25.58
CA GLY C 31 -29.12 -0.02 -24.78
C GLY C 31 -28.13 -0.94 -24.12
N THR C 32 -27.30 -0.33 -23.27
CA THR C 32 -26.26 -1.05 -22.53
C THR C 32 -26.47 -0.86 -21.03
N LYS C 33 -26.16 -1.90 -20.27
CA LYS C 33 -26.40 -1.91 -18.83
C LYS C 33 -25.14 -1.53 -18.07
N VAL C 34 -25.28 -0.59 -17.14
CA VAL C 34 -24.19 -0.10 -16.31
C VAL C 34 -24.63 -0.16 -14.85
N ASN C 35 -23.69 0.17 -13.95
CA ASN C 35 -23.94 0.16 -12.52
C ASN C 35 -23.77 1.57 -11.95
N THR C 36 -24.69 1.96 -11.08
CA THR C 36 -24.68 3.27 -10.44
C THR C 36 -24.53 3.10 -8.92
N LEU C 37 -24.69 4.22 -8.21
CA LEU C 37 -24.47 4.19 -6.76
C LEU C 37 -25.55 3.39 -6.04
N CYS C 38 -26.82 3.56 -6.42
CA CYS C 38 -27.86 2.78 -5.77
C CYS C 38 -28.66 1.96 -6.76
N GLU C 39 -27.99 1.29 -7.70
CA GLU C 39 -28.67 0.37 -8.60
C GLU C 39 -27.64 -0.42 -9.38
N ARG C 40 -28.03 -1.62 -9.81
CA ARG C 40 -27.21 -2.47 -10.67
C ARG C 40 -28.03 -2.85 -11.89
N GLY C 41 -27.51 -2.54 -13.08
CA GLY C 41 -28.19 -2.90 -14.31
C GLY C 41 -29.13 -1.83 -14.83
N VAL C 42 -28.64 -0.60 -14.95
CA VAL C 42 -29.41 0.51 -15.50
C VAL C 42 -29.10 0.61 -16.99
N GLU C 43 -30.13 0.77 -17.80
CA GLU C 43 -29.97 0.78 -19.26
C GLU C 43 -29.79 2.21 -19.76
N VAL C 44 -28.72 2.42 -20.53
CA VAL C 44 -28.39 3.73 -21.09
C VAL C 44 -28.17 3.57 -22.59
N VAL C 45 -28.04 4.71 -23.27
CA VAL C 45 -27.94 4.71 -24.72
C VAL C 45 -26.57 4.17 -25.17
N ASN C 46 -25.50 4.55 -24.49
CA ASN C 46 -24.16 4.19 -24.95
C ASN C 46 -23.25 4.01 -23.75
N ALA C 47 -22.16 3.26 -23.98
CA ALA C 47 -21.17 3.01 -22.94
C ALA C 47 -19.86 2.57 -23.58
N THR C 48 -18.78 2.68 -22.82
CA THR C 48 -17.45 2.25 -23.24
C THR C 48 -16.82 1.37 -22.17
N GLU C 49 -15.66 0.82 -22.50
CA GLU C 49 -14.93 -0.10 -21.63
C GLU C 49 -13.66 0.55 -21.11
N THR C 50 -13.31 0.25 -19.85
CA THR C 50 -12.15 0.85 -19.19
C THR C 50 -11.11 -0.17 -18.75
N VAL C 51 -11.22 -1.42 -19.17
CA VAL C 51 -10.28 -2.46 -18.78
C VAL C 51 -9.74 -3.13 -20.04
N GLU C 52 -8.43 -3.30 -20.10
CA GLU C 52 -7.76 -3.85 -21.28
C GLU C 52 -7.57 -5.35 -21.12
N ARG C 53 -7.82 -6.09 -22.21
CA ARG C 53 -7.74 -7.55 -22.16
C ARG C 53 -7.05 -8.16 -23.38
N THR C 54 -6.45 -7.35 -24.25
CA THR C 54 -5.79 -7.85 -25.45
C THR C 54 -4.33 -7.44 -25.47
N ASN C 55 -3.50 -8.26 -26.12
CA ASN C 55 -2.06 -8.01 -26.20
C ASN C 55 -1.57 -8.40 -27.58
N ILE C 56 -0.29 -8.16 -27.82
CA ILE C 56 0.40 -8.55 -29.04
C ILE C 56 1.43 -9.62 -28.67
N PRO C 57 1.36 -10.81 -29.26
CA PRO C 57 2.23 -11.93 -28.86
C PRO C 57 3.66 -11.84 -29.39
N ARG C 58 4.27 -10.66 -29.27
CA ARG C 58 5.63 -10.43 -29.70
C ARG C 58 6.27 -9.39 -28.82
N ILE C 59 7.60 -9.39 -28.80
CA ILE C 59 8.36 -8.38 -28.07
C ILE C 59 8.59 -7.23 -29.04
N CYS C 60 7.72 -6.23 -28.99
CA CYS C 60 7.79 -5.10 -29.90
C CYS C 60 8.86 -4.13 -29.41
N SER C 61 9.86 -3.87 -30.24
CA SER C 61 10.98 -3.01 -29.86
C SER C 61 11.57 -2.38 -31.11
N LYS C 62 11.30 -1.09 -31.30
CA LYS C 62 11.89 -0.30 -32.37
C LYS C 62 12.43 0.99 -31.79
N GLY C 63 13.62 1.39 -32.24
CA GLY C 63 14.29 2.56 -31.71
C GLY C 63 15.20 2.30 -30.54
N LYS C 64 15.44 1.04 -30.19
CA LYS C 64 16.35 0.69 -29.11
C LYS C 64 17.19 -0.51 -29.52
N ARG C 65 18.38 -0.60 -28.94
CA ARG C 65 19.28 -1.71 -29.20
C ARG C 65 18.93 -2.88 -28.28
N THR C 66 18.68 -4.04 -28.87
CA THR C 66 18.29 -5.23 -28.13
C THR C 66 19.34 -6.33 -28.31
N VAL C 67 19.62 -7.03 -27.22
CA VAL C 67 20.50 -8.19 -27.24
C VAL C 67 19.69 -9.39 -26.77
N ASP C 68 19.67 -10.44 -27.59
CA ASP C 68 18.88 -11.64 -27.32
C ASP C 68 19.84 -12.78 -26.98
N LEU C 69 20.09 -12.95 -25.69
CA LEU C 69 20.92 -14.06 -25.24
C LEU C 69 20.21 -15.38 -25.51
N GLY C 70 20.96 -16.35 -26.04
CA GLY C 70 20.39 -17.65 -26.34
C GLY C 70 20.65 -18.65 -25.24
N GLN C 71 21.58 -19.57 -25.47
CA GLN C 71 21.99 -20.50 -24.43
C GLN C 71 22.84 -19.84 -23.36
N CYS C 72 23.26 -18.59 -23.56
CA CYS C 72 24.12 -17.91 -22.60
C CYS C 72 23.30 -17.34 -21.46
N GLY C 73 23.75 -17.61 -20.23
CA GLY C 73 23.14 -16.99 -19.08
C GLY C 73 23.68 -15.59 -18.82
N LEU C 74 22.94 -14.82 -18.03
CA LEU C 74 23.34 -13.45 -17.76
C LEU C 74 24.66 -13.39 -17.00
N LEU C 75 24.84 -14.28 -16.02
CA LEU C 75 26.05 -14.28 -15.22
C LEU C 75 27.25 -14.91 -15.92
N GLY C 76 27.04 -15.58 -17.06
CA GLY C 76 28.15 -16.17 -17.76
C GLY C 76 29.07 -15.16 -18.42
N THR C 77 28.51 -14.00 -18.81
CA THR C 77 29.30 -13.00 -19.52
C THR C 77 30.46 -12.48 -18.69
N ILE C 78 30.44 -12.67 -17.37
CA ILE C 78 31.56 -12.27 -16.54
C ILE C 78 32.68 -13.29 -16.59
N THR C 79 32.33 -14.58 -16.64
CA THR C 79 33.34 -15.63 -16.60
C THR C 79 33.67 -16.22 -17.96
N GLY C 80 32.71 -16.25 -18.88
CA GLY C 80 32.97 -16.65 -20.25
C GLY C 80 33.10 -18.14 -20.48
N PRO C 81 32.02 -18.89 -20.29
CA PRO C 81 32.00 -20.28 -20.73
C PRO C 81 31.95 -20.34 -22.25
N PRO C 82 32.18 -21.51 -22.85
CA PRO C 82 32.25 -21.57 -24.32
C PRO C 82 30.96 -21.15 -25.04
N GLN C 83 29.82 -21.16 -24.36
CA GLN C 83 28.57 -20.76 -24.98
C GLN C 83 28.29 -19.26 -24.89
N CYS C 84 29.19 -18.49 -24.28
CA CYS C 84 29.05 -17.05 -24.15
C CYS C 84 30.23 -16.32 -24.79
N ASP C 85 30.71 -16.85 -25.91
CA ASP C 85 31.91 -16.30 -26.54
C ASP C 85 31.66 -15.01 -27.32
N GLN C 86 30.40 -14.70 -27.64
CA GLN C 86 30.08 -13.53 -28.44
C GLN C 86 29.43 -12.42 -27.63
N PHE C 87 29.25 -12.59 -26.32
CA PHE C 87 28.64 -11.58 -25.47
C PHE C 87 29.58 -11.12 -24.36
N LEU C 88 30.89 -11.18 -24.62
CA LEU C 88 31.86 -10.80 -23.59
C LEU C 88 31.83 -9.30 -23.31
N GLU C 89 31.65 -8.50 -24.36
CA GLU C 89 31.53 -7.04 -24.22
C GLU C 89 30.38 -6.59 -25.13
N PHE C 90 29.19 -6.50 -24.56
CA PHE C 90 28.00 -6.15 -25.30
C PHE C 90 27.47 -4.79 -24.86
N SER C 91 26.65 -4.19 -25.72
CA SER C 91 25.97 -2.94 -25.42
C SER C 91 24.52 -3.05 -25.87
N ALA C 92 23.59 -2.65 -25.01
CA ALA C 92 22.18 -2.80 -25.33
C ALA C 92 21.35 -1.85 -24.49
N ASP C 93 20.12 -1.61 -24.95
CA ASP C 93 19.11 -0.90 -24.17
C ASP C 93 18.03 -1.82 -23.63
N LEU C 94 17.85 -3.00 -24.22
CA LEU C 94 16.90 -3.99 -23.74
C LEU C 94 17.59 -5.35 -23.76
N ILE C 95 17.46 -6.10 -22.66
CA ILE C 95 18.11 -7.40 -22.51
C ILE C 95 17.04 -8.45 -22.28
N ILE C 96 17.12 -9.54 -23.04
CA ILE C 96 16.15 -10.63 -22.99
C ILE C 96 16.87 -11.91 -22.61
N GLU C 97 16.35 -12.62 -21.61
CA GLU C 97 16.89 -13.89 -21.16
C GLU C 97 15.90 -15.01 -21.42
N ARG C 98 16.40 -16.14 -21.90
CA ARG C 98 15.56 -17.28 -22.23
C ARG C 98 15.65 -18.34 -21.14
N ARG C 99 14.75 -19.33 -21.23
CA ARG C 99 14.66 -20.36 -20.19
C ARG C 99 15.81 -21.36 -20.27
N GLU C 100 16.38 -21.57 -21.45
CA GLU C 100 17.40 -22.59 -21.65
C GLU C 100 18.81 -22.10 -21.39
N GLY C 101 18.97 -20.86 -20.91
CA GLY C 101 20.30 -20.33 -20.70
C GLY C 101 20.97 -20.93 -19.48
N SER C 102 22.27 -21.19 -19.62
CA SER C 102 23.10 -21.70 -18.53
C SER C 102 24.40 -20.92 -18.51
N ASP C 103 24.98 -20.78 -17.32
CA ASP C 103 26.19 -19.97 -17.14
C ASP C 103 27.33 -20.76 -16.52
N VAL C 104 27.34 -22.09 -16.66
CA VAL C 104 28.40 -22.92 -16.11
C VAL C 104 28.75 -24.01 -17.11
N CYS C 105 30.05 -24.28 -17.25
CA CYS C 105 30.53 -25.42 -18.02
C CYS C 105 31.11 -26.51 -17.12
N TYR C 106 31.62 -26.16 -15.95
CA TYR C 106 32.07 -27.02 -14.87
C TYR C 106 31.10 -26.88 -13.70
N PRO C 107 30.77 -27.98 -13.02
CA PRO C 107 29.75 -27.91 -11.97
C PRO C 107 30.10 -26.90 -10.89
N GLY C 108 29.10 -26.15 -10.46
CA GLY C 108 29.28 -25.11 -9.47
C GLY C 108 28.14 -24.12 -9.51
N LYS C 109 28.26 -23.10 -8.67
CA LYS C 109 27.22 -22.09 -8.56
C LYS C 109 27.81 -20.82 -7.98
N PHE C 110 27.10 -19.71 -8.19
CA PHE C 110 27.48 -18.43 -7.62
C PHE C 110 26.96 -18.31 -6.20
N VAL C 111 27.52 -17.34 -5.47
CA VAL C 111 27.11 -17.02 -4.11
C VAL C 111 26.51 -15.63 -4.12
N ASN C 112 25.29 -15.51 -3.58
CA ASN C 112 24.54 -14.25 -3.57
C ASN C 112 24.32 -13.75 -5.01
N GLU C 113 23.60 -14.56 -5.77
CA GLU C 113 23.47 -14.35 -7.22
C GLU C 113 22.36 -13.38 -7.59
N GLU C 114 21.29 -13.32 -6.80
CA GLU C 114 20.15 -12.47 -7.17
C GLU C 114 20.54 -11.00 -7.19
N ALA C 115 21.34 -10.56 -6.22
CA ALA C 115 21.79 -9.17 -6.19
C ALA C 115 22.65 -8.86 -7.41
N LEU C 116 23.55 -9.78 -7.78
CA LEU C 116 24.38 -9.58 -8.96
C LEU C 116 23.53 -9.50 -10.23
N ARG C 117 22.51 -10.37 -10.33
CA ARG C 117 21.64 -10.32 -11.49
C ARG C 117 20.88 -9.00 -11.57
N GLN C 118 20.38 -8.52 -10.42
CA GLN C 118 19.68 -7.24 -10.41
C GLN C 118 20.61 -6.09 -10.78
N ILE C 119 21.86 -6.15 -10.34
CA ILE C 119 22.84 -5.13 -10.71
C ILE C 119 23.10 -5.16 -12.21
N LEU C 120 23.27 -6.36 -12.78
CA LEU C 120 23.65 -6.47 -14.19
C LEU C 120 22.49 -6.17 -15.12
N ARG C 121 21.24 -6.36 -14.66
CA ARG C 121 20.09 -6.16 -15.54
C ARG C 121 19.93 -4.71 -15.96
N GLU C 122 20.49 -3.77 -15.22
CA GLU C 122 20.35 -2.34 -15.55
C GLU C 122 21.69 -1.70 -15.92
N SER C 123 22.75 -2.48 -16.04
CA SER C 123 24.07 -1.91 -16.35
C SER C 123 24.09 -1.29 -17.74
N GLY C 124 23.48 -1.94 -18.72
CA GLY C 124 23.54 -1.48 -20.09
C GLY C 124 24.76 -1.93 -20.86
N GLY C 125 25.53 -2.85 -20.32
CA GLY C 125 26.73 -3.34 -20.97
C GLY C 125 27.90 -3.41 -20.00
N ILE C 126 28.98 -4.04 -20.49
CA ILE C 126 30.20 -4.20 -19.71
C ILE C 126 31.40 -3.92 -20.59
N ASP C 127 32.50 -3.55 -19.93
CA ASP C 127 33.78 -3.33 -20.58
C ASP C 127 34.88 -4.00 -19.77
N LYS C 128 35.82 -4.64 -20.45
CA LYS C 128 36.85 -5.44 -19.81
C LYS C 128 38.19 -4.73 -19.85
N GLU C 129 38.96 -4.88 -18.77
CA GLU C 129 40.29 -4.29 -18.66
C GLU C 129 41.24 -5.31 -18.05
N ALA C 130 42.46 -5.37 -18.58
CA ALA C 130 43.44 -6.34 -18.11
C ALA C 130 43.92 -5.99 -16.71
N MET C 131 44.46 -7.01 -16.03
CA MET C 131 44.93 -6.88 -14.65
C MET C 131 46.44 -6.88 -14.52
N GLY C 132 47.14 -7.74 -15.26
CA GLY C 132 48.59 -7.73 -15.28
C GLY C 132 49.29 -8.70 -14.35
N PHE C 133 48.58 -9.68 -13.79
CA PHE C 133 49.21 -10.65 -12.92
C PHE C 133 50.17 -11.54 -13.70
N THR C 134 51.29 -11.89 -13.08
CA THR C 134 52.27 -12.79 -13.66
C THR C 134 52.74 -13.78 -12.61
N TYR C 135 53.05 -14.99 -13.05
CA TYR C 135 53.41 -16.08 -12.15
C TYR C 135 54.69 -16.75 -12.61
N SER C 136 55.43 -17.29 -11.65
CA SER C 136 56.70 -17.97 -11.92
C SER C 136 56.73 -19.30 -11.18
N GLY C 137 57.24 -20.33 -11.85
CA GLY C 137 57.38 -21.64 -11.25
C GLY C 137 56.19 -22.55 -11.48
N ILE C 138 55.02 -22.17 -10.96
CA ILE C 138 53.82 -22.98 -11.06
C ILE C 138 53.30 -22.99 -12.49
N ARG C 139 52.37 -23.89 -12.78
CA ARG C 139 51.73 -23.98 -14.09
C ARG C 139 50.39 -23.26 -14.06
N THR C 140 50.01 -22.70 -15.21
CA THR C 140 48.77 -21.92 -15.32
C THR C 140 47.90 -22.38 -16.48
N ASN C 141 48.04 -23.63 -16.92
CA ASN C 141 47.30 -24.14 -18.07
C ASN C 141 46.43 -25.33 -17.69
N GLY C 142 45.74 -25.23 -16.56
CA GLY C 142 44.80 -26.28 -16.18
C GLY C 142 43.64 -26.33 -17.14
N ALA C 143 43.30 -27.54 -17.60
CA ALA C 143 42.22 -27.73 -18.56
C ALA C 143 41.36 -28.91 -18.13
N THR C 144 40.10 -28.87 -18.54
CA THR C 144 39.14 -29.94 -18.24
C THR C 144 38.38 -30.31 -19.49
N SER C 145 37.82 -31.52 -19.49
CA SER C 145 37.09 -32.04 -20.63
C SER C 145 35.61 -31.65 -20.63
N SER C 146 35.15 -30.95 -19.59
CA SER C 146 33.75 -30.55 -19.51
C SER C 146 33.47 -29.22 -20.22
N CYS C 147 34.50 -28.47 -20.60
CA CYS C 147 34.35 -27.22 -21.33
C CYS C 147 35.22 -27.33 -22.58
N ARG C 148 34.61 -27.69 -23.71
CA ARG C 148 35.34 -27.99 -24.93
C ARG C 148 35.10 -26.91 -25.98
N ARG C 149 36.19 -26.39 -26.54
CA ARG C 149 36.14 -25.52 -27.71
C ARG C 149 36.65 -26.24 -28.95
N SER C 150 37.88 -26.78 -28.88
CA SER C 150 38.40 -27.67 -29.90
C SER C 150 39.18 -28.80 -29.25
N GLY C 151 38.86 -29.12 -28.00
CA GLY C 151 39.61 -30.06 -27.20
C GLY C 151 39.22 -29.92 -25.74
N SER C 152 40.21 -29.77 -24.86
CA SER C 152 39.97 -29.49 -23.45
C SER C 152 40.43 -28.07 -23.14
N SER C 153 39.53 -27.28 -22.55
CA SER C 153 39.83 -25.89 -22.25
C SER C 153 39.08 -25.49 -20.98
N PHE C 154 39.25 -24.22 -20.59
CA PHE C 154 38.67 -23.69 -19.37
C PHE C 154 37.90 -22.41 -19.66
N TYR C 155 37.50 -21.69 -18.61
CA TYR C 155 36.85 -20.40 -18.79
C TYR C 155 37.81 -19.43 -19.46
N ALA C 156 37.24 -18.54 -20.29
CA ALA C 156 38.05 -17.64 -21.09
C ALA C 156 38.61 -16.46 -20.32
N GLU C 157 38.15 -16.22 -19.09
CA GLU C 157 38.59 -15.06 -18.33
C GLU C 157 39.15 -15.44 -16.96
N MET C 158 39.44 -16.71 -16.72
CA MET C 158 40.00 -17.17 -15.46
C MET C 158 41.16 -18.10 -15.72
N LYS C 159 42.03 -18.24 -14.72
CA LYS C 159 43.21 -19.09 -14.84
C LYS C 159 43.22 -20.11 -13.70
N TRP C 160 43.55 -21.35 -14.05
CA TRP C 160 43.62 -22.46 -13.10
C TRP C 160 45.10 -22.74 -12.81
N LEU C 161 45.53 -22.44 -11.59
CA LEU C 161 46.93 -22.55 -11.20
C LEU C 161 47.18 -23.93 -10.59
N LEU C 162 47.85 -24.80 -11.32
CA LEU C 162 48.21 -26.12 -10.85
C LEU C 162 49.62 -26.08 -10.24
N SER C 163 50.19 -27.25 -9.97
CA SER C 163 51.55 -27.36 -9.47
C SER C 163 52.49 -27.80 -10.59
N ASN C 164 53.79 -27.77 -10.29
CA ASN C 164 54.79 -28.09 -11.30
C ASN C 164 54.67 -29.53 -11.78
N THR C 165 54.45 -30.47 -10.86
CA THR C 165 54.32 -31.88 -11.20
C THR C 165 53.44 -32.55 -10.16
N ASP C 166 53.14 -33.83 -10.39
CA ASP C 166 52.26 -34.56 -9.51
C ASP C 166 52.87 -34.70 -8.12
N ASN C 167 52.04 -34.48 -7.10
CA ASN C 167 52.44 -34.55 -5.70
C ASN C 167 53.68 -33.72 -5.42
N ALA C 168 53.63 -32.44 -5.78
CA ALA C 168 54.76 -31.54 -5.54
C ALA C 168 54.34 -30.42 -4.58
N ALA C 169 55.24 -29.48 -4.33
CA ALA C 169 54.98 -28.38 -3.41
C ALA C 169 54.21 -27.27 -4.12
N PHE C 170 53.86 -26.25 -3.35
CA PHE C 170 53.18 -25.07 -3.87
C PHE C 170 53.54 -23.87 -2.99
N PRO C 171 54.45 -23.00 -3.45
CA PRO C 171 54.87 -21.88 -2.62
C PRO C 171 53.72 -20.92 -2.32
N GLN C 172 53.77 -20.33 -1.13
CA GLN C 172 52.78 -19.34 -0.74
C GLN C 172 53.03 -18.04 -1.50
N MET C 173 51.98 -17.49 -2.10
CA MET C 173 52.12 -16.33 -2.97
C MET C 173 51.09 -15.26 -2.62
N THR C 174 51.39 -14.04 -3.06
CA THR C 174 50.56 -12.87 -2.81
C THR C 174 50.53 -12.01 -4.07
N LYS C 175 49.36 -11.44 -4.36
CA LYS C 175 49.18 -10.59 -5.52
C LYS C 175 48.28 -9.41 -5.14
N SER C 176 48.40 -8.31 -5.89
CA SER C 176 47.67 -7.11 -5.58
C SER C 176 47.28 -6.38 -6.86
N TYR C 177 46.18 -5.63 -6.79
CA TYR C 177 45.70 -4.85 -7.92
C TYR C 177 45.05 -3.58 -7.42
N LYS C 178 45.35 -2.45 -8.07
CA LYS C 178 44.84 -1.14 -7.67
C LYS C 178 43.99 -0.55 -8.79
N ASN C 179 42.80 -0.09 -8.43
CA ASN C 179 41.94 0.59 -9.38
C ASN C 179 42.53 1.95 -9.73
N THR C 180 42.31 2.37 -10.98
CA THR C 180 42.87 3.63 -11.46
C THR C 180 41.80 4.51 -12.11
N ARG C 181 40.74 3.89 -12.60
CA ARG C 181 39.71 4.63 -13.32
C ARG C 181 38.83 5.41 -12.34
N LYS C 182 37.77 6.02 -12.89
CA LYS C 182 36.92 6.92 -12.12
C LYS C 182 35.73 6.21 -11.47
N ASN C 183 35.34 5.05 -11.97
CA ASN C 183 34.14 4.36 -11.52
C ASN C 183 34.49 3.07 -10.78
N PRO C 184 33.58 2.56 -9.95
CA PRO C 184 33.85 1.30 -9.23
C PRO C 184 34.02 0.13 -10.18
N ALA C 185 34.85 -0.82 -9.76
CA ALA C 185 35.13 -2.02 -10.55
C ALA C 185 34.49 -3.24 -9.91
N LEU C 186 34.48 -4.34 -10.66
CA LEU C 186 33.90 -5.59 -10.21
C LEU C 186 34.94 -6.70 -10.30
N ILE C 187 35.16 -7.39 -9.19
CA ILE C 187 36.17 -8.44 -9.11
C ILE C 187 35.50 -9.77 -8.77
N VAL C 188 35.92 -10.83 -9.46
CA VAL C 188 35.35 -12.16 -9.30
C VAL C 188 36.48 -13.17 -9.19
N TRP C 189 36.37 -14.10 -8.24
CA TRP C 189 37.33 -15.17 -8.08
C TRP C 189 36.58 -16.45 -7.72
N GLY C 190 37.32 -17.56 -7.60
CA GLY C 190 36.70 -18.85 -7.38
C GLY C 190 37.54 -19.74 -6.49
N ILE C 191 36.85 -20.70 -5.87
CA ILE C 191 37.44 -21.68 -4.96
C ILE C 191 37.05 -23.07 -5.43
N HIS C 192 38.01 -23.99 -5.43
CA HIS C 192 37.82 -25.34 -5.95
C HIS C 192 37.72 -26.34 -4.80
N HIS C 193 36.63 -27.11 -4.78
CA HIS C 193 36.43 -28.19 -3.82
C HIS C 193 36.61 -29.50 -4.56
N SER C 194 37.67 -30.23 -4.22
CA SER C 194 38.02 -31.46 -4.92
C SER C 194 37.08 -32.60 -4.54
N GLY C 195 37.10 -33.65 -5.35
CA GLY C 195 36.23 -34.79 -5.14
C GLY C 195 36.74 -35.84 -4.18
N SER C 196 37.95 -35.68 -3.66
CA SER C 196 38.54 -36.62 -2.71
C SER C 196 39.70 -35.93 -2.01
N THR C 197 40.25 -36.60 -1.00
CA THR C 197 41.42 -36.10 -0.29
C THR C 197 42.73 -36.54 -0.93
N ALA C 198 42.66 -37.38 -1.96
CA ALA C 198 43.84 -37.78 -2.71
C ALA C 198 44.07 -36.93 -3.95
N GLU C 199 42.99 -36.51 -4.62
CA GLU C 199 43.14 -35.60 -5.75
C GLU C 199 43.74 -34.28 -5.34
N GLN C 200 43.38 -33.79 -4.14
CA GLN C 200 43.98 -32.58 -3.61
C GLN C 200 45.49 -32.73 -3.48
N THR C 201 45.94 -33.91 -3.03
CA THR C 201 47.37 -34.18 -2.93
C THR C 201 48.02 -34.27 -4.31
N LYS C 202 47.36 -34.98 -5.24
CA LYS C 202 47.92 -35.16 -6.57
C LYS C 202 48.09 -33.84 -7.30
N LEU C 203 47.14 -32.92 -7.11
CA LEU C 203 47.14 -31.65 -7.85
C LEU C 203 47.93 -30.58 -7.12
N TYR C 204 47.55 -30.29 -5.87
CA TYR C 204 48.05 -29.14 -5.13
C TYR C 204 49.09 -29.53 -4.08
N GLY C 205 49.45 -30.80 -3.98
CA GLY C 205 50.37 -31.25 -2.96
C GLY C 205 49.70 -31.58 -1.64
N SER C 206 50.48 -31.96 -0.63
CA SER C 206 49.97 -32.37 0.66
C SER C 206 50.06 -31.23 1.66
N GLY C 207 49.27 -31.33 2.71
CA GLY C 207 49.23 -30.34 3.77
C GLY C 207 47.95 -29.53 3.75
N ASN C 208 47.88 -28.58 4.67
CA ASN C 208 46.73 -27.70 4.77
C ASN C 208 46.75 -26.66 3.66
N LYS C 209 45.55 -26.20 3.29
CA LYS C 209 45.38 -25.17 2.27
C LYS C 209 44.47 -24.07 2.81
N LEU C 210 44.77 -22.84 2.41
CA LEU C 210 44.03 -21.68 2.92
C LEU C 210 44.27 -20.49 2.02
N VAL C 211 43.20 -19.74 1.73
CA VAL C 211 43.31 -18.50 0.94
C VAL C 211 42.68 -17.37 1.74
N THR C 212 43.15 -16.15 1.48
CA THR C 212 42.62 -14.97 2.14
C THR C 212 42.53 -13.82 1.15
N VAL C 213 41.45 -13.06 1.24
CA VAL C 213 41.19 -11.92 0.36
C VAL C 213 41.03 -10.69 1.23
N GLY C 214 41.74 -9.62 0.89
CA GLY C 214 41.76 -8.43 1.71
C GLY C 214 41.57 -7.18 0.89
N SER C 215 40.87 -6.21 1.48
CA SER C 215 40.68 -4.89 0.92
C SER C 215 40.51 -3.92 2.08
N SER C 216 40.12 -2.69 1.78
CA SER C 216 39.88 -1.71 2.85
C SER C 216 38.57 -2.01 3.58
N ASN C 217 37.52 -2.34 2.83
CA ASN C 217 36.20 -2.63 3.40
C ASN C 217 35.83 -4.10 3.30
N TYR C 218 36.82 -4.98 3.25
CA TYR C 218 36.56 -6.39 3.01
C TYR C 218 37.76 -7.21 3.44
N GLN C 219 37.52 -8.23 4.28
CA GLN C 219 38.55 -9.18 4.64
C GLN C 219 37.87 -10.52 4.92
N GLN C 220 38.30 -11.56 4.20
CA GLN C 220 37.68 -12.87 4.37
C GLN C 220 38.72 -13.96 4.12
N SER C 221 38.41 -15.15 4.62
CA SER C 221 39.26 -16.32 4.47
C SER C 221 38.43 -17.49 3.99
N PHE C 222 39.05 -18.35 3.18
CA PHE C 222 38.39 -19.51 2.62
C PHE C 222 39.32 -20.71 2.68
N VAL C 223 38.71 -21.89 2.84
CA VAL C 223 39.43 -23.15 2.93
C VAL C 223 38.64 -24.24 2.22
N PRO C 224 39.26 -25.02 1.35
CA PRO C 224 38.51 -26.05 0.61
C PRO C 224 38.06 -27.19 1.52
N SER C 225 37.09 -27.95 1.03
CA SER C 225 36.53 -29.08 1.77
C SER C 225 36.34 -30.26 0.82
N PRO C 226 37.36 -31.10 0.67
CA PRO C 226 37.23 -32.25 -0.22
C PRO C 226 36.20 -33.26 0.30
N GLY C 227 35.57 -33.95 -0.64
CA GLY C 227 34.58 -34.96 -0.29
C GLY C 227 33.97 -35.54 -1.54
N ALA C 228 33.19 -36.61 -1.34
CA ALA C 228 32.55 -37.33 -2.43
C ALA C 228 31.12 -36.84 -2.59
N ARG C 229 30.72 -36.56 -3.83
CA ARG C 229 29.39 -36.05 -4.15
C ARG C 229 28.85 -36.80 -5.35
N THR C 230 27.59 -36.51 -5.68
CA THR C 230 26.97 -37.11 -6.85
C THR C 230 27.61 -36.54 -8.13
N GLN C 231 27.61 -37.36 -9.18
CA GLN C 231 28.29 -36.99 -10.41
C GLN C 231 27.39 -36.11 -11.27
N VAL C 232 27.88 -34.93 -11.63
CA VAL C 232 27.22 -34.03 -12.55
C VAL C 232 28.18 -33.75 -13.70
N ASN C 233 27.71 -33.99 -14.93
CA ASN C 233 28.53 -33.84 -16.14
C ASN C 233 29.78 -34.72 -16.08
N GLY C 234 29.71 -35.82 -15.36
CA GLY C 234 30.85 -36.71 -15.23
C GLY C 234 31.92 -36.27 -14.26
N GLN C 235 31.64 -35.27 -13.41
CA GLN C 235 32.60 -34.74 -12.46
C GLN C 235 32.02 -34.79 -11.06
N SER C 236 32.92 -34.84 -10.08
CA SER C 236 32.53 -34.87 -8.67
C SER C 236 32.95 -33.65 -7.88
N GLY C 237 33.88 -32.84 -8.39
CA GLY C 237 34.29 -31.64 -7.71
C GLY C 237 33.34 -30.49 -7.97
N ARG C 238 33.60 -29.38 -7.29
CA ARG C 238 32.76 -28.20 -7.41
C ARG C 238 33.63 -26.94 -7.44
N ILE C 239 33.06 -25.86 -7.97
CA ILE C 239 33.71 -24.56 -8.00
C ILE C 239 32.72 -23.51 -7.50
N ASP C 240 33.15 -22.70 -6.53
CA ASP C 240 32.32 -21.67 -5.95
C ASP C 240 32.86 -20.30 -6.33
N PHE C 241 32.00 -19.44 -6.86
CA PHE C 241 32.39 -18.13 -7.38
C PHE C 241 31.95 -17.05 -6.40
N HIS C 242 32.88 -16.15 -6.07
CA HIS C 242 32.63 -15.02 -5.20
C HIS C 242 32.99 -13.72 -5.94
N TRP C 243 32.34 -12.64 -5.52
CA TRP C 243 32.51 -11.35 -6.19
C TRP C 243 32.52 -10.23 -5.16
N LEU C 244 33.08 -9.09 -5.57
CA LEU C 244 33.10 -7.90 -4.74
C LEU C 244 33.20 -6.68 -5.65
N MET C 245 32.86 -5.52 -5.07
CA MET C 245 32.87 -4.25 -5.76
C MET C 245 33.95 -3.36 -5.16
N LEU C 246 34.67 -2.64 -6.03
CA LEU C 246 35.84 -1.87 -5.64
C LEU C 246 35.58 -0.39 -5.85
N ASN C 247 35.79 0.40 -4.80
CA ASN C 247 35.68 1.84 -4.91
C ASN C 247 36.84 2.36 -5.76
N PRO C 248 36.63 3.48 -6.48
CA PRO C 248 37.54 3.83 -7.59
C PRO C 248 38.87 4.46 -7.19
N ASN C 249 39.37 4.10 -6.01
CA ASN C 249 40.75 4.48 -5.71
C ASN C 249 41.49 3.44 -4.89
N ASP C 250 40.91 2.27 -4.65
CA ASP C 250 41.36 1.34 -3.62
C ASP C 250 42.30 0.29 -4.19
N THR C 251 42.61 -0.72 -3.35
CA THR C 251 43.48 -1.83 -3.72
C THR C 251 42.92 -3.13 -3.16
N VAL C 252 43.16 -4.23 -3.87
CA VAL C 252 42.73 -5.57 -3.47
C VAL C 252 43.94 -6.48 -3.44
N THR C 253 44.02 -7.33 -2.39
CA THR C 253 45.14 -8.24 -2.20
C THR C 253 44.63 -9.66 -2.03
N PHE C 254 45.26 -10.60 -2.74
CA PHE C 254 44.98 -12.02 -2.61
C PHE C 254 46.22 -12.73 -2.09
N SER C 255 46.07 -13.46 -0.99
CA SER C 255 47.15 -14.30 -0.47
C SER C 255 46.69 -15.75 -0.52
N PHE C 256 47.51 -16.64 -1.08
CA PHE C 256 47.05 -18.01 -1.24
C PHE C 256 48.21 -18.98 -1.24
N ASN C 257 47.87 -20.23 -0.89
CA ASN C 257 48.77 -21.37 -1.00
C ASN C 257 48.22 -22.45 -1.91
N GLY C 258 46.90 -22.50 -2.11
CA GLY C 258 46.30 -23.45 -3.04
C GLY C 258 44.81 -23.17 -3.13
N ALA C 259 44.16 -23.90 -4.03
CA ALA C 259 42.72 -23.81 -4.24
C ALA C 259 42.30 -22.40 -4.63
N PHE C 260 42.86 -21.93 -5.74
CA PHE C 260 42.58 -20.59 -6.24
C PHE C 260 42.33 -20.64 -7.74
N ILE C 261 41.27 -19.96 -8.18
CA ILE C 261 40.98 -19.76 -9.59
C ILE C 261 41.16 -18.27 -9.84
N ALA C 262 42.30 -17.89 -10.43
CA ALA C 262 42.67 -16.48 -10.48
C ALA C 262 41.89 -15.74 -11.55
N PRO C 263 41.47 -14.51 -11.27
CA PRO C 263 40.85 -13.68 -12.32
C PRO C 263 41.89 -13.17 -13.29
N ASP C 264 41.42 -12.68 -14.44
CA ASP C 264 42.32 -12.22 -15.48
C ASP C 264 41.93 -10.82 -15.97
N ARG C 265 40.65 -10.46 -15.85
CA ARG C 265 40.18 -9.17 -16.31
C ARG C 265 39.12 -8.64 -15.36
N ALA C 266 38.97 -7.31 -15.36
CA ALA C 266 38.01 -6.62 -14.51
C ALA C 266 36.96 -5.94 -15.38
N SER C 267 35.75 -5.80 -14.84
CA SER C 267 34.60 -5.33 -15.60
C SER C 267 34.14 -3.98 -15.09
N PHE C 268 33.71 -3.12 -16.01
CA PHE C 268 33.15 -1.81 -15.71
C PHE C 268 31.83 -1.66 -16.43
N LEU C 269 30.84 -1.09 -15.75
CA LEU C 269 29.54 -0.87 -16.35
C LEU C 269 29.55 0.36 -17.24
N ARG C 270 28.48 0.52 -18.02
CA ARG C 270 28.37 1.66 -18.93
C ARG C 270 26.90 1.90 -19.25
N GLY C 271 26.39 3.08 -18.87
CA GLY C 271 25.04 3.45 -19.25
C GLY C 271 23.97 2.83 -18.37
N LYS C 272 22.78 2.70 -18.94
CA LYS C 272 21.64 2.11 -18.24
C LYS C 272 20.71 1.46 -19.27
N SER C 273 19.92 0.50 -18.81
CA SER C 273 19.03 -0.26 -19.67
C SER C 273 17.98 -0.95 -18.81
N MET C 274 17.22 -1.86 -19.42
CA MET C 274 16.20 -2.65 -18.75
C MET C 274 16.30 -4.10 -19.20
N GLY C 275 15.83 -5.00 -18.35
CA GLY C 275 15.88 -6.42 -18.65
C GLY C 275 14.57 -7.11 -18.33
N ILE C 276 14.21 -8.08 -19.18
CA ILE C 276 12.98 -8.84 -19.05
C ILE C 276 13.27 -10.31 -19.29
N GLN C 277 12.31 -11.16 -18.90
CA GLN C 277 12.34 -12.58 -19.21
C GLN C 277 11.07 -12.92 -20.00
N SER C 278 11.25 -13.58 -21.15
CA SER C 278 10.14 -13.83 -22.04
C SER C 278 10.39 -15.14 -22.78
N GLY C 279 9.42 -15.51 -23.62
CA GLY C 279 9.49 -16.75 -24.38
C GLY C 279 8.93 -16.63 -25.78
N VAL C 280 8.82 -15.42 -26.30
CA VAL C 280 8.30 -15.17 -27.63
C VAL C 280 9.37 -14.47 -28.47
N GLN C 281 9.09 -14.33 -29.76
CA GLN C 281 10.06 -13.81 -30.71
C GLN C 281 10.10 -12.28 -30.61
N VAL C 282 10.86 -11.65 -31.51
CA VAL C 282 11.14 -10.22 -31.46
C VAL C 282 10.67 -9.58 -32.76
N ASP C 283 9.94 -8.48 -32.65
CA ASP C 283 9.45 -7.72 -33.80
C ASP C 283 10.13 -6.35 -33.83
N ALA C 284 10.72 -6.00 -34.95
CA ALA C 284 11.47 -4.75 -35.10
C ALA C 284 10.63 -3.61 -35.64
N ASP C 285 9.36 -3.83 -35.94
CA ASP C 285 8.46 -2.79 -36.44
C ASP C 285 7.30 -2.69 -35.44
N CYS C 286 7.48 -1.88 -34.41
CA CYS C 286 6.55 -1.78 -33.31
C CYS C 286 6.92 -0.57 -32.46
N GLU C 287 6.11 -0.31 -31.43
CA GLU C 287 6.43 0.68 -30.41
C GLU C 287 5.73 0.25 -29.14
N GLY C 288 6.48 0.03 -28.06
CA GLY C 288 5.88 -0.40 -26.82
C GLY C 288 6.72 -0.01 -25.62
N ASP C 289 6.07 0.02 -24.46
CA ASP C 289 6.75 0.34 -23.22
C ASP C 289 6.36 -0.55 -22.05
N CYS C 290 5.43 -1.49 -22.24
CA CYS C 290 4.97 -2.38 -21.18
C CYS C 290 5.16 -3.81 -21.66
N TYR C 291 6.06 -4.55 -21.01
CA TYR C 291 6.38 -5.91 -21.40
C TYR C 291 6.03 -6.88 -20.28
N TYR C 292 5.71 -8.11 -20.67
CA TYR C 292 5.58 -9.21 -19.73
C TYR C 292 6.01 -10.49 -20.46
N SER C 293 5.86 -11.63 -19.81
CA SER C 293 6.39 -12.87 -20.36
C SER C 293 5.60 -13.42 -21.52
N GLY C 294 4.64 -12.69 -22.09
CA GLY C 294 3.87 -13.23 -23.20
C GLY C 294 3.74 -12.30 -24.38
N GLY C 295 4.24 -11.08 -24.24
CA GLY C 295 4.16 -10.13 -25.33
C GLY C 295 4.21 -8.70 -24.80
N THR C 296 3.54 -7.81 -25.52
CA THR C 296 3.51 -6.39 -25.21
C THR C 296 2.07 -5.94 -24.98
N ILE C 297 1.91 -4.92 -24.15
CA ILE C 297 0.61 -4.32 -23.85
C ILE C 297 0.62 -2.89 -24.37
N ILE C 298 -0.24 -2.62 -25.36
CA ILE C 298 -0.34 -1.30 -25.98
C ILE C 298 -1.78 -0.84 -25.85
N SER C 299 -2.01 0.10 -24.93
CA SER C 299 -3.36 0.60 -24.71
C SER C 299 -3.29 1.95 -24.01
N ASN C 300 -4.40 2.68 -24.08
CA ASN C 300 -4.56 3.93 -23.34
C ASN C 300 -5.50 3.81 -22.16
N LEU C 301 -6.14 2.67 -21.96
CA LEU C 301 -7.04 2.48 -20.84
C LEU C 301 -6.27 2.49 -19.53
N PRO C 302 -6.89 2.96 -18.44
CA PRO C 302 -6.17 3.08 -17.18
C PRO C 302 -5.99 1.79 -16.41
N PHE C 303 -6.67 0.70 -16.79
CA PHE C 303 -6.59 -0.56 -16.06
C PHE C 303 -6.30 -1.70 -17.02
N GLN C 304 -5.70 -2.76 -16.47
CA GLN C 304 -5.38 -3.97 -17.23
C GLN C 304 -5.69 -5.19 -16.38
N ASN C 305 -5.98 -6.30 -17.06
CA ASN C 305 -6.30 -7.56 -16.40
C ASN C 305 -5.61 -8.72 -17.10
N ILE C 306 -4.33 -8.55 -17.42
CA ILE C 306 -3.55 -9.56 -18.14
C ILE C 306 -2.53 -10.22 -17.23
N ASP C 307 -1.59 -9.46 -16.68
CA ASP C 307 -0.56 -10.00 -15.82
C ASP C 307 -0.27 -9.00 -14.69
N SER C 308 0.13 -9.53 -13.54
CA SER C 308 0.40 -8.71 -12.37
C SER C 308 1.88 -8.43 -12.17
N ARG C 309 2.75 -8.96 -13.02
CA ARG C 309 4.19 -8.77 -12.91
C ARG C 309 4.77 -8.12 -14.16
N ALA C 310 4.01 -7.22 -14.77
CA ALA C 310 4.51 -6.49 -15.92
C ALA C 310 5.51 -5.43 -15.49
N VAL C 311 6.41 -5.07 -16.41
CA VAL C 311 7.47 -4.11 -16.13
C VAL C 311 7.47 -3.03 -17.20
N GLY C 312 7.94 -1.84 -16.81
CA GLY C 312 7.95 -0.70 -17.71
C GLY C 312 6.96 0.37 -17.29
N LYS C 313 6.32 1.01 -18.26
CA LYS C 313 5.26 1.98 -18.00
C LYS C 313 3.94 1.31 -18.34
N CYS C 314 3.23 0.83 -17.32
CA CYS C 314 2.08 -0.03 -17.49
C CYS C 314 0.88 0.52 -16.75
N PRO C 315 -0.33 0.18 -17.18
CA PRO C 315 -1.52 0.54 -16.41
C PRO C 315 -1.62 -0.27 -15.13
N ARG C 316 -2.58 0.10 -14.29
CA ARG C 316 -2.78 -0.57 -13.02
C ARG C 316 -3.51 -1.89 -13.22
N TYR C 317 -3.20 -2.85 -12.34
CA TYR C 317 -3.75 -4.19 -12.42
C TYR C 317 -4.92 -4.34 -11.47
N VAL C 318 -6.04 -4.88 -11.99
CA VAL C 318 -7.25 -5.10 -11.21
C VAL C 318 -7.73 -6.52 -11.44
N LYS C 319 -8.59 -6.99 -10.54
CA LYS C 319 -9.11 -8.35 -10.63
C LYS C 319 -10.39 -8.45 -11.44
N GLN C 320 -11.14 -7.37 -11.59
CA GLN C 320 -12.38 -7.42 -12.35
C GLN C 320 -12.11 -7.62 -13.83
N ARG C 321 -13.08 -8.24 -14.51
CA ARG C 321 -12.94 -8.54 -15.92
C ARG C 321 -13.48 -7.43 -16.82
N SER C 322 -14.44 -6.65 -16.35
CA SER C 322 -15.04 -5.61 -17.17
C SER C 322 -15.63 -4.53 -16.28
N LEU C 323 -15.54 -3.28 -16.74
CA LEU C 323 -16.11 -2.14 -16.04
C LEU C 323 -16.53 -1.11 -17.08
N LEU C 324 -17.83 -0.91 -17.24
CA LEU C 324 -18.37 -0.06 -18.29
C LEU C 324 -18.62 1.34 -17.76
N LEU C 325 -18.31 2.34 -18.59
CA LEU C 325 -18.50 3.74 -18.27
C LEU C 325 -19.56 4.33 -19.19
N ALA C 326 -20.54 5.01 -18.61
CA ALA C 326 -21.67 5.54 -19.37
C ALA C 326 -21.25 6.72 -20.25
N THR C 327 -21.96 6.87 -21.37
CA THR C 327 -21.62 7.91 -22.34
C THR C 327 -22.89 8.58 -22.89
N GLY C 328 -24.04 8.28 -22.30
CA GLY C 328 -25.29 8.86 -22.77
C GLY C 328 -26.32 8.88 -21.66
N MET C 329 -27.52 9.33 -22.01
CA MET C 329 -28.59 9.47 -21.04
C MET C 329 -29.30 8.12 -20.84
N LYS C 330 -30.32 8.13 -19.98
CA LYS C 330 -31.11 6.93 -19.77
C LYS C 330 -31.94 6.62 -21.01
N ASN C 331 -32.17 5.33 -21.25
CA ASN C 331 -32.88 4.86 -22.43
C ASN C 331 -34.33 4.53 -22.05
N VAL C 332 -35.27 5.23 -22.67
CA VAL C 332 -36.69 4.97 -22.46
C VAL C 332 -37.33 4.69 -23.82
N PRO C 333 -37.38 3.43 -24.25
CA PRO C 333 -37.91 3.13 -25.58
C PRO C 333 -39.42 3.35 -25.66
N GLU C 334 -39.87 3.60 -26.89
CA GLU C 334 -41.29 3.78 -27.14
C GLU C 334 -42.05 2.48 -26.91
N ILE C 335 -43.23 2.58 -26.32
CA ILE C 335 -44.04 1.41 -26.03
C ILE C 335 -45.53 1.77 -26.06
N GLY D 1 -23.37 25.77 -12.71
CA GLY D 1 -24.08 24.73 -12.00
C GLY D 1 -25.19 24.11 -12.82
N LEU D 2 -25.92 23.17 -12.21
CA LEU D 2 -27.03 22.49 -12.87
C LEU D 2 -28.39 22.97 -12.40
N PHE D 3 -28.48 24.21 -11.92
CA PHE D 3 -29.74 24.84 -11.60
C PHE D 3 -30.08 26.00 -12.51
N GLY D 4 -29.14 26.45 -13.33
CA GLY D 4 -29.40 27.47 -14.34
C GLY D 4 -29.77 28.83 -13.81
N ALA D 5 -29.14 29.28 -12.73
CA ALA D 5 -29.34 30.63 -12.20
C ALA D 5 -28.09 31.48 -12.34
N ILE D 6 -26.96 31.03 -11.81
CA ILE D 6 -25.70 31.72 -12.02
C ILE D 6 -25.15 31.28 -13.38
N ALA D 7 -24.82 32.27 -14.21
CA ALA D 7 -24.46 32.04 -15.62
C ALA D 7 -25.59 31.35 -16.38
N GLY D 8 -26.83 31.59 -15.94
CA GLY D 8 -28.00 31.04 -16.61
C GLY D 8 -28.85 32.14 -17.22
N PHE D 9 -30.01 32.42 -16.62
CA PHE D 9 -30.84 33.53 -17.06
C PHE D 9 -30.46 34.84 -16.38
N ILE D 10 -29.47 34.83 -15.49
CA ILE D 10 -28.90 36.05 -14.93
C ILE D 10 -27.60 36.32 -15.67
N GLU D 11 -27.53 37.45 -16.36
CA GLU D 11 -26.48 37.66 -17.34
C GLU D 11 -25.10 37.80 -16.69
N ASN D 12 -24.99 38.65 -15.66
CA ASN D 12 -23.69 38.92 -15.07
C ASN D 12 -23.87 39.38 -13.64
N GLY D 13 -22.76 39.36 -12.90
CA GLY D 13 -22.75 39.79 -11.51
C GLY D 13 -22.53 41.28 -11.36
N TRP D 14 -22.60 41.73 -10.12
CA TRP D 14 -22.43 43.13 -9.77
C TRP D 14 -21.12 43.31 -9.01
N GLU D 15 -20.30 44.26 -9.46
CA GLU D 15 -19.06 44.57 -8.78
C GLU D 15 -19.21 45.61 -7.68
N GLY D 16 -20.37 46.24 -7.56
CA GLY D 16 -20.65 47.19 -6.51
C GLY D 16 -21.14 46.60 -5.21
N LEU D 17 -21.39 45.28 -5.18
CA LEU D 17 -21.87 44.61 -3.99
C LEU D 17 -20.66 44.14 -3.19
N ILE D 18 -20.43 44.74 -2.02
CA ILE D 18 -19.25 44.46 -1.22
C ILE D 18 -19.56 43.92 0.17
N ASP D 19 -20.83 43.90 0.57
CA ASP D 19 -21.22 43.46 1.91
C ASP D 19 -22.15 42.26 1.85
N GLY D 20 -21.85 41.31 0.98
CA GLY D 20 -22.65 40.11 0.89
C GLY D 20 -22.45 39.43 -0.45
N TRP D 21 -23.07 38.27 -0.58
CA TRP D 21 -23.01 37.49 -1.80
C TRP D 21 -24.26 37.63 -2.67
N TYR D 22 -25.40 37.98 -2.07
CA TYR D 22 -26.64 38.17 -2.79
C TYR D 22 -27.31 39.44 -2.28
N GLY D 23 -28.14 40.04 -3.13
CA GLY D 23 -28.78 41.28 -2.72
C GLY D 23 -29.88 41.67 -3.69
N PHE D 24 -30.58 42.74 -3.33
CA PHE D 24 -31.68 43.29 -4.11
C PHE D 24 -31.27 44.62 -4.72
N ARG D 25 -31.97 45.00 -5.79
CA ARG D 25 -31.78 46.30 -6.42
C ARG D 25 -33.14 46.78 -6.91
N HIS D 26 -33.59 47.90 -6.38
CA HIS D 26 -34.94 48.40 -6.63
C HIS D 26 -34.90 49.79 -7.26
N GLN D 27 -35.94 50.09 -8.02
CA GLN D 27 -36.11 51.40 -8.66
C GLN D 27 -37.59 51.75 -8.68
N ASN D 28 -37.92 52.94 -8.21
CA ASN D 28 -39.29 53.43 -8.21
C ASN D 28 -39.26 54.92 -8.54
N ALA D 29 -40.38 55.60 -8.29
CA ALA D 29 -40.48 57.03 -8.61
C ALA D 29 -39.47 57.85 -7.82
N GLN D 30 -39.28 57.52 -6.54
CA GLN D 30 -38.36 58.31 -5.71
C GLN D 30 -36.92 58.18 -6.19
N GLY D 31 -36.50 56.98 -6.56
CA GLY D 31 -35.13 56.80 -7.02
C GLY D 31 -34.74 55.33 -7.07
N GLU D 32 -33.45 55.08 -6.90
CA GLU D 32 -32.89 53.74 -6.93
C GLU D 32 -32.33 53.37 -5.57
N GLY D 33 -32.13 52.07 -5.35
CA GLY D 33 -31.60 51.60 -4.10
C GLY D 33 -31.07 50.19 -4.20
N THR D 34 -30.15 49.86 -3.30
CA THR D 34 -29.51 48.56 -3.25
C THR D 34 -29.43 48.09 -1.80
N ALA D 35 -29.41 46.77 -1.62
CA ALA D 35 -29.29 46.18 -0.29
C ALA D 35 -28.64 44.81 -0.45
N ALA D 36 -28.63 44.04 0.64
CA ALA D 36 -28.01 42.73 0.65
C ALA D 36 -28.81 41.79 1.54
N ASP D 37 -28.68 40.49 1.26
CA ASP D 37 -29.33 39.45 2.04
C ASP D 37 -28.33 38.81 3.00
N TYR D 38 -28.86 38.24 4.07
CA TYR D 38 -28.05 37.72 5.17
C TYR D 38 -28.09 36.21 5.32
N LYS D 39 -29.23 35.58 5.10
CA LYS D 39 -29.37 34.16 5.39
C LYS D 39 -28.58 33.30 4.41
N SER D 40 -28.73 33.56 3.11
CA SER D 40 -28.07 32.73 2.11
C SER D 40 -26.55 32.85 2.19
N THR D 41 -26.05 34.08 2.38
CA THR D 41 -24.62 34.30 2.57
C THR D 41 -24.12 33.50 3.77
N GLN D 42 -24.87 33.53 4.87
CA GLN D 42 -24.47 32.80 6.06
C GLN D 42 -24.42 31.30 5.80
N SER D 43 -25.42 30.77 5.09
CA SER D 43 -25.43 29.33 4.82
C SER D 43 -24.23 28.92 3.97
N ALA D 44 -23.95 29.67 2.91
CA ALA D 44 -22.83 29.33 2.03
C ALA D 44 -21.52 29.41 2.80
N ILE D 45 -21.32 30.48 3.55
CA ILE D 45 -20.08 30.65 4.32
C ILE D 45 -19.95 29.53 5.35
N ASP D 46 -21.05 29.16 6.00
CA ASP D 46 -21.01 28.12 7.02
C ASP D 46 -20.56 26.80 6.43
N CYS D 47 -21.12 26.39 5.29
CA CYS D 47 -20.74 25.08 4.79
C CYS D 47 -19.35 25.09 4.18
N ILE D 48 -18.92 26.24 3.62
CA ILE D 48 -17.54 26.35 3.16
C ILE D 48 -16.57 26.19 4.32
N THR D 49 -16.84 26.87 5.43
CA THR D 49 -15.97 26.75 6.60
C THR D 49 -16.01 25.33 7.17
N GLY D 50 -17.16 24.67 7.10
CA GLY D 50 -17.23 23.29 7.52
C GLY D 50 -16.33 22.38 6.69
N LYS D 51 -16.34 22.58 5.37
CA LYS D 51 -15.42 21.83 4.51
C LYS D 51 -13.98 22.09 4.90
N LEU D 52 -13.62 23.36 5.10
CA LEU D 52 -12.24 23.70 5.43
C LEU D 52 -11.81 23.07 6.74
N ASN D 53 -12.69 23.10 7.75
CA ASN D 53 -12.38 22.49 9.04
C ASN D 53 -12.23 20.97 8.91
N ARG D 54 -13.11 20.33 8.14
CA ARG D 54 -13.02 18.89 7.97
C ARG D 54 -11.75 18.48 7.22
N LEU D 55 -11.20 19.38 6.39
CA LEU D 55 -10.03 19.01 5.61
C LEU D 55 -8.74 18.99 6.44
N ILE D 56 -8.61 19.87 7.42
CA ILE D 56 -7.33 20.07 8.10
C ILE D 56 -7.21 19.19 9.34
N GLU D 57 -8.09 18.20 9.47
CA GLU D 57 -8.02 17.28 10.60
C GLU D 57 -6.72 16.48 10.55
N LYS D 58 -6.09 16.30 11.71
CA LYS D 58 -4.75 15.74 11.81
C LYS D 58 -4.84 14.36 12.46
N THR D 59 -4.23 13.37 11.80
CA THR D 59 -4.12 12.02 12.33
C THR D 59 -2.73 11.82 12.92
N ASN D 60 -2.68 11.23 14.11
CA ASN D 60 -1.44 11.10 14.88
C ASN D 60 -0.86 9.71 14.64
N GLN D 61 0.20 9.64 13.83
CA GLN D 61 0.96 8.41 13.64
C GLN D 61 2.42 8.78 13.44
N GLN D 62 3.30 7.95 14.00
CA GLN D 62 4.74 8.22 14.01
C GLN D 62 5.47 7.17 13.18
N PHE D 63 6.43 7.63 12.39
CA PHE D 63 7.24 6.77 11.55
C PHE D 63 8.72 7.02 11.83
N GLU D 64 9.55 6.03 11.52
CA GLU D 64 10.97 6.07 11.81
C GLU D 64 11.77 5.66 10.59
N LEU D 65 13.09 5.68 10.71
CA LEU D 65 13.99 5.35 9.62
C LEU D 65 14.13 3.84 9.46
N ILE D 66 14.37 3.41 8.22
CA ILE D 66 14.57 2.00 7.94
C ILE D 66 15.81 1.81 7.07
N ASP D 67 16.36 2.91 6.55
CA ASP D 67 17.56 2.85 5.73
C ASP D 67 18.49 3.98 6.13
N ASN D 68 19.70 3.94 5.59
CA ASN D 68 20.77 4.89 5.93
C ASN D 68 21.23 5.61 4.67
N GLU D 69 21.47 6.91 4.79
CA GLU D 69 21.94 7.72 3.67
C GLU D 69 23.42 8.06 3.76
N PHE D 70 24.11 7.59 4.79
CA PHE D 70 25.56 7.77 4.90
C PHE D 70 26.32 6.52 4.47
N THR D 71 25.91 5.35 4.95
CA THR D 71 26.43 4.07 4.51
C THR D 71 25.28 3.24 3.97
N GLU D 72 25.46 2.71 2.76
CA GLU D 72 24.37 2.01 2.10
C GLU D 72 24.11 0.65 2.74
N VAL D 73 22.94 0.09 2.44
CA VAL D 73 22.52 -1.20 2.96
C VAL D 73 22.62 -2.23 1.84
N GLU D 74 22.38 -3.49 2.20
CA GLU D 74 22.43 -4.57 1.23
C GLU D 74 21.42 -4.33 0.11
N LYS D 75 21.82 -4.70 -1.12
CA LYS D 75 21.05 -4.33 -2.29
C LYS D 75 19.67 -4.98 -2.31
N GLN D 76 19.59 -6.26 -1.93
CA GLN D 76 18.36 -7.01 -2.10
C GLN D 76 17.22 -6.46 -1.25
N ILE D 77 17.53 -5.95 -0.06
CA ILE D 77 16.48 -5.39 0.80
C ILE D 77 16.19 -3.94 0.43
N GLY D 78 17.22 -3.19 -0.01
CA GLY D 78 16.99 -1.82 -0.43
C GLY D 78 16.09 -1.73 -1.64
N ASN D 79 16.23 -2.69 -2.57
CA ASN D 79 15.35 -2.71 -3.73
C ASN D 79 13.90 -2.89 -3.30
N VAL D 80 13.64 -3.79 -2.35
CA VAL D 80 12.28 -4.02 -1.86
C VAL D 80 11.74 -2.76 -1.20
N ILE D 81 12.57 -2.09 -0.39
CA ILE D 81 12.12 -0.89 0.30
C ILE D 81 11.75 0.20 -0.72
N ASN D 82 12.60 0.40 -1.72
CA ASN D 82 12.32 1.41 -2.74
C ASN D 82 11.05 1.06 -3.52
N TRP D 83 10.86 -0.23 -3.83
CA TRP D 83 9.67 -0.66 -4.54
C TRP D 83 8.41 -0.35 -3.75
N THR D 84 8.42 -0.65 -2.45
CA THR D 84 7.24 -0.39 -1.62
C THR D 84 6.94 1.10 -1.53
N ARG D 85 7.97 1.93 -1.33
CA ARG D 85 7.75 3.37 -1.25
C ARG D 85 7.16 3.92 -2.54
N ASP D 86 7.71 3.49 -3.69
CA ASP D 86 7.17 3.94 -4.97
C ASP D 86 5.75 3.47 -5.17
N SER D 87 5.40 2.29 -4.64
CA SER D 87 4.02 1.83 -4.73
C SER D 87 3.07 2.73 -3.94
N ILE D 88 3.48 3.15 -2.74
CA ILE D 88 2.59 3.94 -1.89
C ILE D 88 2.38 5.34 -2.47
N THR D 89 3.42 5.92 -3.06
CA THR D 89 3.34 7.31 -3.51
C THR D 89 2.22 7.51 -4.53
N GLU D 90 2.08 6.58 -5.47
CA GLU D 90 1.06 6.72 -6.51
C GLU D 90 -0.34 6.73 -5.93
N VAL D 91 -0.59 5.83 -4.96
CA VAL D 91 -1.89 5.78 -4.30
C VAL D 91 -2.21 7.11 -3.67
N TRP D 92 -1.26 7.68 -2.93
CA TRP D 92 -1.56 8.94 -2.25
C TRP D 92 -1.82 10.07 -3.24
N SER D 93 -1.03 10.13 -4.33
CA SER D 93 -1.24 11.20 -5.31
C SER D 93 -2.62 11.09 -5.96
N TYR D 94 -3.02 9.87 -6.33
CA TYR D 94 -4.35 9.68 -6.93
C TYR D 94 -5.45 10.09 -5.98
N ASN D 95 -5.32 9.72 -4.70
CA ASN D 95 -6.34 10.10 -3.71
C ASN D 95 -6.47 11.61 -3.60
N ALA D 96 -5.33 12.32 -3.54
CA ALA D 96 -5.39 13.77 -3.42
C ALA D 96 -6.09 14.41 -4.62
N GLU D 97 -5.74 13.96 -5.83
CA GLU D 97 -6.35 14.54 -7.02
C GLU D 97 -7.86 14.32 -7.02
N LEU D 98 -8.30 13.10 -6.71
CA LEU D 98 -9.73 12.81 -6.73
C LEU D 98 -10.48 13.66 -5.71
N LEU D 99 -9.94 13.77 -4.49
CA LEU D 99 -10.63 14.54 -3.46
C LEU D 99 -10.80 16.00 -3.87
N VAL D 100 -9.72 16.61 -4.38
CA VAL D 100 -9.80 18.01 -4.76
C VAL D 100 -10.84 18.22 -5.86
N ALA D 101 -10.83 17.33 -6.87
CA ALA D 101 -11.80 17.47 -7.96
C ALA D 101 -13.24 17.38 -7.45
N MET D 102 -13.50 16.42 -6.56
CA MET D 102 -14.86 16.25 -6.04
C MET D 102 -15.34 17.50 -5.30
N GLU D 103 -14.50 18.03 -4.41
CA GLU D 103 -14.93 19.19 -3.62
C GLU D 103 -15.17 20.40 -4.53
N ASN D 104 -14.28 20.61 -5.51
CA ASN D 104 -14.45 21.73 -6.43
C ASN D 104 -15.74 21.59 -7.22
N GLN D 105 -16.10 20.35 -7.59
CA GLN D 105 -17.37 20.15 -8.29
C GLN D 105 -18.57 20.48 -7.41
N HIS D 106 -18.51 20.11 -6.13
CA HIS D 106 -19.69 20.27 -5.26
C HIS D 106 -19.97 21.74 -4.93
N THR D 107 -18.91 22.53 -4.72
CA THR D 107 -19.11 23.89 -4.18
C THR D 107 -19.98 24.76 -5.11
N ILE D 108 -19.69 24.72 -6.41
CA ILE D 108 -20.38 25.60 -7.36
C ILE D 108 -21.86 25.27 -7.41
N ASP D 109 -22.20 23.99 -7.42
CA ASP D 109 -23.60 23.59 -7.43
C ASP D 109 -24.30 24.04 -6.15
N LEU D 110 -23.62 23.97 -5.01
CA LEU D 110 -24.22 24.47 -3.78
C LEU D 110 -24.58 25.95 -3.90
N ALA D 111 -23.64 26.75 -4.41
CA ALA D 111 -23.91 28.19 -4.54
C ALA D 111 -25.06 28.46 -5.50
N ASP D 112 -25.10 27.74 -6.63
CA ASP D 112 -26.19 27.92 -7.59
C ASP D 112 -27.54 27.59 -6.97
N SER D 113 -27.59 26.50 -6.19
CA SER D 113 -28.84 26.13 -5.53
C SER D 113 -29.29 27.21 -4.55
N GLU D 114 -28.36 27.80 -3.82
CA GLU D 114 -28.73 28.89 -2.91
C GLU D 114 -29.35 30.06 -3.66
N MET D 115 -28.73 30.45 -4.78
CA MET D 115 -29.29 31.56 -5.56
C MET D 115 -30.69 31.22 -6.08
N ASP D 116 -30.89 30.00 -6.57
CA ASP D 116 -32.20 29.62 -7.09
C ASP D 116 -33.26 29.65 -6.00
N LYS D 117 -32.92 29.15 -4.80
CA LYS D 117 -33.87 29.17 -3.70
C LYS D 117 -34.25 30.60 -3.32
N LEU D 118 -33.27 31.50 -3.28
CA LEU D 118 -33.57 32.90 -2.97
C LEU D 118 -34.52 33.49 -4.00
N TYR D 119 -34.30 33.20 -5.29
CA TYR D 119 -35.19 33.71 -6.31
C TYR D 119 -36.61 33.16 -6.15
N GLU D 120 -36.73 31.85 -5.91
CA GLU D 120 -38.05 31.23 -5.82
C GLU D 120 -38.85 31.75 -4.63
N ARG D 121 -38.18 32.02 -3.50
CA ARG D 121 -38.90 32.55 -2.35
C ARG D 121 -39.57 33.88 -2.67
N VAL D 122 -38.82 34.80 -3.30
CA VAL D 122 -39.40 36.09 -3.64
C VAL D 122 -40.49 35.93 -4.68
N LYS D 123 -40.32 35.00 -5.62
CA LYS D 123 -41.39 34.78 -6.60
C LYS D 123 -42.68 34.31 -5.93
N ARG D 124 -42.56 33.42 -4.95
CA ARG D 124 -43.74 32.95 -4.22
C ARG D 124 -44.36 34.06 -3.38
N GLN D 125 -43.54 34.96 -2.84
CA GLN D 125 -44.08 36.00 -1.96
C GLN D 125 -45.08 36.89 -2.70
N LEU D 126 -44.74 37.30 -3.92
CA LEU D 126 -45.62 38.16 -4.72
C LEU D 126 -46.47 37.28 -5.61
N ARG D 127 -47.66 36.91 -5.12
CA ARG D 127 -48.59 36.11 -5.89
C ARG D 127 -49.58 37.01 -6.61
N GLU D 128 -49.81 36.71 -7.89
CA GLU D 128 -50.84 37.35 -8.73
C GLU D 128 -50.83 38.88 -8.60
N ASN D 129 -49.68 39.46 -8.26
CA ASN D 129 -49.52 40.90 -8.19
C ASN D 129 -48.36 41.42 -9.03
N ALA D 130 -47.45 40.55 -9.46
CA ALA D 130 -46.29 40.96 -10.24
C ALA D 130 -46.13 40.01 -11.42
N GLU D 131 -45.35 40.46 -12.40
CA GLU D 131 -45.12 39.70 -13.62
C GLU D 131 -43.61 39.51 -13.83
N GLU D 132 -43.25 38.31 -14.28
CA GLU D 132 -41.88 37.96 -14.59
C GLU D 132 -41.50 38.47 -15.97
N ASP D 133 -40.23 38.85 -16.12
CA ASP D 133 -39.72 39.31 -17.40
C ASP D 133 -38.71 38.35 -18.05
N GLY D 134 -38.17 37.40 -17.29
CA GLY D 134 -37.28 36.40 -17.84
C GLY D 134 -35.80 36.66 -17.61
N THR D 135 -35.43 37.77 -16.98
CA THR D 135 -34.04 38.09 -16.72
C THR D 135 -33.72 38.20 -15.24
N GLY D 136 -34.59 37.69 -14.38
CA GLY D 136 -34.41 37.82 -12.95
C GLY D 136 -35.04 39.06 -12.35
N CYS D 137 -35.92 39.74 -13.06
CA CYS D 137 -36.49 41.01 -12.62
C CYS D 137 -38.01 40.86 -12.57
N PHE D 138 -38.64 41.61 -11.68
CA PHE D 138 -40.10 41.58 -11.53
C PHE D 138 -40.69 42.94 -11.85
N GLU D 139 -41.91 42.94 -12.39
CA GLU D 139 -42.65 44.16 -12.66
C GLU D 139 -43.90 44.17 -11.80
N ILE D 140 -44.09 45.23 -11.02
CA ILE D 140 -45.21 45.37 -10.11
C ILE D 140 -46.26 46.27 -10.73
N PHE D 141 -47.52 45.85 -10.66
CA PHE D 141 -48.62 46.54 -11.33
C PHE D 141 -49.29 47.59 -10.47
N HIS D 142 -48.79 47.85 -9.26
CA HIS D 142 -49.36 48.89 -8.43
C HIS D 142 -48.27 49.87 -7.97
N LYS D 143 -48.61 50.80 -7.10
CA LYS D 143 -47.66 51.79 -6.60
C LYS D 143 -46.99 51.25 -5.35
N CYS D 144 -45.66 51.17 -5.38
CA CYS D 144 -44.89 50.55 -4.30
C CYS D 144 -43.73 51.48 -3.96
N ASP D 145 -43.82 52.12 -2.80
CA ASP D 145 -42.81 53.10 -2.37
C ASP D 145 -41.74 52.41 -1.53
N ASP D 146 -40.91 53.22 -0.85
CA ASP D 146 -39.78 52.68 -0.11
C ASP D 146 -40.22 51.75 1.01
N ASP D 147 -41.29 52.11 1.72
CA ASP D 147 -41.79 51.23 2.77
C ASP D 147 -42.26 49.90 2.19
N CYS D 148 -42.92 49.95 1.03
CA CYS D 148 -43.34 48.72 0.35
C CYS D 148 -42.15 47.85 -0.02
N MET D 149 -41.10 48.46 -0.57
CA MET D 149 -39.91 47.69 -0.93
C MET D 149 -39.25 47.08 0.30
N ALA D 150 -39.18 47.85 1.39
CA ALA D 150 -38.61 47.32 2.63
C ALA D 150 -39.43 46.16 3.16
N SER D 151 -40.75 46.27 3.11
CA SER D 151 -41.61 45.17 3.55
C SER D 151 -41.53 43.98 2.61
N ILE D 152 -41.12 44.19 1.37
CA ILE D 152 -40.83 43.05 0.49
C ILE D 152 -39.52 42.38 0.88
N ARG D 153 -38.51 43.18 1.25
CA ARG D 153 -37.17 42.63 1.50
C ARG D 153 -37.18 41.63 2.65
N ASN D 154 -37.83 41.98 3.76
CA ASN D 154 -38.04 41.03 4.84
C ASN D 154 -39.45 40.49 4.75
N ASN D 155 -39.63 39.25 5.19
CA ASN D 155 -40.84 38.50 4.86
C ASN D 155 -42.06 39.00 5.63
N THR D 156 -42.53 40.21 5.32
CA THR D 156 -43.72 40.78 5.93
C THR D 156 -44.57 41.52 4.91
N TYR D 157 -44.76 40.94 3.73
CA TYR D 157 -45.52 41.57 2.66
C TYR D 157 -46.91 40.94 2.59
N ASP D 158 -47.94 41.78 2.65
CA ASP D 158 -49.33 41.35 2.59
C ASP D 158 -49.90 41.72 1.23
N HIS D 159 -50.33 40.72 0.47
CA HIS D 159 -50.79 40.92 -0.90
C HIS D 159 -52.25 41.29 -0.99
N SER D 160 -53.01 41.22 0.09
CA SER D 160 -54.43 41.54 0.04
C SER D 160 -54.70 43.04 -0.04
N LYS D 161 -53.72 43.87 0.33
CA LYS D 161 -53.94 45.31 0.32
C LYS D 161 -54.11 45.85 -1.09
N TYR D 162 -53.29 45.39 -2.04
CA TYR D 162 -53.27 45.94 -3.39
C TYR D 162 -53.80 44.96 -4.44
N ARG D 163 -54.55 43.94 -4.01
CA ARG D 163 -55.00 42.92 -4.94
C ARG D 163 -55.91 43.49 -6.03
N GLU D 164 -56.88 44.31 -5.62
CA GLU D 164 -57.87 44.82 -6.58
C GLU D 164 -57.24 45.75 -7.61
N GLU D 165 -56.39 46.67 -7.15
CA GLU D 165 -55.76 47.61 -8.07
C GLU D 165 -54.84 46.89 -9.06
N ALA D 166 -54.05 45.94 -8.56
CA ALA D 166 -53.15 45.19 -9.43
C ALA D 166 -53.95 44.36 -10.44
N MET D 167 -55.04 43.73 -9.99
CA MET D 167 -55.86 42.94 -10.90
C MET D 167 -56.47 43.82 -11.99
N GLN D 168 -56.97 45.00 -11.60
CA GLN D 168 -57.57 45.90 -12.58
C GLN D 168 -56.52 46.41 -13.57
N ASN D 169 -55.31 46.70 -13.09
CA ASN D 169 -54.24 47.13 -13.99
C ASN D 169 -53.84 46.03 -14.95
N ARG D 170 -53.76 44.79 -14.47
CA ARG D 170 -53.33 43.70 -15.34
C ARG D 170 -54.39 43.35 -16.37
N ILE D 171 -55.65 43.25 -15.95
CA ILE D 171 -56.72 42.85 -16.87
C ILE D 171 -56.88 43.88 -17.98
N GLN D 172 -56.89 45.16 -17.64
CA GLN D 172 -57.01 46.22 -18.63
C GLN D 172 -55.82 47.16 -18.58
N GLY E 1 -31.28 19.79 2.84
CA GLY E 1 -31.14 19.54 1.42
C GLY E 1 -30.95 20.81 0.61
N LEU E 2 -30.56 20.63 -0.66
CA LEU E 2 -30.32 21.76 -1.55
C LEU E 2 -31.46 22.00 -2.53
N PHE E 3 -32.60 21.34 -2.33
CA PHE E 3 -33.79 21.60 -3.12
C PHE E 3 -34.80 22.48 -2.38
N GLY E 4 -34.58 22.75 -1.10
CA GLY E 4 -35.38 23.69 -0.35
C GLY E 4 -36.83 23.31 -0.11
N ALA E 5 -37.09 22.04 0.17
CA ALA E 5 -38.43 21.58 0.54
C ALA E 5 -38.49 21.09 1.98
N ILE E 6 -37.64 20.14 2.33
CA ILE E 6 -37.54 19.69 3.72
C ILE E 6 -36.67 20.67 4.48
N ALA E 7 -37.17 21.17 5.61
CA ALA E 7 -36.54 22.25 6.35
C ALA E 7 -36.40 23.51 5.50
N GLY E 8 -37.29 23.68 4.52
CA GLY E 8 -37.30 24.85 3.68
C GLY E 8 -38.56 25.67 3.89
N PHE E 9 -39.49 25.61 2.96
CA PHE E 9 -40.77 26.28 3.13
C PHE E 9 -41.81 25.39 3.82
N ILE E 10 -41.44 24.18 4.22
CA ILE E 10 -42.28 23.33 5.05
C ILE E 10 -41.69 23.37 6.46
N GLU E 11 -42.50 23.83 7.42
CA GLU E 11 -41.96 24.19 8.72
C GLU E 11 -41.48 22.97 9.50
N ASN E 12 -42.30 21.93 9.58
CA ASN E 12 -41.96 20.78 10.41
C ASN E 12 -42.70 19.55 9.91
N GLY E 13 -42.24 18.39 10.38
CA GLY E 13 -42.85 17.13 10.02
C GLY E 13 -44.02 16.77 10.92
N TRP E 14 -44.65 15.64 10.60
CA TRP E 14 -45.81 15.13 11.33
C TRP E 14 -45.43 13.85 12.04
N GLU E 15 -45.72 13.78 13.34
CA GLU E 15 -45.46 12.58 14.12
C GLU E 15 -46.61 11.60 14.09
N GLY E 16 -47.77 11.99 13.55
CA GLY E 16 -48.90 11.10 13.41
C GLY E 16 -48.91 10.24 12.17
N LEU E 17 -47.94 10.43 11.28
CA LEU E 17 -47.84 9.65 10.05
C LEU E 17 -46.97 8.43 10.32
N ILE E 18 -47.56 7.25 10.29
CA ILE E 18 -46.87 6.02 10.66
C ILE E 18 -46.85 4.99 9.55
N ASP E 19 -47.55 5.21 8.44
CA ASP E 19 -47.64 4.24 7.35
C ASP E 19 -47.11 4.83 6.05
N GLY E 20 -46.00 5.55 6.13
CA GLY E 20 -45.39 6.11 4.93
C GLY E 20 -44.46 7.24 5.29
N TRP E 21 -43.78 7.73 4.26
CA TRP E 21 -42.86 8.85 4.41
C TRP E 21 -43.47 10.18 3.98
N TYR E 22 -44.44 10.17 3.07
CA TYR E 22 -45.11 11.37 2.60
C TYR E 22 -46.61 11.11 2.57
N GLY E 23 -47.39 12.17 2.71
CA GLY E 23 -48.84 12.00 2.71
C GLY E 23 -49.55 13.32 2.51
N PHE E 24 -50.87 13.23 2.49
CA PHE E 24 -51.75 14.38 2.32
C PHE E 24 -52.52 14.66 3.60
N ARG E 25 -53.13 15.84 3.65
CA ARG E 25 -53.99 16.21 4.77
C ARG E 25 -55.01 17.22 4.26
N HIS E 26 -56.29 16.87 4.34
CA HIS E 26 -57.35 17.67 3.74
C HIS E 26 -58.35 18.10 4.80
N GLN E 27 -59.00 19.24 4.54
CA GLN E 27 -60.03 19.77 5.41
C GLN E 27 -61.10 20.44 4.55
N ASN E 28 -62.36 20.13 4.84
CA ASN E 28 -63.48 20.72 4.12
C ASN E 28 -64.66 20.83 5.08
N ALA E 29 -65.86 21.02 4.51
CA ALA E 29 -67.06 21.17 5.35
C ALA E 29 -67.34 19.91 6.17
N GLN E 30 -67.17 18.74 5.56
CA GLN E 30 -67.48 17.49 6.25
C GLN E 30 -66.56 17.27 7.45
N GLY E 31 -65.27 17.56 7.29
CA GLY E 31 -64.33 17.38 8.38
C GLY E 31 -62.90 17.35 7.87
N GLU E 32 -62.05 16.69 8.65
CA GLU E 32 -60.63 16.57 8.33
C GLU E 32 -60.30 15.13 7.94
N GLY E 33 -59.17 14.97 7.26
CA GLY E 33 -58.75 13.65 6.84
C GLY E 33 -57.27 13.62 6.51
N THR E 34 -56.70 12.42 6.63
CA THR E 34 -55.29 12.19 6.37
C THR E 34 -55.12 10.91 5.56
N ALA E 35 -54.05 10.86 4.78
CA ALA E 35 -53.74 9.69 3.96
C ALA E 35 -52.23 9.60 3.79
N ALA E 36 -51.79 8.73 2.88
CA ALA E 36 -50.38 8.54 2.63
C ALA E 36 -50.16 8.26 1.16
N ASP E 37 -48.92 8.50 0.71
CA ASP E 37 -48.52 8.27 -0.67
C ASP E 37 -47.63 7.05 -0.75
N TYR E 38 -47.80 6.24 -1.79
CA TYR E 38 -47.12 4.96 -1.93
C TYR E 38 -45.93 4.99 -2.87
N LYS E 39 -45.97 5.82 -3.92
CA LYS E 39 -44.92 5.76 -4.94
C LYS E 39 -43.61 6.33 -4.41
N SER E 40 -43.65 7.49 -3.77
CA SER E 40 -42.42 8.15 -3.34
C SER E 40 -41.71 7.36 -2.24
N THR E 41 -42.48 6.82 -1.29
CA THR E 41 -41.90 5.99 -0.24
C THR E 41 -41.15 4.81 -0.83
N GLN E 42 -41.76 4.11 -1.79
CA GLN E 42 -41.10 2.99 -2.44
C GLN E 42 -39.88 3.45 -3.21
N SER E 43 -39.96 4.61 -3.87
CA SER E 43 -38.83 5.11 -4.63
C SER E 43 -37.62 5.36 -3.75
N ALA E 44 -37.83 5.93 -2.56
CA ALA E 44 -36.71 6.17 -1.66
C ALA E 44 -36.18 4.86 -1.08
N ILE E 45 -37.08 4.01 -0.58
CA ILE E 45 -36.68 2.77 0.07
C ILE E 45 -35.91 1.88 -0.90
N ASP E 46 -36.28 1.92 -2.18
CA ASP E 46 -35.66 1.06 -3.18
C ASP E 46 -34.15 1.13 -3.13
N CYS E 47 -33.57 2.30 -3.38
CA CYS E 47 -32.12 2.27 -3.36
C CYS E 47 -31.53 2.74 -2.04
N ILE E 48 -32.33 3.01 -1.01
CA ILE E 48 -31.77 2.89 0.34
C ILE E 48 -31.30 1.45 0.56
N THR E 49 -32.20 0.50 0.28
CA THR E 49 -31.81 -0.91 0.34
C THR E 49 -30.77 -1.25 -0.70
N GLY E 50 -30.82 -0.59 -1.86
CA GLY E 50 -29.79 -0.80 -2.87
C GLY E 50 -28.40 -0.43 -2.39
N LYS E 51 -28.28 0.73 -1.73
CA LYS E 51 -27.01 1.13 -1.16
C LYS E 51 -26.55 0.14 -0.09
N LEU E 52 -27.47 -0.31 0.76
CA LEU E 52 -27.10 -1.28 1.78
C LEU E 52 -26.55 -2.56 1.15
N ASN E 53 -27.25 -3.09 0.14
CA ASN E 53 -26.80 -4.31 -0.51
C ASN E 53 -25.46 -4.11 -1.21
N ARG E 54 -25.27 -2.96 -1.86
CA ARG E 54 -24.01 -2.71 -2.54
C ARG E 54 -22.85 -2.65 -1.56
N LEU E 55 -23.08 -2.07 -0.38
CA LEU E 55 -22.01 -2.04 0.63
C LEU E 55 -21.75 -3.42 1.23
N ILE E 56 -22.78 -4.25 1.34
CA ILE E 56 -22.63 -5.54 2.01
C ILE E 56 -21.76 -6.53 1.22
N GLU E 57 -21.47 -6.25 -0.05
CA GLU E 57 -20.80 -7.22 -0.91
C GLU E 57 -19.46 -7.65 -0.33
N LYS E 58 -19.14 -8.93 -0.50
CA LYS E 58 -18.02 -9.59 0.15
C LYS E 58 -17.04 -10.11 -0.90
N THR E 59 -15.78 -9.69 -0.80
CA THR E 59 -14.74 -10.06 -1.76
C THR E 59 -13.78 -11.04 -1.11
N ASN E 60 -13.49 -12.13 -1.83
CA ASN E 60 -12.77 -13.27 -1.27
C ASN E 60 -11.27 -13.10 -1.53
N GLN E 61 -10.49 -13.25 -0.47
CA GLN E 61 -9.03 -13.27 -0.56
C GLN E 61 -8.49 -13.80 0.76
N GLN E 62 -7.44 -14.62 0.67
CA GLN E 62 -6.91 -15.33 1.83
C GLN E 62 -5.52 -14.81 2.16
N PHE E 63 -5.29 -14.56 3.46
CA PHE E 63 -4.01 -14.10 3.95
C PHE E 63 -3.52 -15.05 5.04
N GLU E 64 -2.21 -15.09 5.23
CA GLU E 64 -1.59 -16.01 6.18
C GLU E 64 -0.61 -15.26 7.07
N LEU E 65 0.08 -15.99 7.93
CA LEU E 65 1.01 -15.42 8.87
C LEU E 65 2.38 -15.21 8.24
N ILE E 66 3.08 -14.17 8.68
CA ILE E 66 4.42 -13.87 8.20
C ILE E 66 5.36 -13.64 9.36
N ASP E 67 4.82 -13.57 10.57
CA ASP E 67 5.63 -13.37 11.77
C ASP E 67 5.09 -14.27 12.89
N ASN E 68 5.85 -14.33 13.98
CA ASN E 68 5.54 -15.19 15.11
C ASN E 68 5.41 -14.35 16.37
N GLU E 69 4.42 -14.69 17.19
CA GLU E 69 4.18 -13.99 18.45
C GLU E 69 4.65 -14.77 19.67
N PHE E 70 5.22 -15.96 19.48
CA PHE E 70 5.79 -16.74 20.57
C PHE E 70 7.31 -16.59 20.63
N THR E 71 7.98 -16.74 19.49
CA THR E 71 9.42 -16.48 19.38
C THR E 71 9.63 -15.39 18.33
N GLU E 72 10.36 -14.35 18.70
CA GLU E 72 10.52 -13.20 17.83
C GLU E 72 11.40 -13.54 16.63
N VAL E 73 11.30 -12.69 15.61
CA VAL E 73 12.07 -12.86 14.38
C VAL E 73 13.19 -11.82 14.37
N GLU E 74 14.05 -11.93 13.35
CA GLU E 74 15.16 -11.00 13.22
C GLU E 74 14.65 -9.57 13.09
N LYS E 75 15.39 -8.63 13.70
CA LYS E 75 14.91 -7.27 13.85
C LYS E 75 14.75 -6.57 12.49
N GLN E 76 15.71 -6.75 11.59
CA GLN E 76 15.74 -5.96 10.37
C GLN E 76 14.55 -6.25 9.46
N ILE E 77 14.02 -7.47 9.51
CA ILE E 77 12.85 -7.79 8.69
C ILE E 77 11.55 -7.49 9.42
N GLY E 78 11.52 -7.63 10.75
CA GLY E 78 10.33 -7.28 11.50
C GLY E 78 10.04 -5.79 11.42
N ASN E 79 11.08 -4.97 11.40
CA ASN E 79 10.87 -3.52 11.24
C ASN E 79 10.20 -3.22 9.91
N VAL E 80 10.63 -3.88 8.83
CA VAL E 80 10.03 -3.65 7.52
C VAL E 80 8.57 -4.11 7.51
N ILE E 81 8.29 -5.27 8.12
CA ILE E 81 6.92 -5.76 8.16
C ILE E 81 6.01 -4.79 8.90
N ASN E 82 6.48 -4.30 10.06
CA ASN E 82 5.69 -3.37 10.84
C ASN E 82 5.46 -2.06 10.07
N TRP E 83 6.50 -1.59 9.38
CA TRP E 83 6.38 -0.37 8.57
C TRP E 83 5.32 -0.52 7.48
N THR E 84 5.33 -1.66 6.78
CA THR E 84 4.35 -1.87 5.72
C THR E 84 2.93 -1.95 6.28
N ARG E 85 2.74 -2.66 7.39
CA ARG E 85 1.40 -2.76 7.97
C ARG E 85 0.88 -1.39 8.40
N ASP E 86 1.74 -0.59 9.05
CA ASP E 86 1.33 0.76 9.45
C ASP E 86 1.02 1.62 8.24
N SER E 87 1.73 1.42 7.13
CA SER E 87 1.42 2.17 5.92
C SER E 87 0.04 1.82 5.38
N ILE E 88 -0.33 0.54 5.39
CA ILE E 88 -1.61 0.13 4.81
C ILE E 88 -2.79 0.61 5.66
N THR E 89 -2.62 0.60 6.98
CA THR E 89 -3.74 0.93 7.87
C THR E 89 -4.30 2.33 7.61
N GLU E 90 -3.40 3.31 7.40
CA GLU E 90 -3.84 4.68 7.17
C GLU E 90 -4.69 4.81 5.91
N VAL E 91 -4.26 4.13 4.84
CA VAL E 91 -5.01 4.17 3.59
C VAL E 91 -6.42 3.63 3.81
N TRP E 92 -6.53 2.50 4.51
CA TRP E 92 -7.87 1.92 4.68
C TRP E 92 -8.75 2.82 5.55
N SER E 93 -8.20 3.41 6.60
CA SER E 93 -9.00 4.30 7.45
C SER E 93 -9.51 5.51 6.67
N TYR E 94 -8.63 6.12 5.86
CA TYR E 94 -9.03 7.26 5.06
C TYR E 94 -10.14 6.90 4.09
N ASN E 95 -10.01 5.74 3.43
CA ASN E 95 -11.04 5.31 2.48
C ASN E 95 -12.39 5.14 3.17
N ALA E 96 -12.39 4.50 4.35
CA ALA E 96 -13.65 4.28 5.06
C ALA E 96 -14.33 5.61 5.40
N GLU E 97 -13.56 6.56 5.94
CA GLU E 97 -14.13 7.84 6.33
C GLU E 97 -14.74 8.56 5.13
N LEU E 98 -13.98 8.62 4.02
CA LEU E 98 -14.47 9.33 2.85
C LEU E 98 -15.75 8.71 2.30
N LEU E 99 -15.79 7.38 2.21
CA LEU E 99 -16.97 6.71 1.67
C LEU E 99 -18.21 7.01 2.51
N VAL E 100 -18.07 6.89 3.84
CA VAL E 100 -19.23 7.12 4.71
C VAL E 100 -19.73 8.55 4.55
N ALA E 101 -18.81 9.52 4.54
CA ALA E 101 -19.23 10.91 4.41
C ALA E 101 -19.97 11.15 3.09
N MET E 102 -19.46 10.60 1.99
CA MET E 102 -20.11 10.82 0.70
C MET E 102 -21.51 10.26 0.67
N GLU E 103 -21.69 9.02 1.15
CA GLU E 103 -23.02 8.42 1.11
C GLU E 103 -24.01 9.20 1.99
N ASN E 104 -23.55 9.62 3.18
CA ASN E 104 -24.42 10.40 4.05
C ASN E 104 -24.83 11.71 3.38
N GLN E 105 -23.92 12.34 2.64
CA GLN E 105 -24.28 13.56 1.93
C GLN E 105 -25.33 13.29 0.85
N HIS E 106 -25.21 12.17 0.14
CA HIS E 106 -26.11 11.92 -0.99
C HIS E 106 -27.55 11.62 -0.54
N THR E 107 -27.71 10.88 0.56
CA THR E 107 -29.04 10.37 0.91
C THR E 107 -30.05 11.49 1.17
N ILE E 108 -29.63 12.51 1.92
CA ILE E 108 -30.56 13.58 2.31
C ILE E 108 -31.04 14.34 1.08
N ASP E 109 -30.12 14.62 0.15
CA ASP E 109 -30.50 15.30 -1.08
C ASP E 109 -31.48 14.47 -1.88
N LEU E 110 -31.29 13.15 -1.92
CA LEU E 110 -32.26 12.30 -2.62
C LEU E 110 -33.65 12.44 -2.01
N ALA E 111 -33.74 12.40 -0.68
CA ALA E 111 -35.05 12.51 -0.04
C ALA E 111 -35.70 13.87 -0.33
N ASP E 112 -34.92 14.94 -0.26
CA ASP E 112 -35.45 16.27 -0.55
C ASP E 112 -35.96 16.36 -1.98
N SER E 113 -35.23 15.77 -2.92
CA SER E 113 -35.67 15.77 -4.31
C SER E 113 -37.00 15.05 -4.47
N GLU E 114 -37.17 13.92 -3.78
CA GLU E 114 -38.46 13.21 -3.86
C GLU E 114 -39.61 14.08 -3.35
N MET E 115 -39.40 14.75 -2.22
CA MET E 115 -40.46 15.60 -1.69
C MET E 115 -40.82 16.73 -2.67
N ASP E 116 -39.80 17.36 -3.24
CA ASP E 116 -40.05 18.45 -4.19
C ASP E 116 -40.79 17.96 -5.42
N LYS E 117 -40.41 16.77 -5.92
CA LYS E 117 -41.09 16.23 -7.09
C LYS E 117 -42.56 15.97 -6.82
N LEU E 118 -42.87 15.40 -5.65
CA LEU E 118 -44.28 15.17 -5.31
C LEU E 118 -45.05 16.49 -5.25
N TYR E 119 -44.45 17.51 -4.62
CA TYR E 119 -45.14 18.79 -4.50
C TYR E 119 -45.41 19.39 -5.88
N GLU E 120 -44.42 19.37 -6.77
CA GLU E 120 -44.61 19.93 -8.11
C GLU E 120 -45.65 19.16 -8.90
N ARG E 121 -45.65 17.83 -8.79
CA ARG E 121 -46.65 17.03 -9.50
C ARG E 121 -48.05 17.37 -9.04
N VAL E 122 -48.24 17.54 -7.73
CA VAL E 122 -49.58 17.90 -7.23
C VAL E 122 -49.95 19.31 -7.70
N LYS E 123 -48.99 20.24 -7.70
CA LYS E 123 -49.29 21.61 -8.11
C LYS E 123 -49.72 21.68 -9.57
N ARG E 124 -49.05 20.92 -10.44
CA ARG E 124 -49.35 21.01 -11.88
C ARG E 124 -50.74 20.50 -12.23
N GLN E 125 -51.38 19.72 -11.36
CA GLN E 125 -52.68 19.14 -11.68
C GLN E 125 -53.80 20.16 -11.55
N LEU E 126 -53.72 21.04 -10.56
CA LEU E 126 -54.78 22.01 -10.29
C LEU E 126 -54.50 23.34 -10.99
N ARG E 127 -54.48 23.29 -12.32
CA ARG E 127 -54.20 24.49 -13.09
C ARG E 127 -55.36 25.47 -12.98
N GLU E 128 -55.04 26.74 -12.72
CA GLU E 128 -55.95 27.87 -12.72
C GLU E 128 -57.17 27.67 -11.82
N ASN E 129 -57.14 26.67 -10.94
CA ASN E 129 -58.24 26.40 -10.04
C ASN E 129 -57.89 26.54 -8.57
N ALA E 130 -56.61 26.67 -8.23
CA ALA E 130 -56.17 26.76 -6.85
C ALA E 130 -55.08 27.81 -6.75
N GLU E 131 -54.83 28.27 -5.52
CA GLU E 131 -53.84 29.29 -5.27
C GLU E 131 -52.87 28.84 -4.19
N GLU E 132 -51.65 29.35 -4.28
CA GLU E 132 -50.56 29.01 -3.36
C GLU E 132 -50.45 30.09 -2.29
N ASP E 133 -50.36 29.67 -1.03
CA ASP E 133 -50.25 30.61 0.08
C ASP E 133 -48.82 30.85 0.54
N GLY E 134 -47.88 29.97 0.18
CA GLY E 134 -46.49 30.14 0.51
C GLY E 134 -46.00 29.32 1.67
N THR E 135 -46.88 28.92 2.59
CA THR E 135 -46.48 28.04 3.68
C THR E 135 -46.28 26.61 3.20
N GLY E 136 -46.61 26.33 1.95
CA GLY E 136 -46.37 25.04 1.36
C GLY E 136 -47.58 24.29 0.87
N CYS E 137 -48.72 24.96 0.69
CA CYS E 137 -49.91 24.22 0.29
C CYS E 137 -51.01 25.15 -0.20
N PHE E 138 -52.07 24.54 -0.73
CA PHE E 138 -52.97 25.18 -1.68
C PHE E 138 -54.31 25.55 -1.05
N GLU E 139 -55.03 26.43 -1.74
CA GLU E 139 -56.40 26.80 -1.42
C GLU E 139 -57.25 26.65 -2.67
N ILE E 140 -58.39 25.98 -2.54
CA ILE E 140 -59.30 25.71 -3.65
C ILE E 140 -60.37 26.79 -3.69
N PHE E 141 -60.86 27.08 -4.89
CA PHE E 141 -61.82 28.16 -5.11
C PHE E 141 -63.22 27.66 -5.44
N HIS E 142 -63.48 26.36 -5.28
CA HIS E 142 -64.81 25.82 -5.50
C HIS E 142 -65.13 24.83 -4.38
N LYS E 143 -66.31 24.22 -4.47
CA LYS E 143 -66.75 23.25 -3.47
C LYS E 143 -66.22 21.87 -3.83
N CYS E 144 -65.48 21.27 -2.90
CA CYS E 144 -64.83 19.97 -3.14
C CYS E 144 -65.12 19.07 -1.94
N ASP E 145 -65.81 17.97 -2.20
CA ASP E 145 -66.16 17.00 -1.17
C ASP E 145 -65.13 15.87 -1.15
N ASP E 146 -65.44 14.80 -0.41
CA ASP E 146 -64.49 13.72 -0.22
C ASP E 146 -64.13 13.04 -1.55
N ASP E 147 -65.11 12.90 -2.44
CA ASP E 147 -64.84 12.27 -3.74
C ASP E 147 -63.83 13.09 -4.54
N CYS E 148 -63.96 14.41 -4.52
CA CYS E 148 -63.01 15.25 -5.24
C CYS E 148 -61.60 15.14 -4.66
N MET E 149 -61.49 15.09 -3.33
CA MET E 149 -60.18 14.88 -2.72
C MET E 149 -59.59 13.53 -3.11
N ALA E 150 -60.42 12.48 -3.10
CA ALA E 150 -59.93 11.17 -3.50
C ALA E 150 -59.47 11.16 -4.95
N SER E 151 -60.21 11.85 -5.82
CA SER E 151 -59.81 11.95 -7.22
C SER E 151 -58.49 12.70 -7.36
N ILE E 152 -58.30 13.76 -6.57
CA ILE E 152 -57.03 14.48 -6.59
C ILE E 152 -55.89 13.58 -6.15
N ARG E 153 -56.14 12.75 -5.13
CA ARG E 153 -55.08 11.93 -4.55
C ARG E 153 -54.53 10.92 -5.56
N ASN E 154 -55.41 10.29 -6.34
CA ASN E 154 -54.99 9.21 -7.24
C ASN E 154 -55.01 9.64 -8.71
N ASN E 155 -54.74 10.93 -8.96
CA ASN E 155 -54.49 11.43 -10.31
C ASN E 155 -55.67 11.19 -11.25
N THR E 156 -56.87 11.52 -10.78
CA THR E 156 -58.08 11.37 -11.58
C THR E 156 -58.93 12.65 -11.41
N TYR E 157 -58.29 13.79 -11.60
CA TYR E 157 -58.94 15.09 -11.44
C TYR E 157 -59.07 15.76 -12.79
N ASP E 158 -60.29 16.13 -13.15
CA ASP E 158 -60.58 16.82 -14.41
C ASP E 158 -60.94 18.27 -14.10
N HIS E 159 -60.11 19.19 -14.56
CA HIS E 159 -60.27 20.60 -14.21
C HIS E 159 -61.32 21.31 -15.06
N SER E 160 -61.84 20.68 -16.12
CA SER E 160 -62.82 21.33 -16.97
C SER E 160 -64.19 21.39 -16.33
N LYS E 161 -64.45 20.58 -15.29
CA LYS E 161 -65.78 20.56 -14.70
C LYS E 161 -66.06 21.82 -13.89
N TYR E 162 -65.08 22.28 -13.11
CA TYR E 162 -65.26 23.40 -12.21
C TYR E 162 -64.54 24.67 -12.67
N ARG E 163 -64.16 24.73 -13.95
CA ARG E 163 -63.36 25.86 -14.42
C ARG E 163 -64.12 27.17 -14.34
N GLU E 164 -65.40 27.18 -14.74
CA GLU E 164 -66.16 28.42 -14.79
C GLU E 164 -66.41 28.97 -13.38
N GLU E 165 -66.83 28.11 -12.45
CA GLU E 165 -67.10 28.57 -11.09
C GLU E 165 -65.83 29.06 -10.41
N ALA E 166 -64.72 28.33 -10.57
CA ALA E 166 -63.46 28.76 -9.98
C ALA E 166 -62.99 30.09 -10.58
N MET E 167 -63.13 30.24 -11.89
CA MET E 167 -62.73 31.50 -12.53
C MET E 167 -63.57 32.66 -12.02
N GLN E 168 -64.89 32.46 -11.90
CA GLN E 168 -65.76 33.52 -11.42
C GLN E 168 -65.44 33.88 -9.98
N ASN E 169 -65.14 32.88 -9.14
CA ASN E 169 -64.77 33.16 -7.76
C ASN E 169 -63.44 33.89 -7.67
N ARG E 170 -62.47 33.53 -8.51
CA ARG E 170 -61.15 34.13 -8.43
C ARG E 170 -61.15 35.56 -8.95
N ILE E 171 -61.83 35.80 -10.07
CA ILE E 171 -61.83 37.13 -10.66
C ILE E 171 -62.48 38.14 -9.72
N GLN E 172 -63.69 37.82 -9.25
CA GLN E 172 -64.40 38.68 -8.31
C GLN E 172 -64.58 37.98 -6.97
N GLY F 1 -31.49 10.99 -11.92
CA GLY F 1 -32.81 11.46 -12.30
C GLY F 1 -33.62 12.02 -11.15
N LEU F 2 -33.03 12.99 -10.45
CA LEU F 2 -33.67 13.63 -9.32
C LEU F 2 -34.27 14.98 -9.68
N PHE F 3 -34.32 15.31 -10.97
CA PHE F 3 -35.02 16.51 -11.44
C PHE F 3 -36.38 16.20 -12.03
N GLY F 4 -36.70 14.92 -12.23
CA GLY F 4 -38.03 14.51 -12.62
C GLY F 4 -38.50 14.97 -13.99
N ALA F 5 -37.61 14.95 -14.99
CA ALA F 5 -37.98 15.26 -16.36
C ALA F 5 -37.86 14.06 -17.27
N ILE F 6 -36.69 13.43 -17.34
CA ILE F 6 -36.51 12.20 -18.09
C ILE F 6 -37.02 11.04 -17.25
N ALA F 7 -37.90 10.22 -17.82
CA ALA F 7 -38.62 9.17 -17.10
C ALA F 7 -39.44 9.75 -15.95
N GLY F 8 -39.86 11.01 -16.09
CA GLY F 8 -40.70 11.65 -15.11
C GLY F 8 -42.08 11.95 -15.65
N PHE F 9 -42.35 13.22 -15.96
CA PHE F 9 -43.61 13.59 -16.58
C PHE F 9 -43.54 13.55 -18.11
N ILE F 10 -42.38 13.22 -18.68
CA ILE F 10 -42.24 12.95 -20.10
C ILE F 10 -42.26 11.44 -20.28
N GLU F 11 -43.25 10.94 -21.03
CA GLU F 11 -43.54 9.51 -21.03
C GLU F 11 -42.40 8.69 -21.63
N ASN F 12 -41.95 9.07 -22.83
CA ASN F 12 -40.96 8.27 -23.54
C ASN F 12 -40.22 9.15 -24.53
N GLY F 13 -39.10 8.63 -25.02
CA GLY F 13 -38.30 9.33 -26.00
C GLY F 13 -38.78 9.10 -27.42
N TRP F 14 -38.12 9.79 -28.35
CA TRP F 14 -38.44 9.71 -29.77
C TRP F 14 -37.29 9.01 -30.50
N GLU F 15 -37.62 8.00 -31.30
CA GLU F 15 -36.64 7.30 -32.09
C GLU F 15 -36.40 7.93 -33.44
N GLY F 16 -37.21 8.90 -33.85
CA GLY F 16 -37.02 9.61 -35.09
C GLY F 16 -36.07 10.78 -35.03
N LEU F 17 -35.58 11.13 -33.84
CA LEU F 17 -34.64 12.23 -33.67
C LEU F 17 -33.23 11.68 -33.82
N ILE F 18 -32.55 12.08 -34.89
CA ILE F 18 -31.22 11.54 -35.21
C ILE F 18 -30.14 12.60 -35.28
N ASP F 19 -30.49 13.89 -35.18
CA ASP F 19 -29.52 14.96 -35.30
C ASP F 19 -29.49 15.82 -34.03
N GLY F 20 -29.52 15.18 -32.88
CA GLY F 20 -29.45 15.89 -31.62
C GLY F 20 -30.01 15.06 -30.50
N TRP F 21 -29.88 15.61 -29.28
CA TRP F 21 -30.39 14.96 -28.09
C TRP F 21 -31.73 15.53 -27.63
N TYR F 22 -32.04 16.78 -27.98
CA TYR F 22 -33.30 17.41 -27.61
C TYR F 22 -33.86 18.12 -28.83
N GLY F 23 -35.17 18.30 -28.85
CA GLY F 23 -35.79 18.93 -30.01
C GLY F 23 -37.22 19.34 -29.72
N PHE F 24 -37.82 19.96 -30.73
CA PHE F 24 -39.20 20.43 -30.68
C PHE F 24 -40.07 19.61 -31.62
N ARG F 25 -41.38 19.71 -31.42
CA ARG F 25 -42.35 19.08 -32.30
C ARG F 25 -43.61 19.91 -32.27
N HIS F 26 -43.97 20.51 -33.41
CA HIS F 26 -45.05 21.45 -33.50
C HIS F 26 -46.15 20.95 -34.44
N GLN F 27 -47.37 21.40 -34.17
CA GLN F 27 -48.52 21.06 -35.01
C GLN F 27 -49.45 22.26 -35.06
N ASN F 28 -49.85 22.65 -36.27
CA ASN F 28 -50.77 23.76 -36.47
C ASN F 28 -51.68 23.40 -37.64
N ALA F 29 -52.37 24.41 -38.18
CA ALA F 29 -53.32 24.17 -39.26
C ALA F 29 -52.62 23.62 -40.51
N GLN F 30 -51.44 24.15 -40.83
CA GLN F 30 -50.76 23.73 -42.05
C GLN F 30 -50.30 22.27 -41.96
N GLY F 31 -49.74 21.87 -40.82
CA GLY F 31 -49.29 20.50 -40.66
C GLY F 31 -48.35 20.38 -39.48
N GLU F 32 -47.68 19.23 -39.44
CA GLU F 32 -46.73 18.91 -38.38
C GLU F 32 -45.32 19.29 -38.78
N GLY F 33 -44.45 19.38 -37.77
CA GLY F 33 -43.06 19.70 -38.02
C GLY F 33 -42.19 19.32 -36.84
N THR F 34 -40.92 19.03 -37.14
CA THR F 34 -39.96 18.62 -36.12
C THR F 34 -38.64 19.33 -36.36
N ALA F 35 -37.94 19.68 -35.28
CA ALA F 35 -36.65 20.33 -35.36
C ALA F 35 -35.77 19.78 -34.24
N ALA F 36 -34.63 20.44 -34.02
CA ALA F 36 -33.69 20.02 -32.98
C ALA F 36 -33.04 21.24 -32.36
N ASP F 37 -32.53 21.05 -31.15
CA ASP F 37 -31.85 22.12 -30.41
C ASP F 37 -30.35 21.85 -30.38
N TYR F 38 -29.57 22.94 -30.45
CA TYR F 38 -28.13 22.83 -30.60
C TYR F 38 -27.36 23.15 -29.32
N LYS F 39 -27.85 24.04 -28.47
CA LYS F 39 -27.07 24.49 -27.32
C LYS F 39 -26.95 23.40 -26.26
N SER F 40 -28.06 22.76 -25.90
CA SER F 40 -28.04 21.79 -24.81
C SER F 40 -27.27 20.52 -25.21
N THR F 41 -27.40 20.10 -26.46
CA THR F 41 -26.64 18.95 -26.95
C THR F 41 -25.14 19.20 -26.79
N GLN F 42 -24.69 20.38 -27.20
CA GLN F 42 -23.27 20.73 -27.05
C GLN F 42 -22.88 20.81 -25.58
N SER F 43 -23.78 21.34 -24.74
CA SER F 43 -23.47 21.47 -23.32
C SER F 43 -23.23 20.10 -22.68
N ALA F 44 -24.04 19.10 -23.04
CA ALA F 44 -23.83 17.77 -22.48
C ALA F 44 -22.59 17.10 -23.08
N ILE F 45 -22.42 17.21 -24.40
CA ILE F 45 -21.32 16.54 -25.08
C ILE F 45 -19.98 17.06 -24.56
N ASP F 46 -19.90 18.36 -24.29
CA ASP F 46 -18.65 18.96 -23.84
C ASP F 46 -18.18 18.33 -22.54
N CYS F 47 -19.08 18.18 -21.56
CA CYS F 47 -18.64 17.67 -20.28
C CYS F 47 -18.42 16.16 -20.34
N ILE F 48 -19.15 15.43 -21.20
CA ILE F 48 -18.84 14.02 -21.41
C ILE F 48 -17.42 13.87 -21.95
N THR F 49 -17.07 14.68 -22.96
CA THR F 49 -15.73 14.63 -23.52
C THR F 49 -14.68 15.01 -22.48
N GLY F 50 -15.00 16.01 -21.64
CA GLY F 50 -14.08 16.38 -20.58
C GLY F 50 -13.82 15.25 -19.60
N LYS F 51 -14.87 14.52 -19.22
CA LYS F 51 -14.69 13.37 -18.36
C LYS F 51 -13.79 12.32 -19.00
N LEU F 52 -14.03 12.03 -20.28
CA LEU F 52 -13.20 11.04 -20.96
C LEU F 52 -11.74 11.47 -20.99
N ASN F 53 -11.49 12.72 -21.35
CA ASN F 53 -10.11 13.21 -21.44
C ASN F 53 -9.44 13.18 -20.07
N ARG F 54 -10.17 13.56 -19.01
CA ARG F 54 -9.59 13.51 -17.68
C ARG F 54 -9.28 12.09 -17.24
N LEU F 55 -10.04 11.10 -17.69
CA LEU F 55 -9.72 9.72 -17.36
C LEU F 55 -8.55 9.17 -18.18
N ILE F 56 -8.35 9.65 -19.41
CA ILE F 56 -7.27 9.11 -20.24
C ILE F 56 -5.88 9.46 -19.72
N GLU F 57 -5.76 10.46 -18.85
CA GLU F 57 -4.44 10.99 -18.47
C GLU F 57 -3.54 9.90 -17.90
N LYS F 58 -2.27 9.96 -18.28
CA LYS F 58 -1.29 8.91 -18.02
C LYS F 58 -0.16 9.48 -17.16
N THR F 59 0.15 8.78 -16.06
CA THR F 59 1.16 9.22 -15.11
C THR F 59 2.43 8.41 -15.29
N ASN F 60 3.57 9.10 -15.24
CA ASN F 60 4.86 8.53 -15.65
C ASN F 60 5.51 7.93 -14.41
N GLN F 61 5.66 6.61 -14.41
CA GLN F 61 6.40 5.91 -13.37
C GLN F 61 6.88 4.58 -13.93
N GLN F 62 8.08 4.17 -13.54
CA GLN F 62 8.72 2.98 -14.07
C GLN F 62 9.00 1.99 -12.94
N PHE F 63 8.73 0.72 -13.20
CA PHE F 63 8.96 -0.36 -12.25
C PHE F 63 9.83 -1.43 -12.89
N GLU F 64 10.51 -2.21 -12.05
CA GLU F 64 11.43 -3.25 -12.50
C GLU F 64 11.14 -4.54 -11.76
N LEU F 65 11.93 -5.57 -12.06
CA LEU F 65 11.74 -6.89 -11.48
C LEU F 65 12.40 -6.98 -10.10
N ILE F 66 11.80 -7.79 -9.23
CA ILE F 66 12.35 -8.07 -7.91
C ILE F 66 12.41 -9.55 -7.59
N ASP F 67 11.92 -10.41 -8.47
CA ASP F 67 11.97 -11.85 -8.27
C ASP F 67 12.15 -12.54 -9.61
N ASN F 68 12.52 -13.81 -9.55
CA ASN F 68 12.84 -14.61 -10.74
C ASN F 68 11.81 -15.71 -10.91
N GLU F 69 11.41 -15.95 -12.16
CA GLU F 69 10.45 -17.01 -12.48
C GLU F 69 11.11 -18.24 -13.08
N PHE F 70 12.43 -18.23 -13.25
CA PHE F 70 13.17 -19.40 -13.71
C PHE F 70 13.81 -20.17 -12.56
N THR F 71 14.51 -19.46 -11.67
CA THR F 71 15.06 -20.04 -10.44
C THR F 71 14.46 -19.29 -9.26
N GLU F 72 13.89 -20.03 -8.31
CA GLU F 72 13.18 -19.41 -7.21
C GLU F 72 14.14 -18.73 -6.25
N VAL F 73 13.57 -17.86 -5.41
CA VAL F 73 14.33 -17.12 -4.42
C VAL F 73 14.05 -17.71 -3.04
N GLU F 74 14.76 -17.21 -2.04
CA GLU F 74 14.58 -17.69 -0.67
C GLU F 74 13.15 -17.47 -0.21
N LYS F 75 12.64 -18.42 0.56
CA LYS F 75 11.21 -18.45 0.90
C LYS F 75 10.80 -17.24 1.74
N GLN F 76 11.62 -16.86 2.73
CA GLN F 76 11.19 -15.86 3.70
C GLN F 76 10.98 -14.49 3.07
N ILE F 77 11.74 -14.17 2.02
CA ILE F 77 11.56 -12.88 1.36
C ILE F 77 10.49 -12.96 0.27
N GLY F 78 10.36 -14.11 -0.40
CA GLY F 78 9.30 -14.27 -1.39
C GLY F 78 7.93 -14.19 -0.78
N ASN F 79 7.77 -14.73 0.43
CA ASN F 79 6.49 -14.63 1.13
C ASN F 79 6.11 -13.17 1.38
N VAL F 80 7.10 -12.36 1.82
CA VAL F 80 6.84 -10.94 2.06
C VAL F 80 6.46 -10.23 0.77
N ILE F 81 7.18 -10.52 -0.32
CA ILE F 81 6.88 -9.87 -1.59
C ILE F 81 5.46 -10.21 -2.05
N ASN F 82 5.09 -11.49 -1.96
CA ASN F 82 3.76 -11.90 -2.37
C ASN F 82 2.68 -11.24 -1.50
N TRP F 83 2.94 -11.15 -0.19
CA TRP F 83 2.00 -10.51 0.73
C TRP F 83 1.79 -9.04 0.35
N THR F 84 2.87 -8.32 0.07
CA THR F 84 2.74 -6.91 -0.29
C THR F 84 1.97 -6.72 -1.60
N ARG F 85 2.27 -7.56 -2.61
CA ARG F 85 1.57 -7.43 -3.88
C ARG F 85 0.08 -7.69 -3.72
N ASP F 86 -0.27 -8.74 -2.97
CA ASP F 86 -1.67 -9.03 -2.71
C ASP F 86 -2.35 -7.90 -1.94
N SER F 87 -1.61 -7.23 -1.06
CA SER F 87 -2.18 -6.08 -0.35
C SER F 87 -2.51 -4.95 -1.30
N ILE F 88 -1.61 -4.67 -2.26
CA ILE F 88 -1.83 -3.53 -3.16
C ILE F 88 -3.00 -3.77 -4.11
N THR F 89 -3.15 -5.02 -4.57
CA THR F 89 -4.16 -5.31 -5.59
C THR F 89 -5.57 -4.95 -5.12
N GLU F 90 -5.89 -5.26 -3.86
CA GLU F 90 -7.23 -4.99 -3.35
C GLU F 90 -7.53 -3.50 -3.34
N VAL F 91 -6.56 -2.69 -2.92
CA VAL F 91 -6.74 -1.24 -2.91
C VAL F 91 -7.06 -0.74 -4.30
N TRP F 92 -6.29 -1.20 -5.30
CA TRP F 92 -6.53 -0.69 -6.65
C TRP F 92 -7.90 -1.12 -7.18
N SER F 93 -8.31 -2.36 -6.92
CA SER F 93 -9.62 -2.81 -7.39
C SER F 93 -10.75 -2.00 -6.76
N TYR F 94 -10.66 -1.75 -5.45
CA TYR F 94 -11.69 -0.97 -4.78
C TYR F 94 -11.76 0.45 -5.36
N ASN F 95 -10.61 1.06 -5.60
CA ASN F 95 -10.60 2.41 -6.17
C ASN F 95 -11.28 2.43 -7.53
N ALA F 96 -10.98 1.45 -8.38
CA ALA F 96 -11.59 1.41 -9.71
C ALA F 96 -13.11 1.31 -9.63
N GLU F 97 -13.60 0.40 -8.78
CA GLU F 97 -15.05 0.24 -8.67
C GLU F 97 -15.73 1.52 -8.20
N LEU F 98 -15.17 2.16 -7.16
CA LEU F 98 -15.78 3.38 -6.63
C LEU F 98 -15.82 4.48 -7.68
N LEU F 99 -14.70 4.67 -8.41
CA LEU F 99 -14.66 5.73 -9.40
C LEU F 99 -15.71 5.53 -10.49
N VAL F 100 -15.81 4.30 -11.01
CA VAL F 100 -16.75 4.04 -12.09
C VAL F 100 -18.18 4.29 -11.61
N ALA F 101 -18.51 3.80 -10.41
CA ALA F 101 -19.87 4.00 -9.90
C ALA F 101 -20.21 5.49 -9.75
N MET F 102 -19.27 6.27 -9.22
CA MET F 102 -19.52 7.69 -9.02
C MET F 102 -19.78 8.41 -10.33
N GLU F 103 -18.93 8.17 -11.33
CA GLU F 103 -19.11 8.86 -12.61
C GLU F 103 -20.43 8.47 -13.26
N ASN F 104 -20.78 7.18 -13.22
CA ASN F 104 -22.05 6.73 -13.78
C ASN F 104 -23.23 7.40 -13.08
N GLN F 105 -23.13 7.60 -11.77
CA GLN F 105 -24.20 8.30 -11.06
C GLN F 105 -24.31 9.75 -11.51
N HIS F 106 -23.18 10.42 -11.74
CA HIS F 106 -23.23 11.85 -12.05
C HIS F 106 -23.81 12.13 -13.44
N THR F 107 -23.48 11.29 -14.42
CA THR F 107 -23.81 11.62 -15.82
C THR F 107 -25.33 11.75 -16.05
N ILE F 108 -26.10 10.81 -15.52
CA ILE F 108 -27.55 10.79 -15.75
C ILE F 108 -28.20 12.03 -15.16
N ASP F 109 -27.77 12.42 -13.96
CA ASP F 109 -28.31 13.61 -13.32
C ASP F 109 -27.99 14.85 -14.14
N LEU F 110 -26.78 14.92 -14.71
CA LEU F 110 -26.45 16.05 -15.57
C LEU F 110 -27.41 16.15 -16.75
N ALA F 111 -27.66 15.02 -17.42
CA ALA F 111 -28.56 15.04 -18.58
C ALA F 111 -29.96 15.48 -18.18
N ASP F 112 -30.47 14.95 -17.07
CA ASP F 112 -31.81 15.32 -16.61
C ASP F 112 -31.89 16.82 -16.32
N SER F 113 -30.85 17.38 -15.69
CA SER F 113 -30.84 18.80 -15.40
C SER F 113 -30.88 19.62 -16.68
N GLU F 114 -30.14 19.20 -17.71
CA GLU F 114 -30.17 19.93 -18.98
C GLU F 114 -31.58 19.94 -19.57
N MET F 115 -32.24 18.78 -19.57
CA MET F 115 -33.60 18.73 -20.12
C MET F 115 -34.54 19.65 -19.34
N ASP F 116 -34.46 19.61 -18.02
CA ASP F 116 -35.33 20.45 -17.20
C ASP F 116 -35.08 21.94 -17.46
N LYS F 117 -33.80 22.32 -17.61
CA LYS F 117 -33.48 23.72 -17.87
C LYS F 117 -34.08 24.18 -19.20
N LEU F 118 -33.97 23.36 -20.24
CA LEU F 118 -34.56 23.75 -21.52
C LEU F 118 -36.07 23.92 -21.39
N TYR F 119 -36.74 22.97 -20.72
CA TYR F 119 -38.19 23.08 -20.56
C TYR F 119 -38.57 24.35 -19.80
N GLU F 120 -37.85 24.66 -18.73
CA GLU F 120 -38.17 25.85 -17.95
C GLU F 120 -37.96 27.12 -18.76
N ARG F 121 -36.89 27.17 -19.55
CA ARG F 121 -36.65 28.35 -20.40
C ARG F 121 -37.80 28.55 -21.38
N VAL F 122 -38.21 27.47 -22.04
CA VAL F 122 -39.31 27.59 -23.02
C VAL F 122 -40.59 28.03 -22.32
N LYS F 123 -40.84 27.50 -21.12
CA LYS F 123 -42.04 27.90 -20.38
C LYS F 123 -42.01 29.37 -20.02
N ARG F 124 -40.85 29.86 -19.56
CA ARG F 124 -40.75 31.26 -19.17
C ARG F 124 -40.84 32.20 -20.37
N GLN F 125 -40.46 31.75 -21.55
CA GLN F 125 -40.55 32.61 -22.73
C GLN F 125 -42.00 32.98 -23.02
N LEU F 126 -42.92 32.02 -22.90
CA LEU F 126 -44.34 32.25 -23.12
C LEU F 126 -45.00 32.59 -21.79
N ARG F 127 -45.41 33.84 -21.62
CA ARG F 127 -46.06 34.30 -20.40
C ARG F 127 -47.50 34.67 -20.70
N GLU F 128 -48.43 34.14 -19.89
CA GLU F 128 -49.85 34.47 -19.91
C GLU F 128 -50.49 34.29 -21.29
N ASN F 129 -49.80 33.63 -22.20
CA ASN F 129 -50.33 33.37 -23.54
C ASN F 129 -50.53 31.89 -23.83
N ALA F 130 -50.04 31.00 -22.97
CA ALA F 130 -50.15 29.57 -23.21
C ALA F 130 -50.49 28.86 -21.91
N GLU F 131 -50.95 27.63 -22.03
CA GLU F 131 -51.32 26.81 -20.89
C GLU F 131 -50.55 25.49 -20.91
N GLU F 132 -50.37 24.94 -19.71
CA GLU F 132 -49.58 23.73 -19.51
C GLU F 132 -50.53 22.55 -19.26
N ASP F 133 -50.36 21.48 -20.03
CA ASP F 133 -51.22 20.31 -19.89
C ASP F 133 -50.65 19.24 -18.95
N GLY F 134 -49.37 19.32 -18.61
CA GLY F 134 -48.77 18.40 -17.66
C GLY F 134 -48.02 17.23 -18.25
N THR F 135 -47.85 17.18 -19.58
CA THR F 135 -47.12 16.09 -20.22
C THR F 135 -45.94 16.60 -21.05
N GLY F 136 -45.54 17.85 -20.87
CA GLY F 136 -44.47 18.43 -21.66
C GLY F 136 -44.90 19.18 -22.88
N CYS F 137 -46.19 19.51 -23.02
CA CYS F 137 -46.71 20.18 -24.19
C CYS F 137 -47.42 21.47 -23.75
N PHE F 138 -47.40 22.47 -24.62
CA PHE F 138 -48.04 23.75 -24.37
C PHE F 138 -49.20 23.95 -25.34
N GLU F 139 -50.25 24.61 -24.86
CA GLU F 139 -51.41 24.95 -25.67
C GLU F 139 -51.44 26.46 -25.86
N ILE F 140 -51.45 26.91 -27.11
CA ILE F 140 -51.46 28.33 -27.45
C ILE F 140 -52.90 28.77 -27.66
N PHE F 141 -53.22 29.98 -27.20
CA PHE F 141 -54.57 30.51 -27.26
C PHE F 141 -54.79 31.48 -28.41
N HIS F 142 -53.83 31.58 -29.33
CA HIS F 142 -54.02 32.39 -30.53
C HIS F 142 -53.59 31.64 -31.77
N LYS F 143 -53.56 32.31 -32.91
CA LYS F 143 -53.20 31.68 -34.18
C LYS F 143 -51.70 31.86 -34.41
N CYS F 144 -51.00 30.74 -34.54
CA CYS F 144 -49.54 30.75 -34.70
C CYS F 144 -49.17 29.92 -35.92
N ASP F 145 -48.54 30.56 -36.90
CA ASP F 145 -48.11 29.91 -38.13
C ASP F 145 -46.64 29.51 -38.01
N ASP F 146 -46.05 29.11 -39.14
CA ASP F 146 -44.66 28.62 -39.12
C ASP F 146 -43.68 29.70 -38.66
N ASP F 147 -43.91 30.94 -39.07
CA ASP F 147 -43.03 32.03 -38.66
C ASP F 147 -43.04 32.22 -37.14
N CYS F 148 -44.23 32.15 -36.53
CA CYS F 148 -44.32 32.29 -35.08
C CYS F 148 -43.61 31.14 -34.38
N MET F 149 -43.75 29.92 -34.88
CA MET F 149 -43.05 28.79 -34.29
C MET F 149 -41.55 28.95 -34.40
N ALA F 150 -41.07 29.39 -35.56
CA ALA F 150 -39.63 29.62 -35.74
C ALA F 150 -39.13 30.71 -34.79
N SER F 151 -39.93 31.77 -34.61
CA SER F 151 -39.56 32.82 -33.67
C SER F 151 -39.48 32.28 -32.24
N ILE F 152 -40.43 31.41 -31.86
CA ILE F 152 -40.38 30.79 -30.55
C ILE F 152 -39.12 29.96 -30.39
N ARG F 153 -38.71 29.28 -31.47
CA ARG F 153 -37.57 28.36 -31.38
C ARG F 153 -36.27 29.10 -31.07
N ASN F 154 -36.07 30.28 -31.65
CA ASN F 154 -34.78 30.98 -31.56
C ASN F 154 -34.90 32.30 -30.80
N ASN F 155 -35.74 32.33 -29.77
CA ASN F 155 -35.79 33.46 -28.82
C ASN F 155 -36.10 34.79 -29.51
N THR F 156 -37.14 34.81 -30.31
CA THR F 156 -37.54 36.03 -31.01
C THR F 156 -39.07 36.14 -30.93
N TYR F 157 -39.61 35.92 -29.74
CA TYR F 157 -41.05 35.95 -29.51
C TYR F 157 -41.42 37.16 -28.66
N ASP F 158 -42.34 37.98 -29.17
CA ASP F 158 -42.82 39.17 -28.47
C ASP F 158 -44.27 38.91 -28.07
N HIS F 159 -44.50 38.77 -26.76
CA HIS F 159 -45.84 38.44 -26.27
C HIS F 159 -46.81 39.61 -26.34
N SER F 160 -46.33 40.83 -26.56
CA SER F 160 -47.21 41.98 -26.61
C SER F 160 -48.07 42.01 -27.87
N LYS F 161 -47.64 41.32 -28.94
CA LYS F 161 -48.41 41.36 -30.19
C LYS F 161 -49.75 40.66 -30.05
N TYR F 162 -49.78 39.51 -29.37
CA TYR F 162 -50.98 38.69 -29.29
C TYR F 162 -51.59 38.66 -27.89
N ARG F 163 -51.20 39.60 -27.01
CA ARG F 163 -51.64 39.54 -25.63
C ARG F 163 -53.15 39.70 -25.50
N GLU F 164 -53.72 40.65 -26.23
CA GLU F 164 -55.15 40.93 -26.08
C GLU F 164 -56.00 39.76 -26.57
N GLU F 165 -55.68 39.22 -27.75
CA GLU F 165 -56.46 38.11 -28.28
C GLU F 165 -56.34 36.87 -27.40
N ALA F 166 -55.13 36.57 -26.94
CA ALA F 166 -54.94 35.41 -26.06
C ALA F 166 -55.69 35.59 -24.74
N MET F 167 -55.64 36.80 -24.17
CA MET F 167 -56.36 37.05 -22.92
C MET F 167 -57.86 36.90 -23.12
N GLN F 168 -58.39 37.43 -24.23
CA GLN F 168 -59.83 37.32 -24.48
C GLN F 168 -60.24 35.88 -24.70
N ASN F 169 -59.41 35.09 -25.38
CA ASN F 169 -59.71 33.68 -25.58
C ASN F 169 -59.66 32.91 -24.26
N ARG F 170 -58.69 33.23 -23.40
CA ARG F 170 -58.57 32.52 -22.13
C ARG F 170 -59.72 32.86 -21.19
N ILE F 171 -60.11 34.13 -21.15
CA ILE F 171 -61.20 34.53 -20.25
C ILE F 171 -62.51 33.87 -20.66
N GLN F 172 -62.81 33.87 -21.95
CA GLN F 172 -64.04 33.27 -22.44
C GLN F 172 -63.79 31.85 -22.96
#